data_3ZWM
#
_entry.id   3ZWM
#
_cell.length_a   60.578
_cell.length_b   76.659
_cell.length_c   140.325
_cell.angle_alpha   87.78
_cell.angle_beta   89.19
_cell.angle_gamma   89.24
#
_symmetry.space_group_name_H-M   'P 1'
#
loop_
_entity.id
_entity.type
_entity.pdbx_description
1 polymer 'ADP-RIBOSYL CYLCASE'
2 non-polymer NICOTINAMIDE-ADENINE-DINUCLEOTIDE
3 non-polymer 'CYCLIC ADENOSINE DIPHOSPHATE-RIBOSE'
4 water water
#
_entity_poly.entity_id   1
_entity_poly.type   'polypeptide(L)'
_entity_poly.pdbx_seq_one_letter_code
;AAIVPTRELENVFLGRCKDYEITRYLDILPRVRSDCSALWKDFFKAFSFKNPCDLDLGSYKDFFTSAQQQLPKNKVMFWS
GVYDEAHDYANTGRKYITLEDTLPGYMLNSLVWCGQRANPGFNEKVCPDFKTCPVQARESFWGMASSSYAHSAEGEVTYM
VDGSNPKVPAYRPDSFFGKYELPNLTNKVTRVKVIVLHRLGEKIIEKCGAGSLLDLEKLVKAKHFAFDCVENPRAVLFLL
CSDNPNARECRLAKRFYRIA
;
_entity_poly.pdbx_strand_id   A,B,C,D,E,F,G,H
#
# COMPACT_ATOMS: atom_id res chain seq x y z
N ILE A 3 -41.14 17.04 -13.77
CA ILE A 3 -42.48 16.43 -13.57
C ILE A 3 -42.47 14.90 -13.68
N VAL A 4 -42.62 14.21 -12.56
CA VAL A 4 -42.57 12.71 -12.46
C VAL A 4 -43.63 11.94 -13.30
N PRO A 5 -43.18 10.95 -14.10
CA PRO A 5 -44.01 10.11 -14.96
C PRO A 5 -44.76 8.98 -14.24
N THR A 6 -45.84 8.50 -14.82
CA THR A 6 -46.61 7.39 -14.29
C THR A 6 -45.82 6.07 -14.29
N ARG A 7 -45.87 5.35 -13.15
CA ARG A 7 -45.11 4.12 -12.96
C ARG A 7 -45.82 2.93 -13.59
N GLU A 8 -45.06 1.98 -14.10
CA GLU A 8 -45.61 0.80 -14.75
C GLU A 8 -46.61 1.15 -15.88
N LEU A 9 -46.27 2.19 -16.62
CA LEU A 9 -47.12 2.70 -17.68
C LEU A 9 -47.81 1.66 -18.57
N GLU A 10 -47.05 0.73 -19.14
CA GLU A 10 -47.63 -0.41 -19.88
C GLU A 10 -48.69 -1.19 -19.05
N ASN A 11 -48.37 -1.56 -17.81
CA ASN A 11 -49.33 -2.27 -16.93
C ASN A 11 -50.56 -1.45 -16.63
N VAL A 12 -50.40 -0.15 -16.53
CA VAL A 12 -51.56 0.68 -16.23
C VAL A 12 -52.44 0.83 -17.47
N PHE A 13 -51.81 1.16 -18.58
CA PHE A 13 -52.51 1.23 -19.85
C PHE A 13 -53.33 -0.06 -20.10
N LEU A 14 -52.64 -1.21 -20.09
CA LEU A 14 -53.20 -2.54 -20.34
C LEU A 14 -54.32 -2.90 -19.36
N GLY A 15 -54.08 -2.72 -18.07
CA GLY A 15 -55.12 -2.90 -17.05
C GLY A 15 -56.35 -2.02 -17.24
N ARG A 16 -56.17 -0.73 -17.46
CA ARG A 16 -57.33 0.10 -17.77
C ARG A 16 -57.99 -0.38 -19.05
N CYS A 17 -57.20 -0.83 -20.01
CA CYS A 17 -57.74 -1.21 -21.32
C CYS A 17 -58.63 -2.44 -21.12
N LYS A 18 -58.07 -3.46 -20.47
CA LYS A 18 -58.85 -4.62 -20.14
C LYS A 18 -60.12 -4.26 -19.36
N ASP A 19 -59.97 -3.53 -18.25
CA ASP A 19 -61.13 -3.13 -17.41
C ASP A 19 -62.17 -2.44 -18.30
N TYR A 20 -61.75 -1.41 -19.04
CA TYR A 20 -62.67 -0.78 -19.98
C TYR A 20 -63.41 -1.75 -20.89
N GLU A 21 -62.65 -2.46 -21.74
CA GLU A 21 -63.22 -3.47 -22.69
C GLU A 21 -64.33 -4.38 -22.16
N ILE A 22 -64.11 -4.91 -20.97
CA ILE A 22 -64.95 -5.96 -20.44
C ILE A 22 -66.08 -5.48 -19.57
N THR A 23 -65.89 -4.32 -18.90
CA THR A 23 -66.86 -3.84 -17.92
C THR A 23 -67.33 -2.39 -17.92
N ARG A 24 -66.85 -1.52 -18.79
CA ARG A 24 -67.14 -0.09 -18.70
C ARG A 24 -67.88 0.40 -19.94
N TYR A 25 -68.95 1.20 -19.74
CA TYR A 25 -69.79 1.78 -20.82
C TYR A 25 -70.51 0.79 -21.76
N LEU A 26 -70.63 -0.45 -21.26
CA LEU A 26 -71.16 -1.54 -22.05
C LEU A 26 -72.39 -1.17 -22.88
N ASP A 27 -73.36 -0.49 -22.27
CA ASP A 27 -74.57 -0.10 -23.03
C ASP A 27 -74.55 1.27 -23.69
N ILE A 28 -73.41 1.99 -23.64
CA ILE A 28 -73.33 3.36 -24.15
C ILE A 28 -72.32 3.57 -25.28
N LEU A 29 -71.21 2.83 -25.22
CA LEU A 29 -70.16 2.97 -26.21
C LEU A 29 -69.77 1.62 -26.76
N PRO A 30 -69.43 1.58 -28.05
CA PRO A 30 -69.09 0.31 -28.66
C PRO A 30 -67.69 -0.18 -28.28
N ARG A 31 -67.44 -1.49 -28.29
CA ARG A 31 -66.07 -1.96 -28.28
C ARG A 31 -65.31 -1.71 -29.58
N VAL A 32 -64.04 -1.40 -29.40
CA VAL A 32 -63.13 -1.33 -30.50
C VAL A 32 -62.76 -2.72 -31.05
N ARG A 33 -62.36 -2.76 -32.32
CA ARG A 33 -61.85 -3.94 -32.98
C ARG A 33 -60.56 -4.49 -32.39
N SER A 34 -59.51 -3.67 -32.25
CA SER A 34 -58.18 -4.16 -31.86
C SER A 34 -58.15 -4.64 -30.43
N ASP A 35 -57.24 -5.54 -30.11
CA ASP A 35 -57.07 -5.88 -28.70
C ASP A 35 -56.03 -4.95 -28.06
N CYS A 36 -56.00 -5.00 -26.74
CA CYS A 36 -55.17 -4.12 -25.90
C CYS A 36 -53.69 -4.16 -26.23
N SER A 37 -53.22 -5.38 -26.49
CA SER A 37 -51.83 -5.63 -26.88
C SER A 37 -51.41 -4.80 -28.10
N ALA A 38 -52.23 -4.81 -29.15
CA ALA A 38 -51.97 -4.02 -30.39
C ALA A 38 -52.15 -2.54 -30.13
N LEU A 39 -53.15 -2.23 -29.31
CA LEU A 39 -53.41 -0.86 -28.97
C LEU A 39 -52.23 -0.27 -28.26
N TRP A 40 -51.50 -1.11 -27.50
CA TRP A 40 -50.29 -0.66 -26.81
C TRP A 40 -49.17 -0.23 -27.74
N LYS A 41 -48.92 -1.03 -28.80
CA LYS A 41 -47.91 -0.73 -29.82
C LYS A 41 -48.17 0.54 -30.60
N ASP A 42 -49.41 0.78 -30.99
CA ASP A 42 -49.74 2.03 -31.67
C ASP A 42 -49.46 3.21 -30.77
N PHE A 43 -49.67 3.03 -29.47
CA PHE A 43 -49.52 4.10 -28.48
C PHE A 43 -48.04 4.36 -28.27
N PHE A 44 -47.32 3.27 -28.04
CA PHE A 44 -45.91 3.29 -27.78
C PHE A 44 -45.09 3.81 -28.97
N LYS A 45 -45.44 3.41 -30.20
CA LYS A 45 -44.61 3.78 -31.36
C LYS A 45 -44.71 5.28 -31.63
N ALA A 46 -45.77 5.87 -31.11
CA ALA A 46 -46.02 7.29 -31.29
C ALA A 46 -44.94 8.19 -30.67
N PHE A 47 -44.48 7.85 -29.46
CA PHE A 47 -43.50 8.68 -28.73
C PHE A 47 -42.18 7.99 -28.38
N SER A 48 -42.13 6.66 -28.49
CA SER A 48 -40.96 5.91 -27.98
C SER A 48 -39.75 6.06 -28.85
N PHE A 49 -38.57 6.05 -28.24
CA PHE A 49 -37.28 6.17 -28.94
C PHE A 49 -37.07 7.54 -29.64
N LYS A 50 -37.91 8.50 -29.31
CA LYS A 50 -37.79 9.88 -29.75
C LYS A 50 -37.47 10.75 -28.55
N ASN A 51 -36.98 11.94 -28.82
CA ASN A 51 -36.84 12.94 -27.81
C ASN A 51 -38.22 13.39 -27.36
N PRO A 52 -38.39 13.62 -26.06
CA PRO A 52 -39.67 13.81 -25.43
C PRO A 52 -40.50 14.93 -26.03
N CYS A 53 -39.89 15.79 -26.83
CA CYS A 53 -40.56 16.90 -27.49
C CYS A 53 -40.58 16.69 -29.00
N ASP A 54 -40.09 15.55 -29.46
CA ASP A 54 -40.09 15.23 -30.89
C ASP A 54 -41.46 14.61 -31.32
N LEU A 55 -42.53 15.36 -31.07
CA LEU A 55 -43.90 14.91 -31.28
C LEU A 55 -44.64 16.01 -32.00
N ASP A 56 -45.58 15.60 -32.86
CA ASP A 56 -46.40 16.56 -33.57
C ASP A 56 -47.82 16.09 -33.63
N LEU A 57 -48.68 16.98 -34.13
CA LEU A 57 -50.07 16.67 -34.32
C LEU A 57 -50.29 15.21 -34.76
N GLY A 58 -49.49 14.72 -35.71
CA GLY A 58 -49.76 13.40 -36.28
C GLY A 58 -49.12 12.18 -35.65
N SER A 59 -48.50 12.33 -34.48
CA SER A 59 -47.73 11.21 -33.93
C SER A 59 -48.60 10.06 -33.43
N TYR A 60 -49.80 10.37 -32.93
CA TYR A 60 -50.71 9.33 -32.43
C TYR A 60 -51.90 8.99 -33.35
N LYS A 61 -51.87 9.45 -34.60
CA LYS A 61 -52.94 9.22 -35.55
C LYS A 61 -53.25 7.75 -35.69
N ASP A 62 -52.23 6.89 -35.81
CA ASP A 62 -52.51 5.46 -35.91
C ASP A 62 -53.32 5.01 -34.70
N PHE A 63 -52.76 5.27 -33.51
CA PHE A 63 -53.42 4.90 -32.27
C PHE A 63 -54.85 5.41 -32.24
N PHE A 64 -55.06 6.67 -32.62
CA PHE A 64 -56.42 7.19 -32.54
C PHE A 64 -57.41 6.63 -33.52
N THR A 65 -56.93 6.22 -34.71
CA THR A 65 -57.72 5.44 -35.65
C THR A 65 -58.13 4.09 -35.01
N SER A 66 -57.19 3.30 -34.52
CA SER A 66 -57.52 2.04 -33.83
C SER A 66 -58.50 2.22 -32.69
N ALA A 67 -58.24 3.21 -31.86
CA ALA A 67 -58.99 3.40 -30.63
C ALA A 67 -60.33 4.06 -30.80
N GLN A 68 -60.62 4.67 -31.96
CA GLN A 68 -61.86 5.46 -32.11
C GLN A 68 -63.13 4.63 -32.09
N GLN A 69 -64.15 5.14 -31.39
CA GLN A 69 -65.47 4.53 -31.31
C GLN A 69 -66.48 5.44 -32.00
N GLN A 70 -67.52 4.87 -32.59
CA GLN A 70 -68.73 5.63 -32.85
C GLN A 70 -69.40 6.21 -31.58
N LEU A 71 -69.83 7.46 -31.73
CA LEU A 71 -70.26 8.30 -30.62
C LEU A 71 -71.75 8.51 -30.65
N PRO A 72 -72.43 8.26 -29.52
CA PRO A 72 -73.91 8.30 -29.50
C PRO A 72 -74.48 9.66 -29.88
N LYS A 73 -75.40 9.64 -30.83
CA LYS A 73 -76.05 10.84 -31.35
C LYS A 73 -76.60 11.76 -30.25
N ASN A 74 -76.26 13.03 -30.35
CA ASN A 74 -76.67 14.08 -29.41
C ASN A 74 -75.97 14.08 -28.04
N LYS A 75 -75.31 12.98 -27.70
CA LYS A 75 -74.76 12.81 -26.34
C LYS A 75 -73.33 13.36 -26.16
N VAL A 76 -72.76 14.00 -27.19
CA VAL A 76 -71.33 14.39 -27.13
C VAL A 76 -71.09 15.75 -26.50
N MET A 77 -70.30 15.73 -25.42
CA MET A 77 -70.03 16.93 -24.65
C MET A 77 -68.57 17.27 -24.54
N PHE A 78 -68.34 18.57 -24.72
CA PHE A 78 -67.04 19.23 -24.70
C PHE A 78 -67.05 20.20 -23.55
N TRP A 79 -65.91 20.45 -22.92
CA TRP A 79 -65.83 21.34 -21.76
C TRP A 79 -64.60 22.18 -21.75
N SER A 80 -64.68 23.40 -21.21
CA SER A 80 -63.46 24.19 -20.85
C SER A 80 -63.47 24.77 -19.45
N GLY A 81 -62.37 24.60 -18.73
CA GLY A 81 -62.17 25.22 -17.43
C GLY A 81 -63.13 24.76 -16.35
N VAL A 82 -63.84 23.66 -16.62
CA VAL A 82 -64.83 23.11 -15.67
C VAL A 82 -64.81 21.59 -15.52
N TYR A 83 -63.62 21.01 -15.39
CA TYR A 83 -63.48 19.56 -15.31
C TYR A 83 -64.59 18.94 -14.44
N ASP A 84 -64.59 19.27 -13.16
CA ASP A 84 -65.49 18.54 -12.28
C ASP A 84 -66.94 18.84 -12.51
N GLU A 85 -67.28 20.07 -12.87
CA GLU A 85 -68.70 20.35 -13.08
C GLU A 85 -69.25 19.58 -14.27
N ALA A 86 -68.59 19.74 -15.43
CA ALA A 86 -69.06 19.12 -16.66
C ALA A 86 -69.04 17.61 -16.56
N HIS A 87 -68.14 17.01 -15.75
CA HIS A 87 -68.11 15.55 -15.57
C HIS A 87 -69.18 15.05 -14.61
N ASP A 88 -69.59 15.89 -13.67
CA ASP A 88 -70.61 15.48 -12.75
C ASP A 88 -71.94 15.51 -13.48
N TYR A 89 -72.13 16.57 -14.26
CA TYR A 89 -73.38 16.78 -14.94
C TYR A 89 -73.64 15.66 -15.92
N ALA A 90 -72.63 15.35 -16.72
CA ALA A 90 -72.68 14.25 -17.71
C ALA A 90 -72.79 12.91 -17.06
N ASN A 91 -72.26 12.79 -15.84
CA ASN A 91 -72.55 11.66 -14.97
C ASN A 91 -72.09 10.33 -15.57
N THR A 92 -70.79 10.08 -15.65
CA THR A 92 -70.22 8.87 -16.33
C THR A 92 -71.05 8.31 -17.52
N GLY A 93 -71.41 9.21 -18.46
CA GLY A 93 -72.03 8.77 -19.73
C GLY A 93 -73.51 8.52 -19.61
N ARG A 94 -74.01 8.59 -18.40
CA ARG A 94 -75.43 8.61 -18.26
C ARG A 94 -76.11 9.84 -18.93
N LYS A 95 -75.61 11.05 -18.76
CA LYS A 95 -76.31 12.13 -19.45
C LYS A 95 -75.61 12.50 -20.78
N TYR A 96 -74.31 12.77 -20.67
CA TYR A 96 -73.51 13.09 -21.83
C TYR A 96 -72.30 12.21 -21.79
N ILE A 97 -71.71 12.02 -22.95
CA ILE A 97 -70.39 11.41 -23.05
C ILE A 97 -69.33 12.54 -23.04
N THR A 98 -68.24 12.35 -22.32
CA THR A 98 -67.09 13.23 -22.50
C THR A 98 -65.92 12.46 -23.08
N LEU A 99 -64.97 13.18 -23.66
CA LEU A 99 -63.72 12.56 -24.10
C LEU A 99 -63.19 11.54 -23.07
N GLU A 100 -63.38 11.82 -21.79
CA GLU A 100 -62.82 10.97 -20.68
C GLU A 100 -63.55 9.67 -20.46
N ASP A 101 -64.78 9.62 -20.98
CA ASP A 101 -65.57 8.40 -21.08
C ASP A 101 -65.18 7.46 -22.22
N THR A 102 -64.65 8.00 -23.31
CA THR A 102 -64.25 7.13 -24.44
C THR A 102 -62.98 6.32 -24.08
N LEU A 103 -62.61 5.36 -24.93
CA LEU A 103 -61.55 4.44 -24.60
C LEU A 103 -60.20 5.10 -24.52
N PRO A 104 -59.89 5.98 -25.48
CA PRO A 104 -58.60 6.63 -25.32
C PRO A 104 -58.58 7.51 -24.06
N GLY A 105 -59.49 8.49 -23.99
CA GLY A 105 -59.67 9.31 -22.78
C GLY A 105 -59.58 8.48 -21.53
N TYR A 106 -60.38 7.45 -21.38
CA TYR A 106 -60.35 6.71 -20.12
C TYR A 106 -58.96 6.12 -19.89
N MET A 107 -58.31 5.63 -20.93
CA MET A 107 -57.07 4.95 -20.71
C MET A 107 -55.89 5.85 -20.24
N LEU A 108 -55.82 7.08 -20.78
CA LEU A 108 -54.70 7.99 -20.46
C LEU A 108 -55.02 9.16 -19.56
N ASN A 109 -56.23 9.23 -19.02
CA ASN A 109 -56.60 10.35 -18.17
C ASN A 109 -55.67 10.46 -17.01
N SER A 110 -55.17 11.68 -16.78
CA SER A 110 -54.33 12.06 -15.62
C SER A 110 -52.88 11.59 -15.69
N LEU A 111 -52.59 10.77 -16.69
CA LEU A 111 -51.36 10.00 -16.75
C LEU A 111 -50.19 10.80 -17.34
N VAL A 112 -48.97 10.31 -17.16
CA VAL A 112 -47.76 11.04 -17.52
C VAL A 112 -46.64 10.13 -18.08
N TRP A 113 -46.35 10.35 -19.37
CA TRP A 113 -45.32 9.62 -20.10
C TRP A 113 -44.55 10.56 -21.08
N CYS A 114 -43.39 10.07 -21.57
CA CYS A 114 -42.23 10.81 -22.13
C CYS A 114 -41.49 9.89 -23.04
N GLY A 115 -41.14 10.33 -24.24
CA GLY A 115 -40.10 9.58 -24.96
C GLY A 115 -38.71 9.89 -24.42
N GLN A 116 -37.77 8.96 -24.56
CA GLN A 116 -36.33 9.27 -24.44
C GLN A 116 -35.74 8.56 -25.64
N ARG A 117 -34.46 8.80 -25.94
CA ARG A 117 -33.80 8.15 -27.09
C ARG A 117 -33.13 6.83 -26.75
N ALA A 118 -32.59 6.73 -25.54
CA ALA A 118 -31.91 5.50 -25.09
C ALA A 118 -32.92 4.43 -24.77
N ASN A 119 -32.47 3.17 -24.75
CA ASN A 119 -33.28 2.08 -24.21
C ASN A 119 -33.78 2.47 -22.80
N PRO A 120 -35.05 2.14 -22.45
CA PRO A 120 -35.95 1.38 -23.29
C PRO A 120 -36.85 2.28 -24.14
N GLY A 121 -36.48 3.54 -24.31
CA GLY A 121 -37.18 4.47 -25.21
C GLY A 121 -38.24 5.32 -24.53
N PHE A 122 -38.23 5.30 -23.20
CA PHE A 122 -39.14 6.14 -22.44
C PHE A 122 -38.61 6.38 -21.04
N ASN A 123 -38.94 7.54 -20.49
CA ASN A 123 -38.33 7.99 -19.28
C ASN A 123 -39.18 7.68 -18.09
N GLU A 124 -38.76 6.68 -17.32
CA GLU A 124 -39.50 6.17 -16.16
C GLU A 124 -39.23 6.98 -14.90
N LYS A 125 -38.40 8.03 -15.05
CA LYS A 125 -37.85 8.79 -13.93
C LYS A 125 -38.22 10.28 -13.92
N VAL A 126 -38.12 10.95 -15.07
CA VAL A 126 -38.38 12.38 -15.17
C VAL A 126 -38.95 12.80 -16.54
N CYS A 127 -39.99 13.62 -16.49
CA CYS A 127 -40.57 14.17 -17.72
C CYS A 127 -40.41 15.67 -17.79
N PRO A 128 -39.95 16.17 -18.95
CA PRO A 128 -40.01 17.56 -19.32
C PRO A 128 -41.28 18.20 -18.81
N ASP A 129 -41.14 19.40 -18.23
CA ASP A 129 -42.28 20.20 -17.80
C ASP A 129 -43.14 20.65 -19.00
N PHE A 130 -44.46 20.55 -18.88
CA PHE A 130 -45.35 20.91 -20.01
C PHE A 130 -45.61 22.42 -20.14
N LYS A 131 -44.50 23.13 -20.32
CA LYS A 131 -44.44 24.51 -20.74
C LYS A 131 -43.19 24.61 -21.60
N THR A 132 -42.40 23.55 -21.61
CA THR A 132 -41.03 23.57 -22.14
C THR A 132 -40.88 23.15 -23.60
N CYS A 133 -41.73 22.22 -24.06
CA CYS A 133 -41.73 21.84 -25.46
C CYS A 133 -42.51 22.89 -26.26
N PRO A 134 -42.51 22.79 -27.61
CA PRO A 134 -43.40 23.61 -28.46
C PRO A 134 -44.89 23.16 -28.46
N VAL A 135 -45.80 24.04 -28.89
CA VAL A 135 -47.24 23.73 -28.88
C VAL A 135 -47.56 22.46 -29.64
N GLN A 136 -47.06 22.36 -30.88
CA GLN A 136 -47.18 21.16 -31.70
C GLN A 136 -47.01 19.87 -30.86
N ALA A 137 -45.96 19.85 -30.02
CA ALA A 137 -45.50 18.66 -29.31
C ALA A 137 -46.04 18.50 -27.89
N ARG A 138 -46.59 19.57 -27.33
CA ARG A 138 -47.20 19.52 -26.01
C ARG A 138 -48.69 19.08 -26.15
N GLU A 139 -49.29 19.40 -27.28
CA GLU A 139 -50.71 19.22 -27.48
C GLU A 139 -50.94 18.04 -28.42
N SER A 140 -49.89 17.25 -28.62
CA SER A 140 -49.92 16.17 -29.58
C SER A 140 -50.82 15.02 -29.23
N PHE A 141 -50.98 14.73 -27.95
CA PHE A 141 -51.87 13.64 -27.59
C PHE A 141 -53.33 14.10 -27.43
N TRP A 142 -53.58 14.90 -26.40
CA TRP A 142 -54.90 15.43 -26.13
C TRP A 142 -55.39 16.22 -27.31
N GLY A 143 -54.46 16.82 -28.03
CA GLY A 143 -54.79 17.53 -29.28
C GLY A 143 -55.40 16.61 -30.31
N MET A 144 -54.75 15.48 -30.57
CA MET A 144 -55.32 14.49 -31.51
C MET A 144 -56.56 13.75 -30.97
N ALA A 145 -56.52 13.36 -29.70
CA ALA A 145 -57.68 12.74 -29.09
C ALA A 145 -58.86 13.63 -29.33
N SER A 146 -58.71 14.91 -29.02
CA SER A 146 -59.82 15.84 -29.14
C SER A 146 -60.30 15.91 -30.57
N SER A 147 -59.40 16.16 -31.52
CA SER A 147 -59.72 16.05 -32.95
C SER A 147 -60.50 14.79 -33.34
N SER A 148 -60.01 13.64 -32.90
CA SER A 148 -60.61 12.38 -33.29
C SER A 148 -61.99 12.19 -32.62
N TYR A 149 -62.14 12.72 -31.41
CA TYR A 149 -63.39 12.72 -30.70
C TYR A 149 -64.37 13.64 -31.43
N ALA A 150 -64.03 14.92 -31.63
CA ALA A 150 -64.95 15.79 -32.33
C ALA A 150 -65.31 15.29 -33.73
N HIS A 151 -64.34 14.74 -34.45
CA HIS A 151 -64.62 14.26 -35.81
C HIS A 151 -65.76 13.22 -35.79
N SER A 152 -65.92 12.52 -34.66
CA SER A 152 -66.99 11.54 -34.54
C SER A 152 -68.30 12.11 -33.98
N ALA A 153 -68.31 13.35 -33.54
CA ALA A 153 -69.56 13.88 -32.97
C ALA A 153 -70.65 13.89 -34.03
N GLU A 154 -71.85 13.48 -33.60
CA GLU A 154 -73.07 13.49 -34.45
C GLU A 154 -74.21 14.22 -33.76
N GLY A 155 -75.00 14.90 -34.58
CA GLY A 155 -76.16 15.64 -34.10
C GLY A 155 -75.79 16.82 -33.23
N GLU A 156 -76.57 17.01 -32.16
CA GLU A 156 -76.35 18.09 -31.22
C GLU A 156 -75.20 17.69 -30.34
N VAL A 157 -74.29 18.65 -30.14
CA VAL A 157 -73.17 18.59 -29.21
C VAL A 157 -73.34 19.70 -28.18
N THR A 158 -72.58 19.61 -27.09
CA THR A 158 -72.83 20.47 -25.95
C THR A 158 -71.51 20.91 -25.34
N TYR A 159 -71.37 22.21 -25.15
CA TYR A 159 -70.11 22.79 -24.65
C TYR A 159 -70.36 23.55 -23.35
N MET A 160 -69.74 23.04 -22.28
CA MET A 160 -69.76 23.67 -20.96
C MET A 160 -68.50 24.47 -20.75
N VAL A 161 -68.72 25.75 -20.42
CA VAL A 161 -67.66 26.73 -20.15
C VAL A 161 -67.79 27.39 -18.78
N ASP A 162 -66.71 28.01 -18.31
CA ASP A 162 -66.68 28.93 -17.15
C ASP A 162 -67.04 30.40 -17.53
N GLY A 163 -67.97 31.00 -16.80
CA GLY A 163 -68.38 32.37 -17.03
C GLY A 163 -68.01 33.21 -15.86
N SER A 164 -67.17 32.66 -15.00
CA SER A 164 -66.81 33.30 -13.72
C SER A 164 -65.31 33.53 -13.61
N ASN A 165 -64.61 33.40 -14.73
CA ASN A 165 -63.15 33.65 -14.75
C ASN A 165 -62.75 35.03 -15.26
N PRO A 166 -62.39 35.95 -14.34
CA PRO A 166 -61.90 37.25 -14.84
C PRO A 166 -60.72 37.15 -15.84
N LYS A 167 -59.90 36.11 -15.72
CA LYS A 167 -58.65 36.07 -16.49
C LYS A 167 -58.65 35.21 -17.78
N VAL A 168 -59.58 34.26 -17.87
CA VAL A 168 -59.69 33.32 -19.00
C VAL A 168 -61.05 33.53 -19.63
N PRO A 169 -61.11 33.93 -20.90
CA PRO A 169 -62.47 34.10 -21.42
C PRO A 169 -63.18 32.76 -21.68
N ALA A 170 -64.50 32.74 -21.58
CA ALA A 170 -65.30 31.53 -21.80
C ALA A 170 -64.95 30.72 -23.09
N TYR A 171 -64.88 31.39 -24.23
CA TYR A 171 -64.33 30.77 -25.42
C TYR A 171 -63.02 31.42 -25.88
N ARG A 172 -62.01 30.57 -26.07
CA ARG A 172 -60.69 30.93 -26.62
C ARG A 172 -60.41 30.07 -27.86
N PRO A 173 -60.01 30.70 -28.98
CA PRO A 173 -59.58 29.89 -30.13
C PRO A 173 -58.35 29.04 -29.83
N ASP A 174 -57.62 29.45 -28.80
CA ASP A 174 -56.40 28.77 -28.35
C ASP A 174 -56.69 27.61 -27.37
N SER A 175 -57.95 27.48 -26.92
CA SER A 175 -58.34 26.37 -26.04
C SER A 175 -58.33 25.08 -26.84
N PHE A 176 -58.31 23.91 -26.20
CA PHE A 176 -58.46 22.70 -27.02
C PHE A 176 -59.67 22.85 -27.90
N PHE A 177 -60.78 23.31 -27.30
CA PHE A 177 -62.05 23.37 -27.99
C PHE A 177 -61.98 24.15 -29.29
N GLY A 178 -61.38 25.35 -29.24
CA GLY A 178 -61.26 26.22 -30.43
C GLY A 178 -60.14 25.82 -31.40
N LYS A 179 -59.10 25.19 -30.87
CA LYS A 179 -57.96 24.71 -31.65
C LYS A 179 -58.38 23.42 -32.36
N TYR A 180 -58.78 22.41 -31.58
CA TYR A 180 -58.99 21.06 -32.10
C TYR A 180 -60.44 20.54 -32.15
N GLU A 181 -61.37 21.21 -31.47
CA GLU A 181 -62.71 20.66 -31.41
C GLU A 181 -63.72 21.39 -32.32
N LEU A 182 -64.11 22.61 -31.99
CA LEU A 182 -64.83 23.44 -32.98
C LEU A 182 -64.48 23.14 -34.45
N PRO A 183 -63.19 23.13 -34.85
CA PRO A 183 -63.01 22.99 -36.29
C PRO A 183 -63.01 21.55 -36.81
N ASN A 184 -63.22 20.56 -35.95
CA ASN A 184 -63.23 19.17 -36.45
C ASN A 184 -64.63 18.51 -36.45
N LEU A 185 -65.63 19.29 -36.09
CA LEU A 185 -67.03 18.90 -36.27
C LEU A 185 -67.39 18.76 -37.76
N THR A 186 -67.89 17.58 -38.12
CA THR A 186 -68.26 17.28 -39.50
C THR A 186 -69.69 17.75 -39.77
N ASN A 187 -70.09 17.68 -41.03
CA ASN A 187 -71.45 18.07 -41.40
C ASN A 187 -72.54 17.26 -40.66
N LYS A 188 -72.15 16.11 -40.09
CA LYS A 188 -73.00 15.30 -39.23
C LYS A 188 -73.55 16.04 -38.00
N VAL A 189 -72.84 17.07 -37.55
CA VAL A 189 -73.24 17.83 -36.37
C VAL A 189 -74.30 18.81 -36.85
N THR A 190 -75.36 19.00 -36.08
CA THR A 190 -76.38 19.99 -36.45
C THR A 190 -76.51 21.20 -35.53
N ARG A 191 -76.13 21.06 -34.27
CA ARG A 191 -76.37 22.14 -33.33
C ARG A 191 -75.28 22.16 -32.31
N VAL A 192 -74.97 23.35 -31.79
CA VAL A 192 -74.11 23.50 -30.65
C VAL A 192 -74.90 24.13 -29.49
N LYS A 193 -74.85 23.46 -28.33
CA LYS A 193 -75.47 23.94 -27.12
C LYS A 193 -74.40 24.37 -26.10
N VAL A 194 -74.44 25.63 -25.69
CA VAL A 194 -73.49 26.08 -24.68
C VAL A 194 -74.11 26.16 -23.28
N ILE A 195 -73.42 25.56 -22.31
CA ILE A 195 -73.75 25.69 -20.89
C ILE A 195 -72.73 26.63 -20.25
N VAL A 196 -73.22 27.73 -19.73
CA VAL A 196 -72.35 28.71 -19.13
C VAL A 196 -72.50 28.55 -17.66
N LEU A 197 -71.39 28.27 -17.00
CA LEU A 197 -71.41 28.00 -15.57
C LEU A 197 -71.09 29.30 -14.87
N HIS A 198 -71.98 29.78 -14.01
CA HIS A 198 -71.62 30.91 -13.15
C HIS A 198 -71.43 30.41 -11.75
N ARG A 199 -70.18 30.32 -11.31
CA ARG A 199 -69.81 29.83 -9.97
C ARG A 199 -70.51 30.56 -8.83
N LEU A 200 -70.98 29.79 -7.86
CA LEU A 200 -71.66 30.30 -6.67
C LEU A 200 -70.83 31.21 -5.77
N GLY A 201 -71.43 32.34 -5.40
CA GLY A 201 -70.80 33.40 -4.61
C GLY A 201 -69.79 34.24 -5.36
N GLU A 202 -69.71 34.04 -6.67
CA GLU A 202 -68.72 34.77 -7.45
C GLU A 202 -69.33 35.61 -8.51
N LYS A 203 -68.55 36.56 -8.97
CA LYS A 203 -69.04 37.60 -9.83
C LYS A 203 -69.26 37.03 -11.21
N ILE A 204 -70.43 37.31 -11.76
CA ILE A 204 -70.72 36.91 -13.13
C ILE A 204 -69.91 37.74 -14.13
N ILE A 205 -69.21 37.06 -15.02
CA ILE A 205 -68.34 37.75 -15.97
C ILE A 205 -68.83 37.61 -17.39
N GLU A 206 -68.93 36.37 -17.85
CA GLU A 206 -69.32 36.14 -19.23
C GLU A 206 -70.82 35.79 -19.29
N LYS A 207 -71.50 36.37 -20.28
CA LYS A 207 -72.92 36.15 -20.52
C LYS A 207 -73.23 35.77 -21.97
N CYS A 208 -74.30 34.98 -22.13
CA CYS A 208 -74.81 34.62 -23.46
C CYS A 208 -75.11 35.90 -24.27
N GLY A 209 -74.43 36.02 -25.41
CA GLY A 209 -74.65 37.11 -26.31
C GLY A 209 -73.69 38.27 -26.13
N ALA A 210 -72.53 38.05 -25.50
CA ALA A 210 -71.61 39.15 -25.16
C ALA A 210 -70.14 38.73 -24.87
N GLY A 211 -69.20 39.47 -25.47
CA GLY A 211 -67.79 39.11 -25.38
C GLY A 211 -67.53 37.80 -26.09
N SER A 212 -66.79 36.88 -25.45
CA SER A 212 -66.30 35.69 -26.19
C SER A 212 -67.41 34.77 -26.70
N LEU A 213 -68.56 34.81 -26.02
CA LEU A 213 -69.69 33.94 -26.36
C LEU A 213 -70.40 34.49 -27.57
N LEU A 214 -70.35 35.80 -27.76
CA LEU A 214 -70.85 36.35 -29.01
C LEU A 214 -69.99 35.90 -30.18
N ASP A 215 -68.68 36.09 -30.08
CA ASP A 215 -67.74 35.56 -31.07
C ASP A 215 -68.11 34.13 -31.47
N LEU A 216 -68.29 33.28 -30.47
CA LEU A 216 -68.57 31.87 -30.70
C LEU A 216 -69.85 31.70 -31.50
N GLU A 217 -70.94 32.28 -31.02
CA GLU A 217 -72.20 32.27 -31.73
C GLU A 217 -71.99 32.57 -33.23
N LYS A 218 -71.38 33.70 -33.59
CA LYS A 218 -71.26 34.04 -35.03
C LYS A 218 -70.38 32.99 -35.67
N LEU A 219 -69.35 32.61 -34.94
CA LEU A 219 -68.42 31.56 -35.39
C LEU A 219 -69.16 30.30 -35.78
N VAL A 220 -70.17 29.94 -34.98
CA VAL A 220 -70.98 28.73 -35.17
C VAL A 220 -72.01 28.79 -36.31
N LYS A 221 -72.70 29.93 -36.45
CA LYS A 221 -73.62 30.20 -37.57
C LYS A 221 -72.92 30.16 -38.90
N ALA A 222 -71.63 30.53 -38.89
CA ALA A 222 -70.80 30.59 -40.10
C ALA A 222 -70.51 29.17 -40.58
N LYS A 223 -70.27 28.25 -39.63
CA LYS A 223 -70.08 26.84 -39.93
C LYS A 223 -71.42 26.17 -40.21
N HIS A 224 -72.50 26.91 -39.94
CA HIS A 224 -73.88 26.55 -40.30
C HIS A 224 -74.71 25.81 -39.26
N PHE A 225 -74.08 25.37 -38.17
CA PHE A 225 -74.87 24.75 -37.10
C PHE A 225 -75.80 25.78 -36.43
N ALA A 226 -76.86 25.28 -35.82
CA ALA A 226 -77.64 26.11 -34.93
C ALA A 226 -76.86 26.20 -33.61
N PHE A 227 -77.37 27.01 -32.69
CA PHE A 227 -76.63 27.39 -31.50
C PHE A 227 -77.60 27.83 -30.43
N ASP A 228 -77.49 27.24 -29.23
CA ASP A 228 -78.08 27.90 -28.05
C ASP A 228 -77.17 27.95 -26.88
N CYS A 229 -77.66 28.58 -25.82
CA CYS A 229 -76.82 29.08 -24.77
C CYS A 229 -77.63 29.48 -23.56
N VAL A 230 -77.40 28.76 -22.49
CA VAL A 230 -78.04 29.06 -21.24
C VAL A 230 -76.97 29.14 -20.15
N GLU A 231 -77.32 29.87 -19.08
CA GLU A 231 -76.44 30.09 -17.95
C GLU A 231 -77.05 29.51 -16.70
N ASN A 232 -76.33 28.58 -16.10
CA ASN A 232 -76.80 27.84 -14.92
C ASN A 232 -78.19 27.26 -15.06
N PRO A 233 -78.39 26.31 -15.99
CA PRO A 233 -79.73 25.78 -16.09
C PRO A 233 -79.98 24.96 -14.82
N ARG A 234 -81.20 25.04 -14.29
CA ARG A 234 -81.59 24.42 -13.02
C ARG A 234 -80.90 23.08 -12.67
N ALA A 235 -80.76 22.19 -13.65
CA ALA A 235 -80.16 20.88 -13.42
C ALA A 235 -78.73 21.08 -12.94
N VAL A 236 -78.03 21.97 -13.65
CA VAL A 236 -76.61 22.24 -13.40
C VAL A 236 -76.46 22.97 -12.04
N LEU A 237 -77.16 24.11 -11.90
CA LEU A 237 -77.23 24.85 -10.63
C LEU A 237 -77.51 23.97 -9.42
N PHE A 238 -78.46 23.05 -9.56
CA PHE A 238 -78.74 22.13 -8.45
C PHE A 238 -77.54 21.33 -8.06
N LEU A 239 -76.81 20.84 -9.05
CA LEU A 239 -75.52 20.18 -8.81
C LEU A 239 -74.57 21.04 -7.99
N LEU A 240 -74.53 22.35 -8.33
CA LEU A 240 -73.64 23.32 -7.72
C LEU A 240 -73.96 23.54 -6.27
N CYS A 241 -75.20 23.93 -5.94
CA CYS A 241 -75.52 24.09 -4.53
C CYS A 241 -75.37 22.86 -3.68
N SER A 242 -75.40 21.66 -4.24
CA SER A 242 -75.18 20.47 -3.41
C SER A 242 -73.91 20.62 -2.58
N ASP A 243 -72.87 21.14 -3.23
CA ASP A 243 -71.57 21.37 -2.60
C ASP A 243 -71.58 22.62 -1.73
N ASN A 244 -72.45 23.56 -2.06
CA ASN A 244 -72.53 24.79 -1.28
C ASN A 244 -73.99 25.26 -0.99
N PRO A 245 -74.73 24.47 -0.17
CA PRO A 245 -76.15 24.69 0.12
C PRO A 245 -76.55 26.09 0.57
N ASN A 246 -75.68 26.78 1.31
CA ASN A 246 -76.04 28.08 1.89
C ASN A 246 -75.98 29.26 0.93
N ALA A 247 -75.44 29.01 -0.28
CA ALA A 247 -75.26 30.08 -1.26
C ALA A 247 -76.59 30.72 -1.68
N ARG A 248 -76.59 32.03 -1.82
CA ARG A 248 -77.81 32.81 -2.06
C ARG A 248 -78.61 32.29 -3.26
N GLU A 249 -77.92 31.58 -4.15
CA GLU A 249 -78.37 31.30 -5.51
C GLU A 249 -79.31 30.09 -5.60
N CYS A 250 -78.98 29.01 -4.95
CA CYS A 250 -80.00 28.01 -4.76
C CYS A 250 -80.43 28.05 -3.32
N ARG A 251 -81.38 28.96 -3.06
CA ARG A 251 -82.21 29.00 -1.87
C ARG A 251 -83.61 28.52 -2.24
N LEU A 252 -84.33 28.03 -1.23
CA LEU A 252 -85.53 27.26 -1.47
C LEU A 252 -86.78 27.90 -0.93
N ALA A 253 -87.92 27.43 -1.40
CA ALA A 253 -89.22 27.86 -0.88
C ALA A 253 -89.32 27.69 0.66
N LYS A 254 -90.11 28.55 1.30
CA LYS A 254 -90.23 28.60 2.77
C LYS A 254 -90.59 27.27 3.47
N ARG A 255 -90.84 27.24 4.69
N ALA B 1 -82.67 -15.45 -18.06
CA ALA B 1 -82.99 -16.89 -18.04
C ALA B 1 -81.91 -17.72 -17.34
N ALA B 2 -80.64 -17.42 -17.65
CA ALA B 2 -79.46 -18.00 -16.94
C ALA B 2 -78.47 -16.88 -16.50
N ILE B 3 -77.81 -17.05 -15.34
CA ILE B 3 -76.73 -16.13 -14.86
C ILE B 3 -75.35 -16.34 -15.53
N VAL B 4 -74.85 -15.30 -16.19
CA VAL B 4 -73.61 -15.41 -16.99
C VAL B 4 -72.33 -14.82 -16.32
N PRO B 5 -71.29 -15.64 -16.16
CA PRO B 5 -70.08 -15.13 -15.51
C PRO B 5 -69.31 -14.10 -16.36
N THR B 6 -68.57 -13.24 -15.64
CA THR B 6 -67.72 -12.20 -16.19
C THR B 6 -66.64 -12.89 -17.00
N ARG B 7 -66.36 -12.34 -18.20
CA ARG B 7 -65.35 -12.97 -19.06
C ARG B 7 -63.97 -12.50 -18.65
N GLU B 8 -63.01 -13.42 -18.69
CA GLU B 8 -61.60 -13.16 -18.50
C GLU B 8 -61.36 -12.59 -17.13
N LEU B 9 -62.00 -13.22 -16.17
CA LEU B 9 -61.97 -12.79 -14.79
C LEU B 9 -60.58 -12.32 -14.28
N GLU B 10 -59.55 -13.12 -14.47
CA GLU B 10 -58.25 -12.82 -13.88
C GLU B 10 -57.80 -11.51 -14.40
N ASN B 11 -57.80 -11.41 -15.71
CA ASN B 11 -57.40 -10.22 -16.40
C ASN B 11 -58.17 -8.98 -15.94
N VAL B 12 -59.48 -9.08 -15.73
CA VAL B 12 -60.25 -7.93 -15.26
C VAL B 12 -59.79 -7.61 -13.85
N PHE B 13 -59.64 -8.66 -13.03
CA PHE B 13 -59.28 -8.56 -11.63
C PHE B 13 -57.99 -7.74 -11.51
N LEU B 14 -56.95 -8.23 -12.19
CA LEU B 14 -55.60 -7.70 -12.09
C LEU B 14 -55.53 -6.39 -12.83
N GLY B 15 -56.32 -6.26 -13.88
CA GLY B 15 -56.45 -4.97 -14.51
C GLY B 15 -56.95 -3.91 -13.53
N ARG B 16 -58.00 -4.23 -12.80
CA ARG B 16 -58.54 -3.27 -11.86
C ARG B 16 -57.57 -2.94 -10.70
N CYS B 17 -56.90 -3.98 -10.20
CA CYS B 17 -56.00 -3.88 -9.05
C CYS B 17 -54.85 -3.00 -9.42
N LYS B 18 -54.17 -3.38 -10.51
CA LYS B 18 -53.11 -2.56 -11.04
C LYS B 18 -53.56 -1.14 -11.26
N ASP B 19 -54.69 -0.92 -11.92
CA ASP B 19 -55.17 0.47 -12.06
C ASP B 19 -55.42 1.19 -10.74
N TYR B 20 -55.99 0.49 -9.78
CA TYR B 20 -56.26 1.06 -8.47
C TYR B 20 -54.92 1.43 -7.85
N GLU B 21 -54.03 0.44 -7.75
CA GLU B 21 -52.76 0.58 -7.06
C GLU B 21 -52.11 1.90 -7.44
N ILE B 22 -51.89 2.11 -8.73
CA ILE B 22 -51.08 3.22 -9.23
C ILE B 22 -51.82 4.56 -9.39
N THR B 23 -53.16 4.61 -9.38
CA THR B 23 -53.86 5.83 -9.88
C THR B 23 -55.19 6.17 -9.19
N ARG B 24 -55.76 5.18 -8.53
CA ARG B 24 -57.04 5.44 -7.89
C ARG B 24 -56.90 5.75 -6.41
N TYR B 25 -57.59 6.80 -5.96
CA TYR B 25 -57.75 7.14 -4.57
C TYR B 25 -56.47 7.45 -3.80
N LEU B 26 -55.41 7.76 -4.53
CA LEU B 26 -54.12 8.06 -3.91
C LEU B 26 -54.26 8.99 -2.70
N ASP B 27 -54.92 10.11 -2.90
CA ASP B 27 -55.08 11.11 -1.88
C ASP B 27 -56.06 10.64 -0.77
N ILE B 28 -56.98 9.75 -1.15
CA ILE B 28 -58.08 9.35 -0.28
C ILE B 28 -57.81 8.08 0.57
N LEU B 29 -57.02 7.15 0.04
CA LEU B 29 -56.94 5.85 0.65
C LEU B 29 -55.60 5.15 0.48
N PRO B 30 -55.16 4.46 1.53
CA PRO B 30 -53.85 3.84 1.54
C PRO B 30 -53.73 2.68 0.56
N ARG B 31 -52.52 2.44 0.10
CA ARG B 31 -52.23 1.21 -0.65
C ARG B 31 -52.13 -0.01 0.31
N VAL B 32 -52.30 -1.20 -0.25
CA VAL B 32 -52.24 -2.41 0.56
C VAL B 32 -50.89 -3.01 0.29
N ARG B 33 -50.39 -3.78 1.25
CA ARG B 33 -49.06 -4.32 1.13
C ARG B 33 -48.94 -5.42 0.09
N SER B 34 -50.01 -6.11 -0.22
CA SER B 34 -49.88 -7.21 -1.17
C SER B 34 -49.91 -6.77 -2.61
N ASP B 35 -49.09 -7.42 -3.44
CA ASP B 35 -49.17 -7.20 -4.87
C ASP B 35 -50.39 -7.90 -5.48
N CYS B 36 -50.67 -7.58 -6.72
CA CYS B 36 -51.86 -7.97 -7.38
C CYS B 36 -51.87 -9.46 -7.61
N SER B 37 -50.70 -10.02 -7.87
CA SER B 37 -50.61 -11.47 -8.02
C SER B 37 -51.01 -12.23 -6.77
N ALA B 38 -50.47 -11.83 -5.62
CA ALA B 38 -50.80 -12.42 -4.34
C ALA B 38 -52.32 -12.34 -3.96
N LEU B 39 -52.97 -11.20 -4.30
CA LEU B 39 -54.38 -11.05 -4.02
C LEU B 39 -55.21 -11.99 -4.90
N TRP B 40 -54.81 -12.10 -6.17
CA TRP B 40 -55.50 -12.97 -7.07
C TRP B 40 -55.45 -14.37 -6.49
N LYS B 41 -54.26 -14.81 -6.07
CA LYS B 41 -54.17 -16.15 -5.48
C LYS B 41 -55.11 -16.28 -4.30
N ASP B 42 -55.23 -15.25 -3.47
CA ASP B 42 -56.17 -15.37 -2.30
C ASP B 42 -57.63 -15.33 -2.67
N PHE B 43 -57.95 -14.61 -3.75
CA PHE B 43 -59.32 -14.58 -4.26
C PHE B 43 -59.69 -15.94 -4.86
N PHE B 44 -58.85 -16.42 -5.75
CA PHE B 44 -59.09 -17.63 -6.48
C PHE B 44 -59.26 -18.87 -5.60
N LYS B 45 -58.41 -19.04 -4.61
CA LYS B 45 -58.52 -20.21 -3.73
C LYS B 45 -59.78 -20.11 -2.85
N ALA B 46 -60.45 -18.97 -2.81
CA ALA B 46 -61.64 -18.90 -2.03
C ALA B 46 -62.77 -19.79 -2.62
N PHE B 47 -62.83 -19.87 -3.96
CA PHE B 47 -63.94 -20.53 -4.63
C PHE B 47 -63.64 -21.67 -5.63
N SER B 48 -62.45 -21.65 -6.24
CA SER B 48 -62.03 -22.60 -7.32
C SER B 48 -61.95 -24.06 -6.92
N PHE B 49 -62.23 -24.92 -7.88
CA PHE B 49 -62.14 -26.37 -7.69
C PHE B 49 -63.12 -26.89 -6.65
N LYS B 50 -64.22 -26.15 -6.52
CA LYS B 50 -65.33 -26.59 -5.67
C LYS B 50 -66.62 -26.37 -6.40
N ASN B 51 -67.73 -26.93 -5.89
CA ASN B 51 -69.01 -26.54 -6.52
C ASN B 51 -69.32 -25.07 -6.27
N PRO B 52 -70.00 -24.45 -7.24
CA PRO B 52 -70.45 -23.06 -7.11
C PRO B 52 -71.08 -22.75 -5.75
N CYS B 53 -71.93 -23.63 -5.23
CA CYS B 53 -72.54 -23.36 -3.94
C CYS B 53 -71.73 -23.95 -2.77
N ASP B 54 -70.51 -24.42 -3.03
CA ASP B 54 -69.66 -24.95 -1.94
C ASP B 54 -68.69 -23.91 -1.30
N LEU B 55 -69.23 -22.87 -0.67
CA LEU B 55 -68.43 -21.86 0.02
C LEU B 55 -69.17 -21.22 1.19
N ASP B 56 -68.43 -20.59 2.10
CA ASP B 56 -69.06 -19.99 3.25
C ASP B 56 -68.35 -18.72 3.66
N LEU B 57 -68.70 -18.22 4.84
CA LEU B 57 -68.17 -16.94 5.39
C LEU B 57 -66.65 -16.84 5.60
N GLY B 58 -65.98 -17.96 5.82
CA GLY B 58 -64.54 -17.93 5.94
C GLY B 58 -63.79 -18.12 4.63
N SER B 59 -64.48 -18.48 3.55
CA SER B 59 -63.82 -18.86 2.31
C SER B 59 -62.84 -17.79 1.84
N TYR B 60 -63.32 -16.55 1.89
CA TYR B 60 -62.59 -15.36 1.42
C TYR B 60 -61.82 -14.61 2.52
N LYS B 61 -61.71 -15.18 3.72
CA LYS B 61 -61.02 -14.52 4.87
C LYS B 61 -59.62 -13.98 4.45
N ASP B 62 -58.75 -14.90 4.03
CA ASP B 62 -57.40 -14.56 3.63
C ASP B 62 -57.44 -13.47 2.58
N PHE B 63 -58.34 -13.55 1.62
CA PHE B 63 -58.29 -12.48 0.63
C PHE B 63 -58.60 -11.13 1.26
N PHE B 64 -59.60 -11.08 2.15
CA PHE B 64 -59.91 -9.82 2.83
C PHE B 64 -58.90 -9.31 3.84
N THR B 65 -58.11 -10.20 4.44
CA THR B 65 -57.13 -9.68 5.35
C THR B 65 -56.09 -9.00 4.47
N SER B 66 -55.74 -9.59 3.34
CA SER B 66 -54.72 -8.98 2.51
C SER B 66 -55.19 -7.70 1.84
N ALA B 67 -56.49 -7.53 1.69
CA ALA B 67 -57.01 -6.49 0.84
C ALA B 67 -57.52 -5.31 1.65
N GLN B 68 -57.73 -5.53 2.95
CA GLN B 68 -58.32 -4.47 3.79
C GLN B 68 -57.38 -3.28 3.95
N GLN B 69 -57.90 -2.11 3.61
CA GLN B 69 -57.19 -0.87 3.87
C GLN B 69 -57.60 -0.31 5.24
N GLN B 70 -56.69 0.39 5.93
CA GLN B 70 -57.11 1.34 6.97
C GLN B 70 -58.08 2.35 6.37
N LEU B 71 -59.17 2.65 7.06
CA LEU B 71 -60.17 3.59 6.53
C LEU B 71 -60.21 4.90 7.31
N PRO B 72 -60.32 6.03 6.58
CA PRO B 72 -60.27 7.37 7.19
C PRO B 72 -61.38 7.60 8.22
N LYS B 73 -60.99 8.13 9.37
CA LYS B 73 -61.95 8.57 10.38
C LYS B 73 -63.09 9.46 9.82
N ASN B 74 -64.31 9.14 10.25
CA ASN B 74 -65.55 9.94 10.04
C ASN B 74 -66.04 9.93 8.63
N LYS B 75 -65.50 9.03 7.81
CA LYS B 75 -65.80 9.07 6.38
C LYS B 75 -66.51 7.82 5.85
N VAL B 76 -66.62 6.80 6.70
CA VAL B 76 -67.16 5.54 6.23
C VAL B 76 -68.63 5.69 6.01
N MET B 77 -69.11 5.39 4.79
CA MET B 77 -70.55 5.34 4.52
C MET B 77 -71.07 3.93 4.36
N PHE B 78 -72.29 3.71 4.80
CA PHE B 78 -73.10 2.53 4.49
C PHE B 78 -74.37 3.01 3.77
N TRP B 79 -74.99 2.12 2.98
CA TRP B 79 -76.27 2.36 2.26
C TRP B 79 -77.12 1.10 2.18
N SER B 80 -78.44 1.26 2.12
CA SER B 80 -79.32 0.17 1.77
C SER B 80 -80.35 0.69 0.78
N GLY B 81 -80.58 -0.04 -0.30
CA GLY B 81 -81.68 0.26 -1.23
C GLY B 81 -81.56 1.55 -2.06
N VAL B 82 -80.50 2.34 -1.86
CA VAL B 82 -80.34 3.67 -2.52
C VAL B 82 -78.99 3.82 -3.27
N TYR B 83 -78.66 2.87 -4.15
CA TYR B 83 -77.31 2.75 -4.66
C TYR B 83 -76.80 4.00 -5.35
N ASP B 84 -77.45 4.40 -6.46
CA ASP B 84 -77.00 5.58 -7.21
C ASP B 84 -77.04 6.86 -6.40
N GLU B 85 -77.98 6.96 -5.48
CA GLU B 85 -78.08 8.15 -4.66
C GLU B 85 -76.90 8.21 -3.68
N ALA B 86 -76.73 7.17 -2.86
CA ALA B 86 -75.63 7.14 -1.91
C ALA B 86 -74.28 7.35 -2.59
N HIS B 87 -74.07 6.71 -3.75
CA HIS B 87 -72.80 6.88 -4.44
C HIS B 87 -72.71 8.28 -5.07
N ASP B 88 -73.82 8.83 -5.57
CA ASP B 88 -73.73 10.22 -6.04
C ASP B 88 -73.33 11.19 -4.93
N TYR B 89 -73.87 10.99 -3.74
CA TYR B 89 -73.50 11.85 -2.60
C TYR B 89 -72.12 11.60 -2.00
N ALA B 90 -71.65 10.34 -1.99
CA ALA B 90 -70.30 10.04 -1.46
C ALA B 90 -69.19 10.66 -2.31
N ASN B 91 -69.47 10.73 -3.60
CA ASN B 91 -68.59 11.39 -4.53
C ASN B 91 -67.21 10.73 -4.75
N THR B 92 -67.20 9.44 -5.07
CA THR B 92 -65.94 8.76 -5.36
C THR B 92 -64.90 9.15 -4.30
N GLY B 93 -65.34 9.14 -3.05
CA GLY B 93 -64.45 9.24 -1.93
C GLY B 93 -64.13 10.63 -1.45
N ARG B 94 -64.57 11.66 -2.19
CA ARG B 94 -64.38 13.05 -1.76
C ARG B 94 -65.15 13.30 -0.47
N LYS B 95 -66.48 13.16 -0.47
CA LYS B 95 -67.27 13.38 0.75
C LYS B 95 -67.27 12.14 1.64
N TYR B 96 -67.70 10.99 1.10
CA TYR B 96 -67.58 9.75 1.86
C TYR B 96 -66.92 8.62 1.06
N ILE B 97 -66.32 7.69 1.80
CA ILE B 97 -65.90 6.37 1.32
C ILE B 97 -67.11 5.40 1.36
N THR B 98 -67.27 4.59 0.34
CA THR B 98 -68.23 3.51 0.45
C THR B 98 -67.39 2.33 0.10
N LEU B 99 -67.94 1.14 0.30
CA LEU B 99 -67.17 -0.10 0.10
C LEU B 99 -66.72 -0.16 -1.34
N GLU B 100 -67.56 0.31 -2.25
CA GLU B 100 -67.27 0.24 -3.68
C GLU B 100 -66.09 1.11 -4.03
N ASP B 101 -65.74 2.05 -3.13
CA ASP B 101 -64.47 2.79 -3.25
C ASP B 101 -63.22 1.98 -2.82
N THR B 102 -63.41 1.03 -1.91
CA THR B 102 -62.26 0.25 -1.35
C THR B 102 -61.62 -0.70 -2.36
N LEU B 103 -60.37 -1.04 -2.17
CA LEU B 103 -59.71 -1.95 -3.10
C LEU B 103 -60.57 -3.20 -3.40
N PRO B 104 -61.01 -3.95 -2.38
CA PRO B 104 -61.72 -5.19 -2.78
C PRO B 104 -63.02 -4.87 -3.43
N GLY B 105 -63.66 -3.79 -2.97
CA GLY B 105 -64.94 -3.34 -3.51
C GLY B 105 -64.85 -2.97 -4.98
N TYR B 106 -63.88 -2.14 -5.29
CA TYR B 106 -63.65 -1.64 -6.64
C TYR B 106 -63.39 -2.80 -7.62
N MET B 107 -62.52 -3.74 -7.21
CA MET B 107 -62.07 -4.84 -8.08
C MET B 107 -63.22 -5.74 -8.44
N LEU B 108 -64.10 -5.99 -7.47
CA LEU B 108 -65.14 -7.00 -7.68
C LEU B 108 -66.50 -6.48 -8.04
N ASN B 109 -66.70 -5.17 -7.91
CA ASN B 109 -68.02 -4.58 -8.20
C ASN B 109 -68.57 -5.00 -9.58
N SER B 110 -69.87 -5.38 -9.61
CA SER B 110 -70.62 -5.86 -10.75
C SER B 110 -70.12 -7.22 -11.31
N LEU B 111 -69.05 -7.77 -10.78
CA LEU B 111 -68.48 -8.93 -11.48
C LEU B 111 -69.30 -10.15 -11.05
N VAL B 112 -69.15 -11.27 -11.76
CA VAL B 112 -69.95 -12.47 -11.50
C VAL B 112 -69.11 -13.73 -11.72
N TRP B 113 -69.05 -14.66 -10.74
CA TRP B 113 -68.13 -15.84 -10.81
C TRP B 113 -68.57 -16.98 -9.92
N CYS B 114 -68.11 -18.20 -10.22
CA CYS B 114 -68.40 -19.35 -9.38
C CYS B 114 -67.40 -20.46 -9.65
N GLY B 115 -67.17 -21.31 -8.65
CA GLY B 115 -66.20 -22.38 -8.73
C GLY B 115 -66.80 -23.48 -9.51
N GLN B 116 -65.98 -24.39 -10.03
CA GLN B 116 -66.42 -25.75 -10.42
C GLN B 116 -65.36 -26.73 -9.96
N ARG B 117 -65.68 -28.00 -9.97
CA ARG B 117 -64.76 -29.06 -9.57
C ARG B 117 -63.69 -29.34 -10.60
N ALA B 118 -64.06 -29.32 -11.88
CA ALA B 118 -63.13 -29.69 -12.96
C ALA B 118 -62.38 -28.45 -13.42
N ASN B 119 -61.12 -28.63 -13.82
CA ASN B 119 -60.31 -27.61 -14.50
C ASN B 119 -61.15 -26.70 -15.41
N PRO B 120 -60.83 -25.41 -15.45
CA PRO B 120 -59.71 -24.80 -14.69
C PRO B 120 -60.06 -24.31 -13.29
N GLY B 121 -61.03 -24.96 -12.64
CA GLY B 121 -61.48 -24.60 -11.28
C GLY B 121 -62.65 -23.60 -11.18
N PHE B 122 -62.98 -22.93 -12.29
CA PHE B 122 -64.11 -22.00 -12.34
C PHE B 122 -64.98 -22.19 -13.60
N ASN B 123 -66.19 -21.63 -13.57
CA ASN B 123 -67.13 -21.88 -14.64
C ASN B 123 -67.25 -20.62 -15.44
N GLU B 124 -66.78 -20.70 -16.68
CA GLU B 124 -66.77 -19.55 -17.61
C GLU B 124 -68.05 -19.51 -18.41
N LYS B 125 -68.88 -20.55 -18.27
CA LYS B 125 -70.12 -20.68 -19.04
C LYS B 125 -71.34 -20.22 -18.28
N VAL B 126 -71.46 -20.64 -17.02
CA VAL B 126 -72.65 -20.43 -16.21
C VAL B 126 -72.45 -20.45 -14.68
N CYS B 127 -73.11 -19.52 -14.01
CA CYS B 127 -73.22 -19.57 -12.58
C CYS B 127 -74.65 -19.74 -12.17
N PRO B 128 -74.89 -20.55 -11.14
CA PRO B 128 -76.26 -20.80 -10.73
C PRO B 128 -76.80 -19.60 -9.96
N ASP B 129 -78.12 -19.49 -9.93
CA ASP B 129 -78.82 -18.45 -9.17
C ASP B 129 -78.60 -18.60 -7.65
N PHE B 130 -78.09 -17.54 -7.02
CA PHE B 130 -77.75 -17.53 -5.58
C PHE B 130 -78.81 -18.14 -4.72
N LYS B 131 -80.06 -17.85 -5.09
CA LYS B 131 -81.22 -18.38 -4.39
C LYS B 131 -81.15 -19.90 -4.13
N THR B 132 -80.32 -20.60 -4.90
CA THR B 132 -80.25 -22.04 -4.86
C THR B 132 -79.14 -22.58 -4.00
N CYS B 133 -78.25 -21.71 -3.55
CA CYS B 133 -77.14 -22.04 -2.59
C CYS B 133 -77.44 -21.58 -1.17
N PRO B 134 -76.97 -22.32 -0.15
CA PRO B 134 -77.16 -21.91 1.24
C PRO B 134 -76.82 -20.43 1.39
N VAL B 135 -77.44 -19.73 2.34
CA VAL B 135 -77.17 -18.28 2.52
C VAL B 135 -75.67 -18.00 2.78
N GLN B 136 -74.96 -18.91 3.44
CA GLN B 136 -73.54 -18.68 3.65
C GLN B 136 -72.71 -18.75 2.35
N ALA B 137 -73.14 -19.48 1.33
CA ALA B 137 -72.37 -19.48 0.09
C ALA B 137 -72.72 -18.25 -0.76
N ARG B 138 -73.99 -17.95 -0.86
CA ARG B 138 -74.44 -16.84 -1.70
C ARG B 138 -73.95 -15.49 -1.19
N GLU B 139 -73.64 -15.38 0.10
CA GLU B 139 -73.23 -14.09 0.68
C GLU B 139 -71.81 -14.12 1.16
N SER B 140 -71.06 -15.17 0.83
CA SER B 140 -69.66 -15.37 1.27
C SER B 140 -68.78 -14.21 0.89
N PHE B 141 -68.81 -13.82 -0.37
CA PHE B 141 -67.99 -12.68 -0.73
C PHE B 141 -68.54 -11.32 -0.18
N TRP B 142 -69.70 -10.85 -0.61
CA TRP B 142 -70.09 -9.51 -0.11
C TRP B 142 -70.38 -9.42 1.38
N GLY B 143 -70.72 -10.55 1.98
CA GLY B 143 -71.06 -10.62 3.42
C GLY B 143 -69.81 -10.26 4.16
N MET B 144 -68.75 -11.04 3.90
CA MET B 144 -67.43 -10.77 4.41
C MET B 144 -66.71 -9.47 4.04
N ALA B 145 -66.76 -9.05 2.78
CA ALA B 145 -66.41 -7.69 2.45
C ALA B 145 -67.10 -6.71 3.40
N SER B 146 -68.38 -6.87 3.67
CA SER B 146 -69.05 -5.89 4.58
C SER B 146 -68.57 -5.98 6.04
N SER B 147 -68.24 -7.20 6.55
CA SER B 147 -67.87 -7.32 7.97
C SER B 147 -66.51 -6.71 8.04
N SER B 148 -65.70 -7.00 7.03
CA SER B 148 -64.36 -6.47 7.10
C SER B 148 -64.38 -4.94 6.96
N TYR B 149 -65.16 -4.42 6.01
CA TYR B 149 -65.30 -2.99 5.85
C TYR B 149 -65.83 -2.33 7.11
N ALA B 150 -66.75 -2.96 7.83
CA ALA B 150 -67.43 -2.26 8.93
C ALA B 150 -66.56 -2.28 10.14
N HIS B 151 -65.76 -3.32 10.22
CA HIS B 151 -64.93 -3.61 11.36
C HIS B 151 -63.69 -2.68 11.34
N SER B 152 -63.47 -2.06 10.19
CA SER B 152 -62.38 -1.14 9.99
C SER B 152 -62.76 0.31 10.27
N ALA B 153 -64.04 0.59 10.49
CA ALA B 153 -64.50 1.99 10.58
C ALA B 153 -64.23 2.60 11.95
N GLU B 154 -63.82 3.85 11.92
CA GLU B 154 -63.52 4.57 13.14
C GLU B 154 -64.31 5.86 13.09
N GLY B 155 -64.66 6.38 14.27
CA GLY B 155 -65.36 7.64 14.42
C GLY B 155 -66.81 7.59 13.98
N GLU B 156 -67.23 8.63 13.28
CA GLU B 156 -68.61 8.71 12.82
C GLU B 156 -68.76 7.93 11.53
N VAL B 157 -69.90 7.25 11.39
CA VAL B 157 -70.24 6.46 10.22
C VAL B 157 -71.60 6.95 9.77
N THR B 158 -71.81 6.99 8.47
CA THR B 158 -73.04 7.48 7.91
C THR B 158 -73.78 6.33 7.22
N TYR B 159 -75.11 6.33 7.32
CA TYR B 159 -75.91 5.25 6.74
C TYR B 159 -77.07 5.90 6.01
N MET B 160 -77.15 5.65 4.72
CA MET B 160 -78.15 6.23 3.89
C MET B 160 -79.15 5.15 3.54
N VAL B 161 -80.44 5.44 3.77
CA VAL B 161 -81.54 4.50 3.50
C VAL B 161 -82.67 5.01 2.62
N ASP B 162 -83.44 4.05 2.12
CA ASP B 162 -84.66 4.29 1.40
C ASP B 162 -85.80 4.46 2.42
N GLY B 163 -86.29 5.69 2.50
CA GLY B 163 -87.43 6.04 3.36
C GLY B 163 -88.75 5.95 2.67
N SER B 164 -88.72 5.53 1.41
CA SER B 164 -89.81 5.76 0.48
C SER B 164 -90.21 4.45 -0.26
N ASN B 165 -89.72 3.32 0.25
CA ASN B 165 -90.10 2.03 -0.25
C ASN B 165 -91.15 1.45 0.68
N PRO B 166 -92.33 1.09 0.11
CA PRO B 166 -93.39 0.48 0.93
C PRO B 166 -93.18 -1.03 1.22
N LYS B 167 -92.36 -1.70 0.39
CA LYS B 167 -92.13 -3.15 0.50
C LYS B 167 -90.86 -3.53 1.25
N VAL B 168 -89.89 -2.62 1.26
CA VAL B 168 -88.63 -2.82 1.91
C VAL B 168 -88.46 -1.62 2.82
N PRO B 169 -88.57 -1.85 4.15
CA PRO B 169 -88.39 -0.83 5.18
C PRO B 169 -86.96 -0.29 5.25
N ALA B 170 -86.85 1.00 5.55
CA ALA B 170 -85.58 1.69 5.65
C ALA B 170 -84.54 0.88 6.36
N TYR B 171 -84.91 0.30 7.51
CA TYR B 171 -83.97 -0.52 8.27
C TYR B 171 -84.48 -1.92 8.56
N ARG B 172 -83.70 -2.91 8.13
CA ARG B 172 -84.03 -4.27 8.42
C ARG B 172 -82.80 -5.13 8.78
N PRO B 173 -82.96 -5.96 9.80
CA PRO B 173 -82.01 -6.95 10.29
C PRO B 173 -81.43 -7.85 9.22
N ASP B 174 -82.17 -8.07 8.15
CA ASP B 174 -81.78 -8.92 7.00
C ASP B 174 -81.18 -8.17 5.77
N SER B 175 -81.03 -6.85 5.85
CA SER B 175 -80.14 -6.16 4.95
C SER B 175 -78.65 -6.56 5.20
N PHE B 176 -77.76 -6.28 4.25
CA PHE B 176 -76.33 -6.46 4.58
C PHE B 176 -75.93 -5.55 5.72
N PHE B 177 -76.55 -4.37 5.74
CA PHE B 177 -76.33 -3.48 6.84
C PHE B 177 -76.64 -4.17 8.14
N GLY B 178 -77.80 -4.80 8.19
CA GLY B 178 -78.32 -5.35 9.41
C GLY B 178 -77.64 -6.64 9.81
N LYS B 179 -77.06 -7.31 8.81
CA LYS B 179 -76.50 -8.66 8.97
C LYS B 179 -75.04 -8.58 9.28
N TYR B 180 -74.34 -7.73 8.52
CA TYR B 180 -72.90 -7.67 8.57
C TYR B 180 -72.24 -6.36 8.99
N GLU B 181 -72.98 -5.26 9.07
CA GLU B 181 -72.30 -4.00 9.20
C GLU B 181 -72.46 -3.40 10.59
N LEU B 182 -73.69 -3.03 10.95
CA LEU B 182 -73.92 -2.61 12.31
C LEU B 182 -73.45 -3.59 13.40
N PRO B 183 -73.69 -4.90 13.26
CA PRO B 183 -73.21 -5.71 14.39
C PRO B 183 -71.71 -5.84 14.46
N ASN B 184 -70.98 -5.50 13.41
CA ASN B 184 -69.52 -5.51 13.47
C ASN B 184 -68.77 -4.17 13.69
N LEU B 185 -69.53 -3.11 13.92
CA LEU B 185 -68.97 -1.81 14.27
C LEU B 185 -68.29 -1.93 15.65
N THR B 186 -67.05 -1.44 15.78
CA THR B 186 -66.26 -1.58 17.01
C THR B 186 -66.40 -0.37 17.92
N ASN B 187 -65.94 -0.53 19.16
CA ASN B 187 -65.94 0.57 20.11
C ASN B 187 -65.13 1.80 19.65
N LYS B 188 -64.46 1.68 18.52
CA LYS B 188 -63.90 2.85 17.81
C LYS B 188 -64.91 3.72 17.01
N VAL B 189 -66.15 3.26 16.84
CA VAL B 189 -67.23 4.09 16.30
C VAL B 189 -67.80 4.96 17.41
N THR B 190 -68.06 6.21 17.10
CA THR B 190 -68.54 7.10 18.14
C THR B 190 -70.01 7.32 17.91
N ARG B 191 -70.36 7.46 16.63
CA ARG B 191 -71.69 7.91 16.22
C ARG B 191 -72.20 7.23 14.92
N VAL B 192 -73.50 6.97 14.88
CA VAL B 192 -74.19 6.56 13.67
C VAL B 192 -75.18 7.60 13.14
N LYS B 193 -74.97 8.01 11.88
CA LYS B 193 -75.73 9.09 11.27
C LYS B 193 -76.57 8.55 10.12
N VAL B 194 -77.90 8.67 10.24
CA VAL B 194 -78.80 8.18 9.19
C VAL B 194 -79.27 9.31 8.30
N ILE B 195 -79.06 9.17 7.01
CA ILE B 195 -79.68 10.04 6.06
C ILE B 195 -80.81 9.24 5.45
N VAL B 196 -82.04 9.69 5.67
CA VAL B 196 -83.21 9.08 5.08
C VAL B 196 -83.53 9.78 3.76
N LEU B 197 -83.75 8.99 2.74
CA LEU B 197 -84.08 9.50 1.44
C LEU B 197 -85.57 9.42 1.20
N HIS B 198 -86.17 10.55 0.82
CA HIS B 198 -87.52 10.56 0.31
C HIS B 198 -87.50 10.84 -1.18
N ARG B 199 -87.46 9.78 -1.98
CA ARG B 199 -87.49 9.92 -3.43
C ARG B 199 -88.58 10.91 -3.82
N LEU B 200 -88.23 11.78 -4.76
CA LEU B 200 -89.10 12.88 -5.19
C LEU B 200 -90.37 12.31 -5.77
N GLY B 201 -91.50 12.97 -5.47
CA GLY B 201 -92.84 12.59 -5.95
C GLY B 201 -93.40 11.29 -5.41
N GLU B 202 -92.85 10.78 -4.31
CA GLU B 202 -93.30 9.49 -3.81
C GLU B 202 -93.83 9.54 -2.39
N LYS B 203 -94.88 8.76 -2.15
CA LYS B 203 -95.41 8.56 -0.80
C LYS B 203 -94.25 8.35 0.18
N ILE B 204 -94.20 9.16 1.23
CA ILE B 204 -93.19 9.03 2.26
C ILE B 204 -93.60 7.92 3.22
N ILE B 205 -92.78 6.88 3.31
CA ILE B 205 -93.16 5.70 4.03
C ILE B 205 -92.48 5.58 5.41
N GLU B 206 -91.22 6.02 5.52
CA GLU B 206 -90.46 5.88 6.77
C GLU B 206 -89.99 7.24 7.25
N LYS B 207 -89.94 7.46 8.56
CA LYS B 207 -89.46 8.76 9.07
C LYS B 207 -88.56 8.60 10.28
N CYS B 208 -87.70 9.58 10.53
CA CYS B 208 -86.89 9.60 11.74
C CYS B 208 -87.80 9.55 12.97
N GLY B 209 -87.34 8.90 14.03
CA GLY B 209 -88.08 8.78 15.29
C GLY B 209 -89.30 7.87 15.24
N ALA B 210 -89.37 7.00 14.23
CA ALA B 210 -90.53 6.12 14.02
C ALA B 210 -90.18 4.85 13.26
N GLY B 211 -91.11 3.90 13.24
CA GLY B 211 -90.98 2.63 12.50
C GLY B 211 -89.62 1.94 12.62
N SER B 212 -89.14 1.41 11.50
CA SER B 212 -87.87 0.66 11.51
C SER B 212 -86.63 1.54 11.78
N LEU B 213 -86.78 2.85 11.67
CA LEU B 213 -85.79 3.81 12.16
C LEU B 213 -85.80 3.91 13.68
N LEU B 214 -86.97 3.97 14.30
CA LEU B 214 -87.02 3.96 15.75
C LEU B 214 -86.37 2.68 16.28
N ASP B 215 -86.61 1.55 15.62
CA ASP B 215 -85.96 0.28 15.97
C ASP B 215 -84.44 0.48 15.94
N LEU B 216 -83.95 1.10 14.85
CA LEU B 216 -82.51 1.25 14.65
C LEU B 216 -81.84 1.98 15.76
N GLU B 217 -82.58 2.90 16.37
CA GLU B 217 -82.05 3.85 17.33
C GLU B 217 -81.71 3.09 18.59
N LYS B 218 -82.65 2.26 19.02
CA LYS B 218 -82.45 1.44 20.22
C LYS B 218 -81.24 0.58 19.97
N LEU B 219 -81.12 0.07 18.75
CA LEU B 219 -79.96 -0.74 18.43
C LEU B 219 -78.71 0.10 18.58
N VAL B 220 -78.70 1.26 17.93
CA VAL B 220 -77.54 2.13 17.95
C VAL B 220 -77.11 2.38 19.38
N LYS B 221 -78.05 2.88 20.19
CA LYS B 221 -77.81 3.18 21.58
C LYS B 221 -77.39 1.99 22.46
N ALA B 222 -77.87 0.79 22.16
CA ALA B 222 -77.46 -0.35 22.99
C ALA B 222 -76.17 -1.02 22.48
N LYS B 223 -75.63 -0.49 21.39
CA LYS B 223 -74.26 -0.81 20.99
C LYS B 223 -73.35 0.31 21.45
N HIS B 224 -73.98 1.27 22.13
CA HIS B 224 -73.32 2.33 22.87
C HIS B 224 -72.85 3.49 22.00
N PHE B 225 -73.40 3.64 20.80
CA PHE B 225 -73.08 4.80 19.96
C PHE B 225 -74.07 5.95 20.10
N ALA B 226 -73.57 7.14 19.78
CA ALA B 226 -74.42 8.30 19.60
C ALA B 226 -75.12 8.08 18.27
N PHE B 227 -76.35 8.59 18.14
CA PHE B 227 -77.17 8.40 16.95
C PHE B 227 -77.74 9.74 16.52
N ASP B 228 -77.85 9.96 15.22
CA ASP B 228 -78.66 11.07 14.71
C ASP B 228 -79.23 10.72 13.34
N CYS B 229 -80.32 11.37 12.98
CA CYS B 229 -81.11 11.01 11.81
C CYS B 229 -81.70 12.26 11.21
N VAL B 230 -81.83 12.27 9.89
CA VAL B 230 -82.14 13.49 9.10
C VAL B 230 -82.77 13.06 7.77
N GLU B 231 -83.75 13.83 7.32
CA GLU B 231 -84.52 13.50 6.14
C GLU B 231 -84.31 14.46 5.01
N ASN B 232 -83.67 13.99 3.95
CA ASN B 232 -83.33 14.81 2.81
C ASN B 232 -82.69 16.12 3.26
N PRO B 233 -81.45 16.06 3.78
CA PRO B 233 -80.77 17.33 4.00
C PRO B 233 -80.45 18.00 2.65
N ARG B 234 -80.42 19.33 2.61
CA ARG B 234 -80.37 20.04 1.32
C ARG B 234 -79.27 19.52 0.40
N ALA B 235 -78.09 19.25 0.97
CA ALA B 235 -76.97 18.65 0.21
C ALA B 235 -77.39 17.41 -0.55
N VAL B 236 -78.26 16.60 0.06
CA VAL B 236 -78.79 15.43 -0.63
C VAL B 236 -79.91 15.82 -1.57
N LEU B 237 -80.97 16.41 -1.03
CA LEU B 237 -82.07 16.97 -1.85
C LEU B 237 -81.59 17.72 -3.11
N PHE B 238 -80.48 18.42 -3.05
CA PHE B 238 -80.10 19.18 -4.25
C PHE B 238 -79.69 18.27 -5.42
N LEU B 239 -79.17 17.07 -5.13
CA LEU B 239 -78.75 16.12 -6.15
C LEU B 239 -79.92 15.40 -6.79
N LEU B 240 -80.87 14.95 -5.97
CA LEU B 240 -82.05 14.33 -6.49
C LEU B 240 -82.65 15.38 -7.40
N CYS B 241 -82.76 16.61 -6.87
CA CYS B 241 -83.36 17.69 -7.60
C CYS B 241 -82.67 17.93 -8.93
N SER B 242 -81.41 17.55 -9.05
CA SER B 242 -80.70 17.70 -10.30
C SER B 242 -81.28 16.87 -11.44
N ASP B 243 -81.60 15.60 -11.18
CA ASP B 243 -82.16 14.71 -12.19
C ASP B 243 -83.65 14.97 -12.53
N ASN B 244 -84.28 15.79 -11.71
CA ASN B 244 -85.71 16.07 -11.77
C ASN B 244 -85.94 17.50 -11.33
N PRO B 245 -85.46 18.47 -12.12
CA PRO B 245 -85.54 19.89 -11.76
C PRO B 245 -86.92 20.30 -11.26
N ASN B 246 -87.96 19.68 -11.85
CA ASN B 246 -89.35 20.09 -11.68
C ASN B 246 -90.06 19.58 -10.42
N ALA B 247 -89.42 18.67 -9.67
CA ALA B 247 -90.07 18.05 -8.49
C ALA B 247 -90.57 19.13 -7.54
N ARG B 248 -91.73 18.92 -6.90
CA ARG B 248 -92.35 19.96 -6.08
C ARG B 248 -91.48 20.30 -4.87
N GLU B 249 -90.74 19.30 -4.41
CA GLU B 249 -89.89 19.37 -3.23
C GLU B 249 -88.73 20.30 -3.51
N CYS B 250 -88.78 20.89 -4.68
CA CYS B 250 -87.64 21.44 -5.32
C CYS B 250 -87.97 22.86 -5.75
N ARG B 251 -89.15 23.34 -5.37
CA ARG B 251 -89.54 24.66 -5.79
C ARG B 251 -88.89 25.71 -4.90
N LEU B 252 -88.44 25.36 -3.79
N ALA C 1 -55.39 -17.06 13.59
CA ALA C 1 -54.67 -15.78 13.88
C ALA C 1 -53.79 -15.94 15.13
N ALA C 2 -52.63 -16.59 14.94
CA ALA C 2 -51.58 -16.74 15.94
C ALA C 2 -50.19 -16.60 15.29
N ILE C 3 -49.27 -15.87 15.95
CA ILE C 3 -47.87 -15.63 15.47
C ILE C 3 -46.85 -16.71 15.93
N VAL C 4 -45.70 -16.79 15.25
CA VAL C 4 -44.68 -17.83 15.56
C VAL C 4 -43.47 -17.29 16.35
N PRO C 5 -43.07 -18.02 17.42
CA PRO C 5 -41.90 -17.69 18.26
C PRO C 5 -40.56 -17.63 17.54
N THR C 6 -39.59 -16.94 18.14
CA THR C 6 -38.23 -16.97 17.66
C THR C 6 -37.66 -18.35 17.94
N ARG C 7 -36.91 -18.88 16.97
CA ARG C 7 -36.22 -20.15 17.16
C ARG C 7 -35.03 -19.93 18.05
N GLU C 8 -34.73 -20.93 18.87
CA GLU C 8 -33.56 -20.94 19.72
C GLU C 8 -33.48 -19.71 20.61
N LEU C 9 -34.58 -19.40 21.30
CA LEU C 9 -34.66 -18.20 22.14
C LEU C 9 -33.47 -18.01 23.06
N GLU C 10 -33.18 -19.03 23.86
CA GLU C 10 -32.07 -18.93 24.80
C GLU C 10 -30.79 -18.49 24.08
N ASN C 11 -30.42 -19.20 23.01
CA ASN C 11 -29.18 -18.94 22.29
C ASN C 11 -29.19 -17.56 21.65
N VAL C 12 -30.36 -17.10 21.21
CA VAL C 12 -30.44 -15.76 20.64
C VAL C 12 -30.31 -14.69 21.73
N PHE C 13 -30.89 -14.98 22.90
CA PHE C 13 -30.78 -14.13 24.10
C PHE C 13 -29.31 -13.91 24.48
N LEU C 14 -28.60 -15.04 24.54
CA LEU C 14 -27.23 -15.18 25.04
C LEU C 14 -26.21 -14.69 24.01
N GLY C 15 -26.44 -15.06 22.77
CA GLY C 15 -25.66 -14.47 21.66
C GLY C 15 -25.73 -12.97 21.72
N ARG C 16 -26.92 -12.44 21.84
CA ARG C 16 -27.06 -11.00 21.94
C ARG C 16 -26.47 -10.37 23.19
N CYS C 17 -26.58 -11.07 24.34
CA CYS C 17 -26.22 -10.46 25.63
C CYS C 17 -24.70 -10.31 25.63
N LYS C 18 -24.02 -11.41 25.32
CA LYS C 18 -22.58 -11.47 25.10
C LYS C 18 -21.99 -10.52 24.06
N ASP C 19 -22.58 -10.43 22.87
CA ASP C 19 -22.06 -9.49 21.83
C ASP C 19 -22.16 -8.10 22.44
N TYR C 20 -23.20 -7.88 23.24
CA TYR C 20 -23.46 -6.53 23.75
C TYR C 20 -22.47 -6.16 24.86
N GLU C 21 -22.38 -7.08 25.84
CA GLU C 21 -21.48 -6.94 26.95
C GLU C 21 -20.08 -6.57 26.46
N ILE C 22 -19.54 -7.29 25.47
CA ILE C 22 -18.15 -7.08 25.04
C ILE C 22 -17.97 -5.99 24.02
N THR C 23 -18.95 -5.71 23.17
CA THR C 23 -18.64 -4.85 22.02
C THR C 23 -19.65 -3.74 21.68
N ARG C 24 -20.70 -3.57 22.47
CA ARG C 24 -21.74 -2.65 22.01
C ARG C 24 -21.89 -1.51 22.99
N TYR C 25 -22.03 -0.30 22.41
CA TYR C 25 -22.25 0.91 23.16
C TYR C 25 -21.16 1.15 24.22
N LEU C 26 -19.97 0.63 23.98
CA LEU C 26 -18.95 0.71 24.99
C LEU C 26 -18.84 2.11 25.65
N ASP C 27 -18.68 3.18 24.88
CA ASP C 27 -18.37 4.49 25.53
C ASP C 27 -19.63 5.39 25.58
N ILE C 28 -20.77 4.72 25.74
CA ILE C 28 -22.05 5.35 25.58
C ILE C 28 -22.93 4.86 26.75
N LEU C 29 -22.73 3.61 27.14
CA LEU C 29 -23.56 2.99 28.14
C LEU C 29 -22.75 1.95 28.91
N PRO C 30 -22.94 1.91 30.23
CA PRO C 30 -22.14 1.08 31.13
C PRO C 30 -22.52 -0.37 31.06
N ARG C 31 -21.63 -1.27 31.48
CA ARG C 31 -21.97 -2.70 31.59
C ARG C 31 -22.85 -2.92 32.80
N VAL C 32 -23.53 -4.04 32.85
CA VAL C 32 -24.19 -4.45 34.08
C VAL C 32 -23.28 -5.40 34.81
N ARG C 33 -23.51 -5.55 36.12
CA ARG C 33 -22.67 -6.39 36.93
C ARG C 33 -23.08 -7.84 36.80
N SER C 34 -24.39 -8.04 36.63
CA SER C 34 -24.99 -9.36 36.42
C SER C 34 -24.52 -9.98 35.11
N ASP C 35 -24.40 -11.29 35.07
CA ASP C 35 -23.98 -11.90 33.81
C ASP C 35 -25.07 -12.62 32.98
N CYS C 36 -24.73 -12.96 31.73
CA CYS C 36 -25.70 -13.46 30.75
C CYS C 36 -26.54 -14.63 31.25
N SER C 37 -25.88 -15.69 31.74
CA SER C 37 -26.58 -16.81 32.39
C SER C 37 -27.55 -16.34 33.49
N ALA C 38 -27.04 -15.49 34.39
CA ALA C 38 -27.86 -14.95 35.50
C ALA C 38 -29.06 -14.24 34.91
N LEU C 39 -28.84 -13.31 33.96
CA LEU C 39 -29.94 -12.51 33.36
C LEU C 39 -30.96 -13.36 32.60
N TRP C 40 -30.46 -14.39 31.92
CA TRP C 40 -31.33 -15.29 31.19
C TRP C 40 -32.29 -15.91 32.14
N LYS C 41 -31.74 -16.35 33.30
CA LYS C 41 -32.47 -17.07 34.32
C LYS C 41 -33.53 -16.15 34.94
N ASP C 42 -33.17 -14.88 35.15
CA ASP C 42 -34.12 -13.86 35.58
C ASP C 42 -35.23 -13.66 34.56
N PHE C 43 -34.86 -13.68 33.27
CA PHE C 43 -35.80 -13.52 32.17
C PHE C 43 -36.70 -14.74 32.14
N PHE C 44 -36.09 -15.91 32.15
CA PHE C 44 -36.85 -17.13 31.91
C PHE C 44 -37.97 -17.40 32.93
N LYS C 45 -37.74 -17.14 34.23
CA LYS C 45 -38.76 -17.42 35.28
C LYS C 45 -39.97 -16.45 35.25
N ALA C 46 -39.82 -15.36 34.50
CA ALA C 46 -40.90 -14.39 34.35
C ALA C 46 -42.13 -15.00 33.66
N PHE C 47 -41.90 -15.90 32.71
CA PHE C 47 -42.98 -16.39 31.86
C PHE C 47 -43.02 -17.93 31.77
N SER C 48 -41.96 -18.63 32.11
CA SER C 48 -42.02 -20.10 32.02
C SER C 48 -43.01 -20.71 32.99
N PHE C 49 -43.62 -21.83 32.60
CA PHE C 49 -44.53 -22.64 33.41
C PHE C 49 -45.77 -21.85 33.88
N LYS C 50 -46.14 -20.88 33.05
CA LYS C 50 -47.38 -20.14 33.18
C LYS C 50 -48.10 -20.26 31.84
N ASN C 51 -49.43 -20.06 31.84
CA ASN C 51 -50.20 -19.92 30.60
C ASN C 51 -49.58 -18.78 29.83
N PRO C 52 -49.82 -18.70 28.52
CA PRO C 52 -49.21 -17.58 27.81
C PRO C 52 -49.80 -16.24 28.22
N CYS C 53 -51.05 -16.22 28.65
CA CYS C 53 -51.72 -14.97 29.04
C CYS C 53 -51.63 -14.63 30.52
N ASP C 54 -50.79 -15.35 31.26
CA ASP C 54 -50.70 -15.17 32.73
C ASP C 54 -49.53 -14.26 33.15
N LEU C 55 -49.61 -12.96 32.84
CA LEU C 55 -48.55 -12.02 33.25
C LEU C 55 -49.09 -10.64 33.62
N ASP C 56 -48.51 -10.06 34.65
CA ASP C 56 -48.80 -8.68 35.05
C ASP C 56 -47.55 -7.82 35.02
N LEU C 57 -47.75 -6.53 35.23
CA LEU C 57 -46.66 -5.61 35.32
C LEU C 57 -45.48 -6.20 36.09
N GLY C 58 -45.73 -6.92 37.17
CA GLY C 58 -44.65 -7.42 38.04
C GLY C 58 -43.88 -8.66 37.60
N SER C 59 -44.25 -9.26 36.47
CA SER C 59 -43.69 -10.55 36.08
C SER C 59 -42.21 -10.48 35.83
N TYR C 60 -41.77 -9.45 35.12
CA TYR C 60 -40.37 -9.26 34.73
C TYR C 60 -39.59 -8.24 35.60
N LYS C 61 -40.10 -7.92 36.78
CA LYS C 61 -39.42 -7.00 37.72
C LYS C 61 -37.94 -7.34 37.95
N ASP C 62 -37.64 -8.60 38.30
CA ASP C 62 -36.26 -9.01 38.61
C ASP C 62 -35.33 -8.91 37.43
N PHE C 63 -35.79 -9.39 36.27
CA PHE C 63 -35.03 -9.23 35.04
C PHE C 63 -34.66 -7.79 34.82
N PHE C 64 -35.61 -6.85 34.83
CA PHE C 64 -35.22 -5.44 34.60
C PHE C 64 -34.38 -4.84 35.71
N THR C 65 -34.64 -5.25 36.94
CA THR C 65 -33.76 -4.83 38.03
C THR C 65 -32.33 -5.16 37.68
N SER C 66 -32.06 -6.42 37.30
CA SER C 66 -30.71 -6.83 36.91
C SER C 66 -30.20 -6.20 35.62
N ALA C 67 -31.08 -6.00 34.64
CA ALA C 67 -30.69 -5.51 33.32
C ALA C 67 -30.51 -4.00 33.26
N GLN C 68 -30.96 -3.29 34.31
CA GLN C 68 -30.99 -1.83 34.28
C GLN C 68 -29.62 -1.20 34.24
N GLN C 69 -29.42 -0.34 33.26
CA GLN C 69 -28.21 0.44 33.15
C GLN C 69 -28.56 1.82 33.59
N GLN C 70 -27.58 2.57 34.10
CA GLN C 70 -27.75 3.99 34.28
C GLN C 70 -27.55 4.74 32.94
N LEU C 71 -28.39 5.75 32.70
CA LEU C 71 -28.46 6.39 31.39
C LEU C 71 -27.89 7.81 31.39
N PRO C 72 -27.13 8.18 30.34
CA PRO C 72 -26.44 9.47 30.32
C PRO C 72 -27.35 10.70 30.27
N LYS C 73 -27.03 11.69 31.09
CA LYS C 73 -27.75 12.95 31.14
C LYS C 73 -28.01 13.51 29.77
N ASN C 74 -29.27 13.83 29.54
CA ASN C 74 -29.70 14.61 28.37
C ASN C 74 -29.85 13.85 27.07
N LYS C 75 -29.55 12.55 27.09
CA LYS C 75 -29.56 11.72 25.88
C LYS C 75 -30.77 10.83 25.69
N VAL C 76 -31.55 10.59 26.74
CA VAL C 76 -32.62 9.62 26.65
C VAL C 76 -33.73 10.08 25.77
N MET C 77 -34.20 9.17 24.94
CA MET C 77 -35.27 9.45 24.05
C MET C 77 -36.35 8.43 24.09
N PHE C 78 -37.56 8.93 23.91
CA PHE C 78 -38.75 8.14 23.71
C PHE C 78 -39.36 8.62 22.39
N TRP C 79 -40.09 7.67 21.78
CA TRP C 79 -40.68 7.79 20.46
C TRP C 79 -42.06 7.10 20.45
N SER C 80 -42.97 7.62 19.61
CA SER C 80 -44.29 7.02 19.41
C SER C 80 -44.71 7.25 17.96
N GLY C 81 -44.94 6.14 17.26
CA GLY C 81 -45.47 6.10 15.94
C GLY C 81 -44.45 6.27 14.86
N VAL C 82 -43.19 6.48 15.28
CA VAL C 82 -42.09 6.82 14.36
C VAL C 82 -40.81 6.04 14.58
N TYR C 83 -40.90 4.72 14.70
CA TYR C 83 -39.70 3.89 14.91
C TYR C 83 -38.49 4.21 14.02
N ASP C 84 -38.56 3.99 12.70
CA ASP C 84 -37.39 4.26 11.82
C ASP C 84 -36.76 5.66 12.02
N GLU C 85 -37.59 6.71 12.04
CA GLU C 85 -37.05 8.05 12.05
C GLU C 85 -36.40 8.36 13.43
N ALA C 86 -37.11 8.05 14.51
CA ALA C 86 -36.54 8.13 15.85
C ALA C 86 -35.18 7.44 15.88
N HIS C 87 -35.13 6.15 15.55
CA HIS C 87 -33.85 5.43 15.53
C HIS C 87 -32.80 5.95 14.51
N ASP C 88 -33.20 6.31 13.28
CA ASP C 88 -32.25 7.00 12.38
C ASP C 88 -31.69 8.28 13.03
N TYR C 89 -32.58 9.15 13.53
CA TYR C 89 -32.13 10.39 14.11
C TYR C 89 -31.25 10.14 15.32
N ALA C 90 -31.69 9.27 16.23
CA ALA C 90 -30.92 8.95 17.43
C ALA C 90 -29.56 8.37 17.06
N ASN C 91 -29.51 7.62 15.97
CA ASN C 91 -28.23 7.22 15.40
C ASN C 91 -27.37 6.27 16.29
N THR C 92 -27.94 5.14 16.65
CA THR C 92 -27.27 4.11 17.42
C THR C 92 -26.58 4.65 18.66
N GLY C 93 -27.23 5.59 19.34
CA GLY C 93 -26.72 6.13 20.60
C GLY C 93 -25.70 7.24 20.48
N ARG C 94 -25.37 7.61 19.27
CA ARG C 94 -24.43 8.68 19.11
C ARG C 94 -25.11 10.04 19.40
N LYS C 95 -26.38 10.17 19.08
CA LYS C 95 -27.07 11.44 19.34
C LYS C 95 -28.12 11.35 20.46
N TYR C 96 -28.91 10.29 20.46
CA TYR C 96 -29.75 10.03 21.58
C TYR C 96 -29.61 8.58 21.85
N ILE C 97 -30.14 8.15 22.98
CA ILE C 97 -30.26 6.73 23.34
C ILE C 97 -31.71 6.34 23.14
N THR C 98 -31.96 5.11 22.71
CA THR C 98 -33.33 4.61 22.79
C THR C 98 -33.39 3.31 23.58
N LEU C 99 -34.58 2.98 24.03
CA LEU C 99 -34.80 1.75 24.71
C LEU C 99 -34.01 0.58 24.04
N GLU C 100 -34.05 0.58 22.70
CA GLU C 100 -33.47 -0.47 21.84
C GLU C 100 -31.94 -0.48 21.86
N ASP C 101 -31.36 0.57 22.43
CA ASP C 101 -29.93 0.67 22.57
C ASP C 101 -29.50 0.06 23.88
N THR C 102 -30.43 -0.06 24.79
CA THR C 102 -30.08 -0.49 26.12
C THR C 102 -30.05 -1.99 26.04
N LEU C 103 -29.33 -2.56 26.98
CA LEU C 103 -29.11 -3.99 27.00
C LEU C 103 -30.43 -4.76 26.84
N PRO C 104 -31.43 -4.52 27.74
CA PRO C 104 -32.63 -5.32 27.57
C PRO C 104 -33.43 -5.01 26.32
N GLY C 105 -33.40 -3.76 25.85
CA GLY C 105 -34.10 -3.41 24.62
C GLY C 105 -33.43 -4.17 23.50
N TYR C 106 -32.12 -4.11 23.47
CA TYR C 106 -31.35 -4.74 22.39
C TYR C 106 -31.44 -6.26 22.43
N MET C 107 -31.37 -6.90 23.61
CA MET C 107 -31.53 -8.37 23.60
C MET C 107 -32.89 -8.89 23.06
N LEU C 108 -33.98 -8.13 23.26
CA LEU C 108 -35.34 -8.63 23.03
C LEU C 108 -36.07 -8.04 21.83
N ASN C 109 -35.51 -6.97 21.26
CA ASN C 109 -36.10 -6.31 20.09
C ASN C 109 -36.67 -7.25 19.02
N SER C 110 -37.98 -7.16 18.80
CA SER C 110 -38.68 -7.96 17.78
C SER C 110 -38.63 -9.49 17.97
N LEU C 111 -38.02 -9.99 19.04
CA LEU C 111 -38.16 -11.41 19.35
C LEU C 111 -39.57 -11.70 19.88
N VAL C 112 -39.94 -12.97 19.78
CA VAL C 112 -41.30 -13.46 20.04
C VAL C 112 -41.22 -14.74 20.89
N TRP C 113 -41.82 -14.70 22.08
CA TRP C 113 -41.78 -15.83 23.03
C TRP C 113 -43.04 -15.90 23.87
N CYS C 114 -43.32 -17.07 24.46
CA CYS C 114 -44.47 -17.24 25.36
C CYS C 114 -44.34 -18.48 26.21
N GLY C 115 -44.99 -18.45 27.38
CA GLY C 115 -44.98 -19.56 28.32
C GLY C 115 -46.01 -20.62 27.98
N GLN C 116 -45.77 -21.82 28.48
CA GLN C 116 -46.77 -22.91 28.53
C GLN C 116 -46.55 -23.65 29.85
N ARG C 117 -47.57 -24.28 30.39
CA ARG C 117 -47.45 -24.91 31.71
C ARG C 117 -46.61 -26.18 31.74
N ALA C 118 -46.52 -26.86 30.60
CA ALA C 118 -45.79 -28.13 30.46
C ALA C 118 -44.34 -27.99 29.99
N ASN C 119 -43.55 -29.05 30.22
CA ASN C 119 -42.19 -29.17 29.67
C ASN C 119 -42.07 -28.67 28.22
N PRO C 120 -41.04 -27.87 27.95
CA PRO C 120 -40.20 -27.33 29.02
C PRO C 120 -40.51 -25.85 29.26
N GLY C 121 -41.75 -25.53 29.63
CA GLY C 121 -42.11 -24.22 30.13
C GLY C 121 -42.44 -23.16 29.10
N PHE C 122 -42.04 -23.37 27.86
CA PHE C 122 -42.28 -22.37 26.85
C PHE C 122 -42.62 -23.05 25.55
N ASN C 123 -43.27 -22.29 24.67
CA ASN C 123 -43.75 -22.84 23.41
C ASN C 123 -42.89 -22.46 22.23
N GLU C 124 -42.24 -23.44 21.62
CA GLU C 124 -41.49 -23.22 20.39
C GLU C 124 -42.43 -23.30 19.16
N LYS C 125 -43.66 -23.80 19.34
CA LYS C 125 -44.59 -23.99 18.22
C LYS C 125 -45.43 -22.73 17.90
N VAL C 126 -46.12 -22.20 18.91
CA VAL C 126 -47.10 -21.14 18.66
C VAL C 126 -47.25 -20.19 19.85
N CYS C 127 -47.65 -18.95 19.57
CA CYS C 127 -47.85 -17.95 20.60
C CYS C 127 -49.14 -17.16 20.36
N PRO C 128 -49.95 -16.99 21.42
CA PRO C 128 -51.25 -16.35 21.25
C PRO C 128 -51.10 -14.95 20.70
N ASP C 129 -51.86 -14.65 19.64
CA ASP C 129 -51.87 -13.31 19.05
C ASP C 129 -52.10 -12.25 20.10
N PHE C 130 -51.37 -11.17 19.94
CA PHE C 130 -51.19 -10.14 20.95
C PHE C 130 -52.56 -9.72 21.50
N LYS C 131 -53.48 -9.43 20.59
CA LYS C 131 -54.80 -8.88 20.94
C LYS C 131 -55.69 -9.87 21.71
N THR C 132 -55.25 -11.12 21.82
CA THR C 132 -55.95 -12.17 22.60
C THR C 132 -55.87 -11.99 24.12
N CYS C 133 -54.67 -11.72 24.64
CA CYS C 133 -54.42 -11.60 26.10
C CYS C 133 -54.95 -10.28 26.67
N PRO C 134 -55.13 -10.21 28.01
CA PRO C 134 -55.45 -8.95 28.71
C PRO C 134 -54.32 -7.92 28.67
N VAL C 135 -54.68 -6.63 28.71
CA VAL C 135 -53.74 -5.51 28.55
C VAL C 135 -52.43 -5.67 29.33
N GLN C 136 -52.55 -5.99 30.62
CA GLN C 136 -51.38 -6.05 31.49
C GLN C 136 -50.44 -7.24 31.19
N ALA C 137 -50.93 -8.21 30.41
CA ALA C 137 -50.10 -9.37 30.07
C ALA C 137 -49.49 -9.24 28.68
N ARG C 138 -50.19 -8.56 27.76
CA ARG C 138 -49.61 -8.27 26.44
C ARG C 138 -48.63 -7.11 26.50
N GLU C 139 -48.71 -6.32 27.57
CA GLU C 139 -47.80 -5.18 27.77
C GLU C 139 -46.81 -5.47 28.88
N SER C 140 -46.89 -6.67 29.46
CA SER C 140 -46.08 -7.00 30.61
C SER C 140 -44.57 -6.79 30.39
N PHE C 141 -44.03 -7.32 29.29
CA PHE C 141 -42.60 -7.13 29.01
C PHE C 141 -42.16 -5.69 28.59
N TRP C 142 -42.67 -5.18 27.46
CA TRP C 142 -42.30 -3.84 27.05
C TRP C 142 -42.85 -2.76 27.94
N GLY C 143 -43.85 -3.08 28.77
CA GLY C 143 -44.41 -2.08 29.66
C GLY C 143 -43.47 -1.82 30.84
N MET C 144 -42.85 -2.90 31.33
CA MET C 144 -41.88 -2.76 32.41
C MET C 144 -40.57 -2.15 31.87
N ALA C 145 -40.09 -2.68 30.74
CA ALA C 145 -38.97 -2.06 30.04
C ALA C 145 -39.12 -0.57 29.94
N SER C 146 -40.24 -0.09 29.40
CA SER C 146 -40.45 1.37 29.25
C SER C 146 -40.46 2.12 30.58
N SER C 147 -41.09 1.52 31.61
CA SER C 147 -41.05 2.06 32.97
C SER C 147 -39.66 2.21 33.53
N SER C 148 -38.87 1.15 33.45
CA SER C 148 -37.53 1.07 34.10
C SER C 148 -36.54 2.03 33.46
N TYR C 149 -36.62 2.11 32.14
CA TYR C 149 -35.82 2.99 31.33
C TYR C 149 -36.20 4.42 31.68
N ALA C 150 -37.49 4.72 31.75
CA ALA C 150 -37.92 6.07 32.13
C ALA C 150 -37.57 6.36 33.58
N HIS C 151 -37.64 5.36 34.42
CA HIS C 151 -37.22 5.55 35.78
C HIS C 151 -35.75 5.94 35.82
N SER C 152 -34.98 5.54 34.81
CA SER C 152 -33.54 5.77 34.81
C SER C 152 -33.06 7.04 34.07
N ALA C 153 -33.94 7.67 33.30
CA ALA C 153 -33.73 8.98 32.63
C ALA C 153 -33.30 10.15 33.55
N GLU C 154 -32.24 10.86 33.16
CA GLU C 154 -31.74 12.01 33.95
C GLU C 154 -31.59 13.22 33.05
N GLY C 155 -31.69 14.41 33.66
CA GLY C 155 -31.62 15.66 32.90
C GLY C 155 -32.70 15.78 31.84
N GLU C 156 -32.34 16.14 30.62
CA GLU C 156 -33.34 16.40 29.61
C GLU C 156 -33.68 15.14 28.76
N VAL C 157 -34.96 14.91 28.52
CA VAL C 157 -35.43 13.71 27.80
C VAL C 157 -36.14 14.18 26.55
N THR C 158 -36.17 13.34 25.53
CA THR C 158 -36.70 13.75 24.23
C THR C 158 -37.80 12.83 23.75
N TYR C 159 -38.84 13.41 23.20
CA TYR C 159 -39.97 12.63 22.81
C TYR C 159 -40.36 12.95 21.36
N MET C 160 -40.10 12.00 20.49
CA MET C 160 -40.40 12.21 19.11
C MET C 160 -41.70 11.49 18.78
N VAL C 161 -42.64 12.24 18.19
CA VAL C 161 -43.99 11.78 17.85
C VAL C 161 -44.42 12.00 16.38
N ASP C 162 -45.39 11.21 15.93
CA ASP C 162 -46.00 11.38 14.63
C ASP C 162 -47.10 12.45 14.71
N GLY C 163 -46.99 13.46 13.86
CA GLY C 163 -47.89 14.61 13.92
C GLY C 163 -48.80 14.64 12.72
N SER C 164 -48.67 13.64 11.86
CA SER C 164 -49.49 13.51 10.66
C SER C 164 -50.43 12.31 10.72
N ASN C 165 -50.73 11.81 11.93
CA ASN C 165 -51.66 10.67 12.04
C ASN C 165 -53.07 10.99 12.57
N PRO C 166 -54.06 11.06 11.65
CA PRO C 166 -55.41 11.46 12.03
C PRO C 166 -56.09 10.54 13.07
N LYS C 167 -55.69 9.27 13.13
CA LYS C 167 -56.30 8.31 14.06
C LYS C 167 -55.70 8.44 15.47
N VAL C 168 -54.43 8.80 15.53
CA VAL C 168 -53.61 8.62 16.72
C VAL C 168 -52.99 9.95 17.14
N PRO C 169 -53.43 10.52 18.28
CA PRO C 169 -52.87 11.85 18.56
C PRO C 169 -51.42 11.78 18.99
N ALA C 170 -50.74 12.91 18.89
CA ALA C 170 -49.39 12.99 19.33
C ALA C 170 -49.21 12.39 20.74
N TYR C 171 -49.99 12.83 21.74
CA TYR C 171 -49.95 12.24 23.08
C TYR C 171 -51.25 11.53 23.48
N ARG C 172 -51.14 10.29 23.94
CA ARG C 172 -52.29 9.53 24.41
C ARG C 172 -52.03 8.96 25.79
N PRO C 173 -52.89 9.29 26.78
CA PRO C 173 -52.76 8.73 28.12
C PRO C 173 -52.45 7.23 28.15
N ASP C 174 -52.82 6.50 27.11
CA ASP C 174 -52.58 5.07 27.13
C ASP C 174 -51.53 4.51 26.16
N SER C 175 -50.79 5.35 25.47
CA SER C 175 -49.65 4.83 24.73
C SER C 175 -48.70 4.22 25.78
N PHE C 176 -47.60 3.65 25.34
CA PHE C 176 -46.56 3.22 26.27
C PHE C 176 -46.00 4.48 26.88
N PHE C 177 -46.03 5.56 26.13
CA PHE C 177 -45.53 6.79 26.67
C PHE C 177 -46.33 7.36 27.84
N GLY C 178 -47.59 7.68 27.57
CA GLY C 178 -48.48 8.25 28.58
C GLY C 178 -48.74 7.32 29.76
N LYS C 179 -48.49 6.03 29.56
CA LYS C 179 -48.79 4.99 30.57
C LYS C 179 -47.56 4.51 31.36
N TYR C 180 -46.43 4.31 30.67
CA TYR C 180 -45.25 3.77 31.34
C TYR C 180 -44.08 4.74 31.40
N GLU C 181 -43.94 5.54 30.37
CA GLU C 181 -42.82 6.44 30.29
C GLU C 181 -43.04 7.70 31.15
N LEU C 182 -43.85 8.61 30.64
CA LEU C 182 -44.09 9.84 31.36
C LEU C 182 -44.42 9.66 32.85
N PRO C 183 -45.30 8.71 33.24
CA PRO C 183 -45.51 8.59 34.69
C PRO C 183 -44.30 8.11 35.49
N ASN C 184 -43.31 7.52 34.82
CA ASN C 184 -42.12 7.09 35.55
C ASN C 184 -40.94 8.05 35.52
N LEU C 185 -41.07 9.15 34.77
CA LEU C 185 -40.10 10.21 34.90
C LEU C 185 -40.00 10.58 36.36
N THR C 186 -38.77 10.74 36.83
CA THR C 186 -38.49 11.10 38.21
C THR C 186 -37.82 12.47 38.29
N ASN C 187 -37.56 12.89 39.53
CA ASN C 187 -36.84 14.14 39.86
C ASN C 187 -35.44 14.25 39.23
N LYS C 188 -34.97 13.22 38.53
CA LYS C 188 -33.68 13.27 37.81
C LYS C 188 -33.87 13.97 36.48
N VAL C 189 -35.12 14.25 36.13
CA VAL C 189 -35.42 14.79 34.81
C VAL C 189 -35.69 16.24 34.97
N THR C 190 -35.23 17.03 34.01
CA THR C 190 -35.47 18.44 34.15
C THR C 190 -36.36 18.99 33.06
N ARG C 191 -36.32 18.39 31.88
CA ARG C 191 -37.15 18.94 30.84
C ARG C 191 -37.72 17.87 29.95
N VAL C 192 -38.81 18.19 29.27
CA VAL C 192 -39.30 17.31 28.25
C VAL C 192 -39.28 18.14 26.97
N LYS C 193 -38.60 17.58 25.97
CA LYS C 193 -38.40 18.21 24.67
C LYS C 193 -39.13 17.37 23.63
N VAL C 194 -40.15 17.96 23.01
CA VAL C 194 -40.97 17.22 22.05
C VAL C 194 -40.55 17.56 20.65
N ILE C 195 -40.23 16.54 19.89
CA ILE C 195 -40.07 16.74 18.50
C ILE C 195 -41.28 16.13 17.81
N VAL C 196 -42.02 17.00 17.11
CA VAL C 196 -43.15 16.59 16.29
C VAL C 196 -42.69 16.32 14.87
N LEU C 197 -42.82 15.07 14.46
CA LEU C 197 -42.40 14.67 13.13
C LEU C 197 -43.58 14.85 12.22
N HIS C 198 -43.40 15.63 11.14
CA HIS C 198 -44.48 15.88 10.21
C HIS C 198 -44.21 15.27 8.86
N ARG C 199 -44.86 14.15 8.57
CA ARG C 199 -44.56 13.35 7.39
C ARG C 199 -44.60 14.11 6.05
N LEU C 200 -43.58 13.85 5.21
CA LEU C 200 -43.41 14.56 3.95
C LEU C 200 -44.56 14.29 3.00
N GLY C 201 -45.29 15.34 2.65
CA GLY C 201 -46.47 15.19 1.80
C GLY C 201 -47.72 14.55 2.41
N GLU C 202 -47.74 14.37 3.73
CA GLU C 202 -48.99 14.10 4.46
C GLU C 202 -49.57 15.42 5.06
N LYS C 203 -50.85 15.44 5.39
CA LYS C 203 -51.43 16.63 6.00
C LYS C 203 -51.02 16.75 7.47
N ILE C 204 -50.62 17.93 7.89
CA ILE C 204 -50.18 18.13 9.25
C ILE C 204 -51.39 18.06 10.17
N ILE C 205 -51.31 17.24 11.21
CA ILE C 205 -52.43 17.09 12.12
C ILE C 205 -52.15 17.76 13.45
N GLU C 206 -51.04 17.36 14.06
CA GLU C 206 -50.72 17.79 15.41
C GLU C 206 -49.71 18.94 15.43
N LYS C 207 -50.09 20.06 16.04
CA LYS C 207 -49.20 21.20 16.21
C LYS C 207 -48.89 21.49 17.68
N CYS C 208 -47.67 21.93 17.98
CA CYS C 208 -47.34 22.36 19.35
C CYS C 208 -48.24 23.49 19.82
N GLY C 209 -48.70 23.40 21.06
CA GLY C 209 -49.61 24.43 21.62
C GLY C 209 -51.09 24.27 21.29
N ALA C 210 -51.44 23.16 20.67
CA ALA C 210 -52.83 22.78 20.48
C ALA C 210 -53.00 21.26 20.74
N GLY C 211 -54.23 20.85 21.03
CA GLY C 211 -54.59 19.44 21.03
C GLY C 211 -53.89 18.64 22.09
N SER C 212 -53.50 17.43 21.73
CA SER C 212 -52.93 16.50 22.69
C SER C 212 -51.64 17.11 23.28
N LEU C 213 -50.97 17.95 22.48
CA LEU C 213 -49.66 18.49 22.91
C LEU C 213 -49.81 19.58 23.94
N LEU C 214 -50.96 20.26 23.95
CA LEU C 214 -51.19 21.30 24.97
C LEU C 214 -51.47 20.60 26.27
N ASP C 215 -52.16 19.46 26.18
CA ASP C 215 -52.45 18.58 27.29
C ASP C 215 -51.15 18.01 27.87
N LEU C 216 -50.21 17.63 26.99
CA LEU C 216 -48.87 17.21 27.41
C LEU C 216 -48.14 18.34 28.10
N GLU C 217 -48.09 19.50 27.47
CA GLU C 217 -47.48 20.70 28.06
C GLU C 217 -47.90 20.89 29.53
N LYS C 218 -49.21 20.80 29.77
CA LYS C 218 -49.75 21.01 31.12
C LYS C 218 -49.37 19.92 32.12
N LEU C 219 -49.43 18.66 31.70
CA LEU C 219 -49.01 17.54 32.55
C LEU C 219 -47.52 17.65 32.94
N VAL C 220 -46.69 18.04 31.96
CA VAL C 220 -45.24 18.18 32.15
C VAL C 220 -44.89 19.30 33.12
N LYS C 221 -45.46 20.47 32.85
CA LYS C 221 -45.35 21.61 33.74
C LYS C 221 -45.82 21.34 35.16
N ALA C 222 -46.79 20.44 35.33
CA ALA C 222 -47.30 20.13 36.67
C ALA C 222 -46.24 19.38 37.48
N LYS C 223 -45.36 18.67 36.76
CA LYS C 223 -44.35 17.85 37.39
C LYS C 223 -43.05 18.62 37.46
N HIS C 224 -43.18 19.94 37.52
CA HIS C 224 -42.06 20.91 37.56
C HIS C 224 -40.92 20.56 36.61
N PHE C 225 -41.30 20.04 35.44
CA PHE C 225 -40.39 19.86 34.34
C PHE C 225 -40.53 21.01 33.35
N ALA C 226 -39.42 21.46 32.77
CA ALA C 226 -39.44 22.41 31.68
C ALA C 226 -39.96 21.73 30.42
N PHE C 227 -40.49 22.52 29.50
CA PHE C 227 -41.04 21.96 28.30
C PHE C 227 -40.72 22.79 27.06
N ASP C 228 -40.11 22.20 26.05
CA ASP C 228 -40.18 22.81 24.74
C ASP C 228 -40.73 21.81 23.71
N CYS C 229 -41.08 22.32 22.52
CA CYS C 229 -41.69 21.55 21.46
C CYS C 229 -41.32 22.15 20.12
N VAL C 230 -40.87 21.31 19.22
CA VAL C 230 -40.52 21.77 17.89
C VAL C 230 -41.04 20.76 16.83
N GLU C 231 -41.28 21.27 15.62
CA GLU C 231 -41.84 20.51 14.51
C GLU C 231 -40.90 20.52 13.37
N ASN C 232 -40.54 19.30 12.95
CA ASN C 232 -39.62 19.11 11.83
C ASN C 232 -38.43 20.04 11.93
N PRO C 233 -37.66 19.89 13.02
CA PRO C 233 -36.45 20.66 12.94
C PRO C 233 -35.56 20.15 11.81
N ARG C 234 -34.73 21.04 11.30
CA ARG C 234 -33.97 20.81 10.09
C ARG C 234 -33.22 19.48 10.13
N ALA C 235 -32.49 19.21 11.21
CA ALA C 235 -31.79 17.93 11.36
C ALA C 235 -32.73 16.79 11.00
N VAL C 236 -33.96 16.84 11.50
CA VAL C 236 -34.91 15.76 11.23
C VAL C 236 -35.41 15.85 9.77
N LEU C 237 -35.79 17.06 9.32
CA LEU C 237 -36.29 17.25 7.96
C LEU C 237 -35.37 16.65 6.93
N PHE C 238 -34.07 16.86 7.06
CA PHE C 238 -33.14 16.47 6.00
C PHE C 238 -33.01 14.98 5.99
N LEU C 239 -33.25 14.41 7.16
CA LEU C 239 -33.19 13.00 7.36
C LEU C 239 -34.39 12.44 6.62
N LEU C 240 -35.54 13.12 6.71
CA LEU C 240 -36.72 12.67 5.97
C LEU C 240 -36.48 12.79 4.45
N CYS C 241 -35.84 13.90 4.05
CA CYS C 241 -35.64 14.22 2.64
C CYS C 241 -34.74 13.24 1.93
N SER C 242 -33.74 12.72 2.64
CA SER C 242 -32.88 11.72 2.01
C SER C 242 -33.70 10.62 1.35
N ASP C 243 -34.74 10.16 2.04
CA ASP C 243 -35.66 9.16 1.49
C ASP C 243 -36.69 9.66 0.49
N ASN C 244 -37.01 10.96 0.49
CA ASN C 244 -37.97 11.46 -0.48
C ASN C 244 -37.52 12.79 -1.12
N PRO C 245 -36.36 12.75 -1.81
CA PRO C 245 -35.57 13.92 -2.21
C PRO C 245 -36.31 14.94 -3.09
N ASN C 246 -37.28 14.50 -3.87
CA ASN C 246 -38.05 15.48 -4.67
C ASN C 246 -39.30 16.05 -3.99
N ALA C 247 -39.51 15.68 -2.73
CA ALA C 247 -40.61 16.19 -1.93
C ALA C 247 -40.56 17.70 -1.87
N ARG C 248 -41.73 18.34 -1.86
CA ARG C 248 -41.80 19.82 -1.90
C ARG C 248 -41.11 20.52 -0.73
N GLU C 249 -41.17 19.88 0.42
CA GLU C 249 -40.62 20.42 1.63
C GLU C 249 -39.09 20.39 1.57
N CYS C 250 -38.57 19.57 0.67
CA CYS C 250 -37.14 19.44 0.46
C CYS C 250 -36.82 20.20 -0.78
N ARG C 251 -36.56 21.49 -0.60
CA ARG C 251 -35.98 22.32 -1.66
C ARG C 251 -35.20 23.50 -1.07
N LEU C 252 -34.03 23.80 -1.65
CA LEU C 252 -33.52 25.20 -1.75
C LEU C 252 -32.34 25.30 -2.76
N ALA C 253 -31.61 26.40 -2.74
CA ALA C 253 -30.45 26.59 -3.63
C ALA C 253 -30.83 26.88 -5.10
N LYS C 254 -31.89 27.41 -5.42
N ALA D 2 0.24 0.26 22.81
CA ALA D 2 -0.29 -1.11 23.12
C ALA D 2 -1.69 -1.41 22.53
N ILE D 3 -1.89 -2.65 22.08
CA ILE D 3 -3.11 -3.09 21.35
C ILE D 3 -3.75 -4.32 22.00
N VAL D 4 -4.90 -4.13 22.65
CA VAL D 4 -5.61 -5.22 23.42
C VAL D 4 -6.60 -6.09 22.57
N PRO D 5 -6.38 -7.41 22.55
CA PRO D 5 -7.33 -8.30 21.89
C PRO D 5 -8.66 -8.35 22.63
N THR D 6 -9.72 -8.67 21.87
CA THR D 6 -11.11 -8.81 22.30
C THR D 6 -11.28 -9.98 23.25
N ARG D 7 -12.10 -9.76 24.28
CA ARG D 7 -12.25 -10.72 25.38
C ARG D 7 -13.29 -11.69 24.94
N GLU D 8 -13.07 -13.00 25.15
CA GLU D 8 -14.02 -14.07 24.81
C GLU D 8 -14.43 -14.09 23.36
N LEU D 9 -13.45 -14.31 22.48
CA LEU D 9 -13.62 -14.11 21.06
C LEU D 9 -14.59 -15.15 20.51
N GLU D 10 -14.48 -16.34 21.04
CA GLU D 10 -15.29 -17.43 20.57
C GLU D 10 -16.73 -17.11 20.90
N ASN D 11 -16.95 -16.73 22.15
CA ASN D 11 -18.27 -16.44 22.62
C ASN D 11 -18.85 -15.31 21.81
N VAL D 12 -18.06 -14.28 21.56
CA VAL D 12 -18.52 -13.14 20.80
C VAL D 12 -18.80 -13.52 19.38
N PHE D 13 -17.97 -14.40 18.85
CA PHE D 13 -18.07 -14.84 17.45
C PHE D 13 -19.36 -15.65 17.30
N LEU D 14 -19.54 -16.64 18.18
CA LEU D 14 -20.74 -17.48 18.15
C LEU D 14 -21.94 -16.69 18.56
N GLY D 15 -21.72 -15.63 19.31
CA GLY D 15 -22.84 -14.83 19.78
C GLY D 15 -23.40 -14.12 18.57
N ARG D 16 -22.49 -13.47 17.86
CA ARG D 16 -22.84 -12.67 16.72
C ARG D 16 -23.38 -13.55 15.63
N CYS D 17 -22.77 -14.71 15.37
CA CYS D 17 -23.19 -15.60 14.26
C CYS D 17 -24.57 -16.14 14.49
N LYS D 18 -24.85 -16.54 15.74
CA LYS D 18 -26.15 -17.03 16.13
C LYS D 18 -27.23 -15.97 15.96
N ASP D 19 -27.05 -14.81 16.54
CA ASP D 19 -27.96 -13.71 16.34
C ASP D 19 -28.25 -13.43 14.85
N TYR D 20 -27.20 -13.49 14.03
CA TYR D 20 -27.32 -13.07 12.65
C TYR D 20 -28.18 -14.10 11.95
N GLU D 21 -27.77 -15.35 12.10
CA GLU D 21 -28.45 -16.54 11.57
C GLU D 21 -29.94 -16.43 11.72
N ILE D 22 -30.36 -16.00 12.90
CA ILE D 22 -31.74 -16.17 13.28
C ILE D 22 -32.58 -14.92 13.20
N THR D 23 -31.95 -13.75 13.25
CA THR D 23 -32.71 -12.49 13.35
C THR D 23 -32.21 -11.38 12.47
N ARG D 24 -31.08 -11.57 11.78
CA ARG D 24 -30.49 -10.44 11.10
C ARG D 24 -30.46 -10.61 9.59
N TYR D 25 -30.90 -9.56 8.89
CA TYR D 25 -30.85 -9.47 7.42
C TYR D 25 -31.62 -10.56 6.72
N LEU D 26 -32.66 -11.04 7.39
CA LEU D 26 -33.36 -12.26 7.03
C LEU D 26 -33.86 -12.13 5.59
N ASP D 27 -34.30 -10.93 5.25
CA ASP D 27 -35.02 -10.58 4.04
C ASP D 27 -34.10 -9.98 2.97
N ILE D 28 -32.84 -9.84 3.32
CA ILE D 28 -31.90 -9.03 2.56
C ILE D 28 -30.78 -9.91 1.99
N LEU D 29 -30.35 -10.90 2.79
CA LEU D 29 -29.28 -11.77 2.40
C LEU D 29 -29.54 -13.17 2.89
N PRO D 30 -29.04 -14.14 2.16
CA PRO D 30 -29.36 -15.53 2.45
C PRO D 30 -28.61 -16.03 3.64
N ARG D 31 -29.11 -17.11 4.21
CA ARG D 31 -28.36 -17.90 5.18
C ARG D 31 -27.26 -18.69 4.49
N VAL D 32 -26.23 -19.05 5.25
CA VAL D 32 -25.17 -19.94 4.78
C VAL D 32 -25.53 -21.33 5.21
N ARG D 33 -24.84 -22.31 4.66
CA ARG D 33 -25.09 -23.71 4.96
C ARG D 33 -24.50 -24.12 6.30
N SER D 34 -23.26 -23.72 6.59
CA SER D 34 -22.51 -24.17 7.79
C SER D 34 -23.02 -23.61 9.09
N ASP D 35 -22.92 -24.39 10.17
CA ASP D 35 -23.36 -23.88 11.48
C ASP D 35 -22.32 -22.98 12.12
N CYS D 36 -22.67 -22.26 13.16
CA CYS D 36 -21.70 -21.39 13.81
C CYS D 36 -20.45 -22.16 14.28
N SER D 37 -20.62 -23.28 14.99
CA SER D 37 -19.47 -24.13 15.37
C SER D 37 -18.56 -24.50 14.21
N ALA D 38 -19.12 -24.77 13.03
CA ALA D 38 -18.29 -25.13 11.87
C ALA D 38 -17.49 -23.92 11.36
N LEU D 39 -18.13 -22.75 11.35
CA LEU D 39 -17.52 -21.51 10.91
C LEU D 39 -16.43 -21.07 11.89
N TRP D 40 -16.62 -21.39 13.16
CA TRP D 40 -15.61 -21.07 14.17
C TRP D 40 -14.34 -21.85 13.88
N LYS D 41 -14.46 -23.17 13.66
CA LYS D 41 -13.32 -24.04 13.35
C LYS D 41 -12.53 -23.56 12.12
N ASP D 42 -13.22 -23.32 11.00
CA ASP D 42 -12.55 -22.76 9.80
C ASP D 42 -11.81 -21.45 10.11
N PHE D 43 -12.37 -20.61 10.98
CA PHE D 43 -11.79 -19.31 11.37
C PHE D 43 -10.58 -19.37 12.30
N PHE D 44 -10.74 -20.12 13.37
CA PHE D 44 -9.72 -20.26 14.37
C PHE D 44 -8.48 -20.95 13.82
N LYS D 45 -8.62 -21.90 12.90
CA LYS D 45 -7.45 -22.70 12.44
C LYS D 45 -6.56 -21.87 11.52
N ALA D 46 -7.12 -20.76 11.04
CA ALA D 46 -6.39 -19.86 10.18
C ALA D 46 -5.28 -19.11 10.90
N PHE D 47 -5.39 -18.90 12.21
CA PHE D 47 -4.41 -18.09 12.92
C PHE D 47 -3.84 -18.70 14.20
N SER D 48 -4.59 -19.54 14.90
CA SER D 48 -4.13 -20.14 16.16
C SER D 48 -2.87 -20.96 16.11
N PHE D 49 -2.16 -20.98 17.24
CA PHE D 49 -0.99 -21.87 17.46
C PHE D 49 0.21 -21.54 16.55
N LYS D 50 0.34 -20.24 16.32
CA LYS D 50 1.27 -19.66 15.36
C LYS D 50 1.65 -18.29 15.90
N ASN D 51 2.89 -17.87 15.64
CA ASN D 51 3.26 -16.48 15.91
C ASN D 51 2.27 -15.51 15.24
N PRO D 52 1.93 -14.42 15.95
CA PRO D 52 0.88 -13.49 15.51
C PRO D 52 1.03 -12.98 14.08
N CYS D 53 2.23 -13.01 13.51
CA CYS D 53 2.43 -12.52 12.12
C CYS D 53 2.47 -13.71 11.13
N ASP D 54 2.23 -14.90 11.64
CA ASP D 54 2.36 -16.10 10.81
C ASP D 54 1.08 -16.46 10.02
N LEU D 55 0.79 -15.63 9.03
CA LEU D 55 -0.31 -15.86 8.13
C LEU D 55 -0.08 -15.11 6.85
N ASP D 56 -0.88 -15.44 5.86
CA ASP D 56 -0.80 -14.90 4.50
C ASP D 56 -2.22 -14.94 3.92
N LEU D 57 -2.37 -14.59 2.64
CA LEU D 57 -3.69 -14.42 1.99
C LEU D 57 -4.56 -15.67 1.90
N GLY D 58 -3.96 -16.86 1.85
CA GLY D 58 -4.79 -18.04 1.90
C GLY D 58 -5.18 -18.56 3.27
N SER D 59 -4.83 -17.84 4.33
CA SER D 59 -4.99 -18.38 5.69
C SER D 59 -6.46 -18.55 6.14
N TYR D 60 -7.30 -17.62 5.72
CA TYR D 60 -8.76 -17.58 5.98
C TYR D 60 -9.60 -18.00 4.75
N LYS D 61 -8.95 -18.58 3.74
CA LYS D 61 -9.65 -19.05 2.53
C LYS D 61 -10.84 -19.93 2.83
N ASP D 62 -10.66 -20.93 3.72
CA ASP D 62 -11.72 -21.84 4.07
C ASP D 62 -12.86 -21.13 4.80
N PHE D 63 -12.54 -20.32 5.81
CA PHE D 63 -13.61 -19.58 6.51
C PHE D 63 -14.45 -18.86 5.47
N PHE D 64 -13.81 -18.06 4.62
CA PHE D 64 -14.56 -17.37 3.57
C PHE D 64 -15.35 -18.25 2.59
N THR D 65 -14.74 -19.26 2.03
CA THR D 65 -15.54 -20.19 1.27
C THR D 65 -16.82 -20.60 2.07
N SER D 66 -16.68 -21.00 3.32
CA SER D 66 -17.83 -21.37 4.10
C SER D 66 -18.79 -20.22 4.40
N ALA D 67 -18.28 -19.02 4.61
CA ALA D 67 -19.17 -17.94 5.10
C ALA D 67 -19.70 -17.08 3.99
N GLN D 68 -19.18 -17.24 2.79
CA GLN D 68 -19.55 -16.33 1.70
C GLN D 68 -21.01 -16.55 1.29
N GLN D 69 -21.79 -15.46 1.27
CA GLN D 69 -23.21 -15.49 0.93
C GLN D 69 -23.36 -15.03 -0.52
N GLN D 70 -24.45 -15.41 -1.19
CA GLN D 70 -24.76 -14.72 -2.44
C GLN D 70 -25.42 -13.34 -2.27
N LEU D 71 -25.00 -12.43 -3.12
CA LEU D 71 -25.30 -11.06 -2.96
C LEU D 71 -26.24 -10.59 -4.04
N PRO D 72 -27.27 -9.85 -3.65
CA PRO D 72 -28.27 -9.32 -4.57
C PRO D 72 -27.64 -8.52 -5.71
N LYS D 73 -28.04 -8.81 -6.95
CA LYS D 73 -27.68 -8.02 -8.14
C LYS D 73 -27.98 -6.53 -7.94
N ASN D 74 -27.02 -5.69 -8.30
CA ASN D 74 -27.09 -4.20 -8.17
C ASN D 74 -26.99 -3.58 -6.76
N LYS D 75 -26.86 -4.37 -5.69
CA LYS D 75 -26.92 -3.76 -4.35
C LYS D 75 -25.58 -3.55 -3.68
N VAL D 76 -24.52 -4.04 -4.30
CA VAL D 76 -23.21 -4.15 -3.63
C VAL D 76 -22.44 -2.82 -3.53
N MET D 77 -22.00 -2.53 -2.32
CA MET D 77 -21.33 -1.28 -2.12
C MET D 77 -19.96 -1.49 -1.60
N PHE D 78 -19.06 -0.69 -2.16
CA PHE D 78 -17.74 -0.46 -1.65
C PHE D 78 -17.60 0.98 -1.26
N TRP D 79 -16.62 1.24 -0.39
CA TRP D 79 -16.35 2.58 0.11
C TRP D 79 -14.88 2.73 0.43
N SER D 80 -14.39 3.96 0.35
CA SER D 80 -13.03 4.24 0.79
C SER D 80 -12.98 5.59 1.53
N GLY D 81 -12.56 5.54 2.79
CA GLY D 81 -12.35 6.74 3.58
C GLY D 81 -13.62 7.41 4.09
N VAL D 82 -14.75 6.73 3.95
CA VAL D 82 -16.02 7.33 4.31
C VAL D 82 -16.92 6.37 5.05
N TYR D 83 -16.38 5.66 6.02
CA TYR D 83 -17.12 4.58 6.71
C TYR D 83 -18.49 5.06 7.17
N ASP D 84 -18.52 5.97 8.13
CA ASP D 84 -19.81 6.47 8.64
C ASP D 84 -20.83 6.87 7.59
N GLU D 85 -20.40 7.58 6.54
CA GLU D 85 -21.37 8.14 5.58
C GLU D 85 -21.89 7.09 4.60
N ALA D 86 -20.96 6.30 4.07
CA ALA D 86 -21.31 5.10 3.34
C ALA D 86 -22.26 4.15 4.09
N HIS D 87 -22.04 3.85 5.37
CA HIS D 87 -22.98 2.93 6.00
C HIS D 87 -24.28 3.63 6.38
N ASP D 88 -24.20 4.93 6.61
CA ASP D 88 -25.38 5.75 6.80
C ASP D 88 -26.27 5.60 5.57
N TYR D 89 -25.70 5.85 4.41
CA TYR D 89 -26.47 5.87 3.18
C TYR D 89 -26.96 4.47 2.77
N ALA D 90 -26.13 3.44 2.93
CA ALA D 90 -26.54 2.04 2.71
C ALA D 90 -27.66 1.62 3.61
N ASN D 91 -27.74 2.23 4.77
CA ASN D 91 -28.88 2.10 5.67
C ASN D 91 -29.17 0.67 6.06
N THR D 92 -28.14 -0.07 6.44
CA THR D 92 -28.33 -1.42 6.99
C THR D 92 -29.02 -2.42 6.06
N GLY D 93 -28.70 -2.29 4.78
CA GLY D 93 -29.03 -3.35 3.84
C GLY D 93 -30.30 -3.04 3.11
N ARG D 94 -31.09 -2.11 3.64
CA ARG D 94 -32.24 -1.60 2.91
C ARG D 94 -31.78 -1.06 1.57
N LYS D 95 -30.79 -0.16 1.52
CA LYS D 95 -30.45 0.46 0.20
C LYS D 95 -29.32 -0.20 -0.57
N TYR D 96 -28.18 -0.38 0.09
CA TYR D 96 -27.08 -1.16 -0.43
C TYR D 96 -26.60 -2.09 0.66
N ILE D 97 -25.93 -3.15 0.22
CA ILE D 97 -25.14 -4.06 1.06
C ILE D 97 -23.71 -3.53 1.19
N THR D 98 -23.16 -3.60 2.39
CA THR D 98 -21.75 -3.36 2.54
C THR D 98 -21.13 -4.67 3.04
N LEU D 99 -19.81 -4.77 3.06
CA LEU D 99 -19.16 -5.97 3.58
C LEU D 99 -19.61 -6.24 5.02
N GLU D 100 -20.00 -5.18 5.71
CA GLU D 100 -20.26 -5.27 7.18
C GLU D 100 -21.66 -5.80 7.46
N ASP D 101 -22.53 -5.72 6.45
CA ASP D 101 -23.83 -6.35 6.56
C ASP D 101 -23.72 -7.84 6.30
N THR D 102 -22.59 -8.28 5.73
CA THR D 102 -22.39 -9.73 5.44
C THR D 102 -21.96 -10.53 6.67
N LEU D 103 -22.19 -11.84 6.65
CA LEU D 103 -21.92 -12.63 7.83
C LEU D 103 -20.47 -12.49 8.33
N PRO D 104 -19.46 -12.78 7.47
CA PRO D 104 -18.09 -12.60 8.00
C PRO D 104 -17.84 -11.17 8.48
N GLY D 105 -18.31 -10.19 7.69
CA GLY D 105 -18.17 -8.77 8.01
C GLY D 105 -18.73 -8.43 9.37
N TYR D 106 -20.00 -8.70 9.55
CA TYR D 106 -20.69 -8.58 10.82
C TYR D 106 -20.04 -9.25 12.01
N MET D 107 -19.63 -10.51 11.86
CA MET D 107 -19.07 -11.23 13.05
C MET D 107 -17.76 -10.62 13.48
N LEU D 108 -16.88 -10.26 12.54
CA LEU D 108 -15.53 -9.77 12.91
C LEU D 108 -15.32 -8.24 12.94
N ASN D 109 -16.36 -7.47 12.58
CA ASN D 109 -16.23 -6.00 12.57
C ASN D 109 -15.65 -5.48 13.88
N SER D 110 -14.61 -4.63 13.80
CA SER D 110 -13.97 -4.03 15.03
C SER D 110 -13.36 -5.05 15.97
N LEU D 111 -13.41 -6.33 15.65
CA LEU D 111 -12.83 -7.27 16.57
C LEU D 111 -11.31 -7.26 16.44
N VAL D 112 -10.65 -7.66 17.51
CA VAL D 112 -9.20 -7.67 17.51
C VAL D 112 -8.75 -9.05 18.03
N TRP D 113 -7.79 -9.68 17.32
CA TRP D 113 -7.29 -10.99 17.72
C TRP D 113 -5.96 -11.30 17.07
N CYS D 114 -5.26 -12.30 17.62
CA CYS D 114 -4.00 -12.76 17.07
C CYS D 114 -3.50 -14.09 17.68
N GLY D 115 -2.76 -14.83 16.86
CA GLY D 115 -2.22 -16.11 17.26
C GLY D 115 -1.08 -15.93 18.24
N GLN D 116 -0.79 -17.00 18.99
CA GLN D 116 0.48 -17.10 19.71
C GLN D 116 0.83 -18.57 19.65
N ARG D 117 2.11 -18.91 19.57
CA ARG D 117 2.49 -20.33 19.51
C ARG D 117 1.92 -21.18 20.64
N ALA D 118 2.06 -20.71 21.88
CA ALA D 118 1.69 -21.45 23.10
C ALA D 118 0.20 -21.35 23.48
N ASN D 119 -0.26 -22.39 24.19
CA ASN D 119 -1.65 -22.52 24.64
C ASN D 119 -2.12 -21.25 25.34
N PRO D 120 -3.36 -20.83 25.09
CA PRO D 120 -4.35 -21.60 24.33
C PRO D 120 -4.37 -21.33 22.83
N GLY D 121 -3.32 -20.69 22.28
CA GLY D 121 -3.17 -20.54 20.82
C GLY D 121 -3.52 -19.18 20.26
N PHE D 122 -4.06 -18.33 21.11
CA PHE D 122 -4.27 -16.95 20.76
C PHE D 122 -3.79 -16.09 21.94
N ASN D 123 -3.63 -14.79 21.75
CA ASN D 123 -3.13 -13.94 22.83
C ASN D 123 -4.29 -13.30 23.54
N GLU D 124 -4.19 -13.24 24.85
CA GLU D 124 -5.25 -12.69 25.66
C GLU D 124 -4.79 -11.38 26.27
N LYS D 125 -3.56 -10.97 25.94
CA LYS D 125 -3.03 -9.70 26.46
C LYS D 125 -2.76 -8.64 25.40
N VAL D 126 -2.07 -9.02 24.34
CA VAL D 126 -1.51 -8.03 23.43
C VAL D 126 -1.33 -8.55 22.04
N CYS D 127 -1.71 -7.72 21.08
CA CYS D 127 -1.41 -8.00 19.68
C CYS D 127 -0.32 -7.06 19.23
N PRO D 128 0.48 -7.47 18.24
CA PRO D 128 1.48 -6.50 17.75
C PRO D 128 0.81 -5.46 16.89
N ASP D 129 1.36 -4.24 16.83
CA ASP D 129 0.86 -3.27 15.84
C ASP D 129 0.91 -3.95 14.48
N PHE D 130 -0.11 -3.73 13.67
CA PHE D 130 -0.12 -4.43 12.37
C PHE D 130 1.10 -4.19 11.46
N LYS D 131 1.79 -3.07 11.69
CA LYS D 131 2.88 -2.60 10.83
C LYS D 131 4.20 -3.31 11.10
N THR D 132 4.22 -4.12 12.15
CA THR D 132 5.34 -5.06 12.34
C THR D 132 5.20 -6.25 11.44
N CYS D 133 3.97 -6.69 11.18
CA CYS D 133 3.76 -7.87 10.36
C CYS D 133 3.88 -7.60 8.85
N PRO D 134 4.38 -8.59 8.11
CA PRO D 134 4.46 -8.37 6.67
C PRO D 134 3.05 -8.21 6.16
N VAL D 135 2.86 -7.44 5.09
CA VAL D 135 1.53 -7.07 4.56
C VAL D 135 0.54 -8.22 4.36
N GLN D 136 1.05 -9.30 3.78
CA GLN D 136 0.21 -10.41 3.54
C GLN D 136 -0.35 -10.94 4.88
N ALA D 137 0.36 -10.77 6.00
CA ALA D 137 -0.22 -11.20 7.31
C ALA D 137 -1.08 -10.11 7.93
N ARG D 138 -0.77 -8.85 7.70
CA ARG D 138 -1.60 -7.80 8.33
C ARG D 138 -2.91 -7.66 7.62
N GLU D 139 -2.93 -8.11 6.38
CA GLU D 139 -4.12 -7.90 5.56
C GLU D 139 -4.81 -9.22 5.25
N SER D 140 -4.35 -10.29 5.87
CA SER D 140 -4.92 -11.60 5.53
C SER D 140 -6.42 -11.68 5.67
N PHE D 141 -6.94 -11.35 6.85
CA PHE D 141 -8.38 -11.34 7.04
C PHE D 141 -9.14 -10.30 6.18
N TRP D 142 -9.02 -9.03 6.44
CA TRP D 142 -9.95 -8.15 5.72
C TRP D 142 -9.65 -8.10 4.24
N GLY D 143 -8.50 -8.62 3.87
CA GLY D 143 -8.04 -8.49 2.51
C GLY D 143 -8.74 -9.57 1.74
N MET D 144 -8.77 -10.75 2.33
CA MET D 144 -9.49 -11.86 1.71
C MET D 144 -11.00 -11.74 1.74
N ALA D 145 -11.54 -11.22 2.84
CA ALA D 145 -12.94 -10.90 2.98
C ALA D 145 -13.34 -9.90 1.91
N SER D 146 -12.51 -8.91 1.66
CA SER D 146 -12.79 -8.00 0.55
C SER D 146 -12.86 -8.66 -0.82
N SER D 147 -11.95 -9.61 -1.07
CA SER D 147 -11.81 -10.22 -2.38
C SER D 147 -12.98 -11.13 -2.61
N SER D 148 -13.29 -11.89 -1.56
CA SER D 148 -14.43 -12.77 -1.63
C SER D 148 -15.74 -11.99 -1.83
N TYR D 149 -15.91 -10.92 -1.06
CA TYR D 149 -17.06 -10.07 -1.23
C TYR D 149 -17.16 -9.57 -2.68
N ALA D 150 -16.08 -9.05 -3.23
CA ALA D 150 -16.21 -8.36 -4.52
C ALA D 150 -16.42 -9.38 -5.63
N HIS D 151 -15.82 -10.55 -5.44
CA HIS D 151 -15.83 -11.60 -6.43
C HIS D 151 -17.25 -12.11 -6.63
N SER D 152 -18.08 -11.90 -5.62
CA SER D 152 -19.46 -12.39 -5.59
C SER D 152 -20.44 -11.35 -6.04
N ALA D 153 -20.00 -10.14 -6.33
CA ALA D 153 -20.90 -9.11 -6.80
C ALA D 153 -21.47 -9.41 -8.19
N GLU D 154 -22.71 -8.98 -8.42
CA GLU D 154 -23.30 -9.00 -9.77
C GLU D 154 -23.92 -7.69 -10.09
N GLY D 155 -24.10 -7.42 -11.38
CA GLY D 155 -24.91 -6.28 -11.83
C GLY D 155 -24.18 -5.01 -11.56
N GLU D 156 -24.90 -3.97 -11.17
CA GLU D 156 -24.30 -2.68 -10.86
C GLU D 156 -23.66 -2.71 -9.46
N VAL D 157 -22.51 -2.05 -9.32
CA VAL D 157 -21.82 -1.93 -8.06
C VAL D 157 -21.51 -0.48 -7.84
N THR D 158 -21.39 -0.14 -6.58
CA THR D 158 -21.36 1.25 -6.20
C THR D 158 -20.17 1.51 -5.30
N TYR D 159 -19.56 2.67 -5.47
CA TYR D 159 -18.31 2.90 -4.81
C TYR D 159 -18.41 4.29 -4.25
N MET D 160 -18.32 4.41 -2.94
CA MET D 160 -18.37 5.72 -2.32
C MET D 160 -16.99 6.21 -1.85
N VAL D 161 -16.57 7.41 -2.28
CA VAL D 161 -15.23 7.89 -1.86
C VAL D 161 -15.21 9.27 -1.18
N ASP D 162 -14.04 9.65 -0.65
CA ASP D 162 -13.77 10.99 -0.12
C ASP D 162 -13.19 11.91 -1.22
N GLY D 163 -13.96 12.90 -1.64
CA GLY D 163 -13.48 13.87 -2.60
C GLY D 163 -12.81 15.06 -1.92
N SER D 164 -12.70 15.01 -0.60
CA SER D 164 -12.30 16.18 0.23
C SER D 164 -11.02 16.02 1.08
N ASN D 165 -10.26 14.93 0.87
CA ASN D 165 -9.00 14.70 1.54
C ASN D 165 -7.83 15.22 0.68
N PRO D 166 -7.04 16.16 1.24
CA PRO D 166 -5.87 16.62 0.49
C PRO D 166 -4.79 15.52 0.46
N LYS D 167 -4.63 14.82 1.57
CA LYS D 167 -3.61 13.78 1.74
C LYS D 167 -3.85 12.48 0.92
N VAL D 168 -5.06 11.94 0.95
CA VAL D 168 -5.40 10.65 0.38
C VAL D 168 -6.38 10.84 -0.79
N PRO D 169 -5.90 10.70 -2.05
CA PRO D 169 -6.78 10.92 -3.22
C PRO D 169 -8.01 9.99 -3.28
N ALA D 170 -9.08 10.45 -3.91
CA ALA D 170 -10.32 9.68 -3.94
C ALA D 170 -10.10 8.22 -4.35
N TYR D 171 -9.48 8.00 -5.52
CA TYR D 171 -9.04 6.66 -5.93
C TYR D 171 -7.55 6.36 -5.70
N ARG D 172 -7.29 5.22 -5.07
CA ARG D 172 -5.94 4.77 -4.79
C ARG D 172 -5.80 3.27 -5.05
N PRO D 173 -4.82 2.89 -5.86
CA PRO D 173 -4.48 1.49 -6.08
C PRO D 173 -4.19 0.72 -4.80
N ASP D 174 -3.71 1.41 -3.77
CA ASP D 174 -3.34 0.74 -2.53
C ASP D 174 -4.37 0.82 -1.39
N SER D 175 -5.58 1.26 -1.70
CA SER D 175 -6.69 1.15 -0.75
C SER D 175 -7.18 -0.27 -0.85
N PHE D 176 -8.03 -0.72 0.06
CA PHE D 176 -8.62 -2.06 -0.09
C PHE D 176 -9.43 -2.25 -1.38
N PHE D 177 -10.14 -1.21 -1.75
CA PHE D 177 -10.87 -1.20 -3.00
C PHE D 177 -9.90 -1.47 -4.13
N GLY D 178 -8.75 -0.81 -4.05
CA GLY D 178 -7.77 -0.84 -5.12
C GLY D 178 -6.97 -2.11 -5.20
N LYS D 179 -6.83 -2.83 -4.09
CA LYS D 179 -5.97 -4.01 -4.08
C LYS D 179 -6.74 -5.28 -4.15
N TYR D 180 -7.95 -5.28 -3.62
CA TYR D 180 -8.76 -6.50 -3.45
C TYR D 180 -10.15 -6.50 -4.09
N GLU D 181 -10.71 -5.32 -4.35
CA GLU D 181 -12.11 -5.25 -4.75
C GLU D 181 -12.19 -5.07 -6.23
N LEU D 182 -12.02 -3.84 -6.73
CA LEU D 182 -12.04 -3.58 -8.16
C LEU D 182 -11.39 -4.64 -9.06
N PRO D 183 -10.14 -5.06 -8.76
CA PRO D 183 -9.61 -6.03 -9.67
C PRO D 183 -10.26 -7.40 -9.55
N ASN D 184 -10.97 -7.68 -8.45
CA ASN D 184 -11.62 -9.02 -8.29
C ASN D 184 -13.07 -9.08 -8.82
N LEU D 185 -13.60 -7.91 -9.21
CA LEU D 185 -14.90 -7.79 -9.89
C LEU D 185 -14.96 -8.74 -11.11
N THR D 186 -16.05 -9.49 -11.32
CA THR D 186 -16.10 -10.47 -12.42
C THR D 186 -16.98 -9.97 -13.57
N ASN D 187 -17.03 -10.75 -14.66
CA ASN D 187 -17.83 -10.43 -15.88
C ASN D 187 -19.32 -10.34 -15.61
N LYS D 188 -19.72 -10.73 -14.41
CA LYS D 188 -21.10 -10.60 -13.97
C LYS D 188 -21.41 -9.18 -13.48
N VAL D 189 -20.36 -8.44 -13.14
CA VAL D 189 -20.53 -7.04 -12.86
C VAL D 189 -20.64 -6.32 -14.21
N THR D 190 -21.42 -5.25 -14.24
CA THR D 190 -21.72 -4.55 -15.47
C THR D 190 -21.41 -3.08 -15.39
N ARG D 191 -21.28 -2.57 -14.17
CA ARG D 191 -21.12 -1.13 -14.01
C ARG D 191 -20.62 -0.79 -12.63
N VAL D 192 -19.68 0.16 -12.60
CA VAL D 192 -19.21 0.80 -11.38
C VAL D 192 -19.74 2.23 -11.36
N LYS D 193 -20.62 2.49 -10.40
CA LYS D 193 -21.20 3.83 -10.15
C LYS D 193 -20.53 4.48 -8.92
N VAL D 194 -19.79 5.56 -9.16
CA VAL D 194 -19.05 6.21 -8.10
C VAL D 194 -19.83 7.38 -7.46
N ILE D 195 -19.78 7.42 -6.13
CA ILE D 195 -20.36 8.53 -5.41
C ILE D 195 -19.24 9.24 -4.68
N VAL D 196 -18.87 10.40 -5.20
CA VAL D 196 -17.89 11.26 -4.60
C VAL D 196 -18.56 12.08 -3.48
N LEU D 197 -17.98 12.01 -2.30
CA LEU D 197 -18.46 12.71 -1.16
C LEU D 197 -17.59 13.95 -1.01
N HIS D 198 -18.23 15.14 -1.02
CA HIS D 198 -17.56 16.38 -0.66
C HIS D 198 -17.96 16.86 0.74
N ARG D 199 -17.19 16.52 1.77
CA ARG D 199 -17.56 16.95 3.11
C ARG D 199 -17.86 18.46 3.15
N LEU D 200 -18.95 18.83 3.83
CA LEU D 200 -19.40 20.21 4.01
C LEU D 200 -18.39 21.05 4.76
N GLY D 201 -18.14 22.26 4.25
CA GLY D 201 -17.17 23.19 4.83
C GLY D 201 -15.72 22.99 4.43
N GLU D 202 -15.44 22.00 3.59
CA GLU D 202 -14.06 21.64 3.24
C GLU D 202 -13.76 21.87 1.79
N LYS D 203 -12.54 22.35 1.55
CA LYS D 203 -11.97 22.47 0.22
C LYS D 203 -12.20 21.16 -0.56
N ILE D 204 -12.73 21.31 -1.76
CA ILE D 204 -12.96 20.20 -2.68
C ILE D 204 -11.66 19.83 -3.42
N ILE D 205 -11.26 18.57 -3.27
CA ILE D 205 -9.99 18.16 -3.81
C ILE D 205 -10.16 17.50 -5.17
N GLU D 206 -11.02 16.48 -5.20
CA GLU D 206 -11.13 15.54 -6.31
C GLU D 206 -12.45 15.74 -6.97
N LYS D 207 -12.48 15.65 -8.29
CA LYS D 207 -13.73 15.77 -9.00
C LYS D 207 -13.83 14.72 -10.07
N CYS D 208 -15.06 14.33 -10.42
CA CYS D 208 -15.29 13.48 -11.59
C CYS D 208 -14.61 14.08 -12.83
N GLY D 209 -14.13 13.18 -13.69
CA GLY D 209 -13.52 13.56 -14.97
C GLY D 209 -12.05 13.90 -14.82
N ALA D 210 -11.59 13.97 -13.58
CA ALA D 210 -10.24 14.45 -13.28
C ALA D 210 -9.56 13.59 -12.19
N GLY D 211 -8.23 13.74 -12.11
CA GLY D 211 -7.42 13.14 -11.05
C GLY D 211 -7.55 11.65 -10.89
N SER D 212 -7.58 11.19 -9.65
CA SER D 212 -7.63 9.75 -9.40
C SER D 212 -8.94 9.18 -9.90
N LEU D 213 -9.94 10.04 -9.94
CA LEU D 213 -11.24 9.66 -10.44
C LEU D 213 -11.20 9.40 -11.93
N LEU D 214 -10.35 10.12 -12.68
CA LEU D 214 -10.19 9.85 -14.10
C LEU D 214 -9.43 8.57 -14.26
N ASP D 215 -8.42 8.39 -13.41
CA ASP D 215 -7.62 7.14 -13.38
C ASP D 215 -8.53 5.95 -13.26
N LEU D 216 -9.45 6.03 -12.30
CA LEU D 216 -10.29 4.90 -12.01
C LEU D 216 -11.28 4.63 -13.14
N GLU D 217 -11.94 5.69 -13.57
CA GLU D 217 -12.80 5.65 -14.75
C GLU D 217 -12.12 4.86 -15.87
N LYS D 218 -10.84 5.12 -16.07
CA LYS D 218 -10.06 4.42 -17.10
C LYS D 218 -9.89 2.96 -16.76
N LEU D 219 -9.50 2.67 -15.51
CA LEU D 219 -9.38 1.29 -15.01
C LEU D 219 -10.67 0.50 -15.23
N VAL D 220 -11.81 1.19 -15.10
CA VAL D 220 -13.12 0.57 -15.14
C VAL D 220 -13.49 0.14 -16.55
N LYS D 221 -13.38 1.06 -17.52
CA LYS D 221 -13.54 0.71 -18.92
C LYS D 221 -12.46 -0.27 -19.42
N ALA D 222 -11.27 -0.20 -18.86
CA ALA D 222 -10.27 -1.25 -19.14
C ALA D 222 -10.67 -2.64 -18.61
N LYS D 223 -11.55 -2.69 -17.61
CA LYS D 223 -12.11 -3.98 -17.16
C LYS D 223 -13.41 -4.36 -17.91
N HIS D 224 -13.80 -3.51 -18.86
CA HIS D 224 -15.00 -3.70 -19.69
C HIS D 224 -16.38 -3.43 -19.02
N PHE D 225 -16.39 -2.69 -17.91
CA PHE D 225 -17.62 -2.21 -17.32
C PHE D 225 -17.94 -0.78 -17.77
N ALA D 226 -19.22 -0.42 -17.67
CA ALA D 226 -19.60 0.99 -17.74
C ALA D 226 -19.24 1.76 -16.45
N PHE D 227 -19.30 3.08 -16.52
CA PHE D 227 -18.85 3.96 -15.44
C PHE D 227 -19.74 5.18 -15.41
N ASP D 228 -20.20 5.57 -14.23
CA ASP D 228 -20.73 6.92 -14.00
C ASP D 228 -20.30 7.38 -12.62
N CYS D 229 -20.26 8.70 -12.47
CA CYS D 229 -19.72 9.37 -11.30
C CYS D 229 -20.62 10.54 -10.97
N VAL D 230 -20.88 10.71 -9.69
CA VAL D 230 -21.76 11.76 -9.25
C VAL D 230 -21.19 12.31 -7.96
N GLU D 231 -21.37 13.59 -7.75
CA GLU D 231 -20.82 14.30 -6.61
C GLU D 231 -21.98 14.82 -5.76
N ASN D 232 -22.08 14.33 -4.52
CA ASN D 232 -23.19 14.72 -3.60
C ASN D 232 -24.54 14.74 -4.28
N PRO D 233 -25.10 13.55 -4.55
CA PRO D 233 -26.47 13.50 -5.03
C PRO D 233 -27.42 13.79 -3.87
N ARG D 234 -28.57 14.38 -4.19
CA ARG D 234 -29.41 15.04 -3.20
C ARG D 234 -29.60 14.15 -1.97
N ALA D 235 -29.81 12.85 -2.19
CA ALA D 235 -30.04 11.92 -1.06
C ALA D 235 -28.87 11.82 -0.09
N VAL D 236 -27.65 11.72 -0.61
CA VAL D 236 -26.48 11.70 0.22
C VAL D 236 -26.26 13.08 0.85
N LEU D 237 -26.26 14.13 0.00
CA LEU D 237 -26.25 15.49 0.53
C LEU D 237 -27.17 15.61 1.73
N PHE D 238 -28.41 15.14 1.63
CA PHE D 238 -29.31 15.29 2.78
C PHE D 238 -28.84 14.67 4.09
N LEU D 239 -28.17 13.51 4.01
CA LEU D 239 -27.64 12.83 5.21
C LEU D 239 -26.53 13.65 5.82
N LEU D 240 -25.70 14.25 4.98
CA LEU D 240 -24.63 15.11 5.45
C LEU D 240 -25.20 16.36 6.16
N CYS D 241 -26.30 16.92 5.64
CA CYS D 241 -26.86 18.13 6.20
C CYS D 241 -27.62 17.84 7.47
N SER D 242 -27.92 16.59 7.73
CA SER D 242 -28.48 16.23 9.02
C SER D 242 -27.49 16.38 10.19
N ASP D 243 -26.24 15.95 10.01
CA ASP D 243 -25.22 16.14 11.03
C ASP D 243 -24.73 17.60 11.22
N ASN D 244 -24.88 18.44 10.18
CA ASN D 244 -24.49 19.84 10.24
C ASN D 244 -25.45 20.71 9.42
N PRO D 245 -26.63 20.96 9.97
CA PRO D 245 -27.73 21.65 9.30
C PRO D 245 -27.47 23.05 8.77
N ASN D 246 -26.38 23.65 9.23
CA ASN D 246 -26.21 25.09 9.06
C ASN D 246 -25.27 25.42 7.93
N ALA D 247 -24.47 24.42 7.56
CA ALA D 247 -23.55 24.51 6.45
C ALA D 247 -24.11 25.23 5.24
N ARG D 248 -23.25 26.05 4.65
CA ARG D 248 -23.62 26.87 3.50
C ARG D 248 -24.12 25.99 2.35
N GLU D 249 -23.85 24.70 2.36
CA GLU D 249 -24.37 23.85 1.28
C GLU D 249 -25.77 23.26 1.55
N CYS D 250 -26.35 23.62 2.71
CA CYS D 250 -27.63 23.12 3.13
C CYS D 250 -28.64 24.27 3.27
N ARG D 251 -28.40 25.42 2.63
CA ARG D 251 -29.27 26.60 2.86
C ARG D 251 -30.78 26.35 2.54
N LEU D 252 -31.73 26.83 3.21
N ALA E 1 0.33 5.71 -23.77
CA ALA E 1 0.70 4.72 -22.73
C ALA E 1 -0.13 3.41 -22.77
N ALA E 2 0.38 2.43 -23.52
CA ALA E 2 -0.04 1.03 -23.40
C ALA E 2 1.24 0.32 -22.93
N ILE E 3 1.18 -0.56 -21.93
CA ILE E 3 2.44 -1.12 -21.35
C ILE E 3 3.17 -2.14 -22.25
N VAL E 4 4.36 -1.73 -22.70
CA VAL E 4 5.10 -2.43 -23.75
C VAL E 4 6.08 -3.41 -23.14
N PRO E 5 5.87 -4.72 -23.34
CA PRO E 5 6.79 -5.75 -22.88
C PRO E 5 8.17 -5.68 -23.49
N THR E 6 9.13 -6.24 -22.78
CA THR E 6 10.49 -6.20 -23.23
C THR E 6 10.67 -7.27 -24.32
N ARG E 7 11.05 -6.83 -25.51
CA ARG E 7 11.32 -7.74 -26.62
C ARG E 7 12.42 -8.70 -26.20
N GLU E 8 12.37 -9.90 -26.74
CA GLU E 8 13.39 -10.91 -26.52
C GLU E 8 13.78 -11.14 -25.07
N LEU E 9 12.76 -11.16 -24.22
CA LEU E 9 12.92 -11.37 -22.79
C LEU E 9 13.91 -12.49 -22.46
N GLU E 10 13.74 -13.67 -22.99
CA GLU E 10 14.65 -14.71 -22.59
C GLU E 10 16.09 -14.35 -22.90
N ASN E 11 16.35 -13.81 -24.10
CA ASN E 11 17.73 -13.51 -24.47
C ASN E 11 18.35 -12.45 -23.57
N VAL E 12 17.56 -11.45 -23.18
CA VAL E 12 18.02 -10.32 -22.36
C VAL E 12 18.28 -10.77 -20.93
N PHE E 13 17.52 -11.74 -20.49
CA PHE E 13 17.58 -12.19 -19.11
C PHE E 13 18.86 -13.01 -19.03
N LEU E 14 19.05 -13.85 -20.06
CA LEU E 14 20.20 -14.73 -20.16
C LEU E 14 21.49 -13.97 -20.29
N GLY E 15 21.46 -12.88 -21.08
CA GLY E 15 22.63 -12.02 -21.24
C GLY E 15 23.03 -11.48 -19.89
N ARG E 16 22.11 -10.70 -19.30
CA ARG E 16 22.32 -10.10 -17.99
C ARG E 16 22.80 -11.13 -17.03
N CYS E 17 22.27 -12.32 -17.11
CA CYS E 17 22.63 -13.29 -16.15
C CYS E 17 24.08 -13.70 -16.34
N LYS E 18 24.48 -13.93 -17.57
CA LYS E 18 25.81 -14.49 -17.81
C LYS E 18 26.87 -13.46 -17.45
N ASP E 19 26.59 -12.23 -17.87
CA ASP E 19 27.42 -11.05 -17.64
C ASP E 19 27.72 -10.84 -16.17
N TYR E 20 26.70 -10.99 -15.37
CA TYR E 20 26.80 -10.81 -13.94
C TYR E 20 27.55 -11.96 -13.36
N GLU E 21 27.26 -13.16 -13.86
CA GLU E 21 27.93 -14.37 -13.38
C GLU E 21 29.44 -14.16 -13.40
N ILE E 22 29.96 -13.74 -14.54
CA ILE E 22 31.39 -13.77 -14.78
C ILE E 22 32.13 -12.47 -14.44
N THR E 23 31.44 -11.34 -14.53
CA THR E 23 32.06 -10.01 -14.51
C THR E 23 31.48 -9.00 -13.50
N ARG E 24 30.37 -9.29 -12.83
CA ARG E 24 29.86 -8.20 -11.99
C ARG E 24 29.82 -8.56 -10.52
N TYR E 25 30.28 -7.62 -9.69
CA TYR E 25 30.19 -7.69 -8.21
C TYR E 25 31.03 -8.81 -7.58
N LEU E 26 32.11 -9.22 -8.27
CA LEU E 26 32.80 -10.48 -7.98
C LEU E 26 33.23 -10.70 -6.55
N ASP E 27 33.69 -9.61 -5.94
CA ASP E 27 34.25 -9.63 -4.59
C ASP E 27 33.34 -8.84 -3.66
N ILE E 28 32.31 -8.24 -4.23
CA ILE E 28 31.30 -7.55 -3.47
C ILE E 28 30.22 -8.54 -3.03
N LEU E 29 29.75 -9.38 -3.97
CA LEU E 29 28.69 -10.41 -3.74
C LEU E 29 29.12 -11.80 -4.24
N PRO E 30 28.66 -12.88 -3.55
CA PRO E 30 28.94 -14.25 -3.98
C PRO E 30 28.14 -14.66 -5.23
N ARG E 31 28.61 -15.70 -5.91
CA ARG E 31 27.93 -16.23 -7.08
C ARG E 31 26.87 -17.17 -6.57
N VAL E 32 25.87 -17.43 -7.41
CA VAL E 32 24.82 -18.38 -7.13
C VAL E 32 25.15 -19.76 -7.69
N ARG E 33 24.59 -20.82 -7.09
CA ARG E 33 24.84 -22.19 -7.54
C ARG E 33 24.24 -22.54 -8.91
N SER E 34 23.06 -22.02 -9.17
CA SER E 34 22.33 -22.39 -10.37
C SER E 34 22.89 -21.73 -11.63
N ASP E 35 23.03 -22.49 -12.71
CA ASP E 35 23.33 -21.88 -14.00
C ASP E 35 22.20 -20.94 -14.52
N CYS E 36 22.55 -20.07 -15.45
CA CYS E 36 21.61 -19.12 -16.03
C CYS E 36 20.40 -19.78 -16.73
N SER E 37 20.56 -21.01 -17.18
CA SER E 37 19.47 -21.76 -17.83
C SER E 37 18.40 -22.14 -16.81
N ALA E 38 18.78 -22.67 -15.64
CA ALA E 38 17.83 -23.19 -14.66
C ALA E 38 17.06 -22.05 -14.03
N LEU E 39 17.75 -20.94 -13.85
CA LEU E 39 17.18 -19.72 -13.35
C LEU E 39 16.09 -19.32 -14.29
N TRP E 40 16.35 -19.47 -15.58
CA TRP E 40 15.35 -19.15 -16.58
C TRP E 40 14.09 -20.05 -16.47
N LYS E 41 14.28 -21.38 -16.47
CA LYS E 41 13.19 -22.34 -16.26
C LYS E 41 12.40 -21.92 -15.05
N ASP E 42 13.11 -21.52 -14.00
CA ASP E 42 12.49 -21.06 -12.75
C ASP E 42 11.75 -19.76 -12.87
N PHE E 43 12.31 -18.80 -13.60
CA PHE E 43 11.66 -17.51 -13.77
C PHE E 43 10.50 -17.63 -14.77
N PHE E 44 10.73 -18.37 -15.84
CA PHE E 44 9.66 -18.60 -16.82
C PHE E 44 8.47 -19.28 -16.19
N LYS E 45 8.66 -20.42 -15.52
CA LYS E 45 7.51 -21.20 -15.06
C LYS E 45 6.51 -20.42 -14.20
N ALA E 46 6.98 -19.37 -13.55
CA ALA E 46 6.17 -18.66 -12.60
C ALA E 46 5.01 -17.92 -13.25
N PHE E 47 5.20 -17.38 -14.45
CA PHE E 47 4.17 -16.60 -15.12
C PHE E 47 3.62 -17.21 -16.40
N SER E 48 4.36 -18.10 -17.04
CA SER E 48 3.96 -18.59 -18.38
C SER E 48 2.72 -19.47 -18.41
N PHE E 49 1.98 -19.36 -19.52
CA PHE E 49 0.77 -20.11 -19.74
C PHE E 49 -0.35 -19.84 -18.71
N LYS E 50 -0.14 -18.82 -17.90
CA LYS E 50 -1.10 -18.39 -16.92
C LYS E 50 -1.59 -17.02 -17.39
N ASN E 51 -2.75 -16.60 -16.92
CA ASN E 51 -3.28 -15.27 -17.26
C ASN E 51 -2.44 -14.16 -16.62
N PRO E 52 -2.37 -12.98 -17.27
CA PRO E 52 -1.56 -11.92 -16.72
C PRO E 52 -1.81 -11.77 -15.22
N CYS E 53 -3.06 -11.72 -14.77
CA CYS E 53 -3.27 -11.38 -13.38
C CYS E 53 -3.31 -12.62 -12.51
N ASP E 54 -2.81 -13.72 -13.06
CA ASP E 54 -2.94 -15.01 -12.37
C ASP E 54 -1.66 -15.47 -11.67
N LEU E 55 -1.32 -14.77 -10.60
CA LEU E 55 -0.04 -14.85 -9.95
C LEU E 55 -0.22 -14.53 -8.48
N ASP E 56 0.52 -15.22 -7.60
CA ASP E 56 0.50 -14.82 -6.18
C ASP E 56 1.93 -14.58 -5.64
N LEU E 57 2.02 -14.08 -4.41
CA LEU E 57 3.27 -13.94 -3.66
C LEU E 57 4.08 -15.26 -3.55
N GLY E 58 3.48 -16.40 -3.89
CA GLY E 58 4.25 -17.63 -3.92
C GLY E 58 4.74 -18.04 -5.30
N SER E 59 4.35 -17.29 -6.34
CA SER E 59 4.60 -17.71 -7.73
C SER E 59 6.07 -17.93 -8.06
N TYR E 60 6.92 -16.98 -7.65
CA TYR E 60 8.33 -16.93 -8.01
C TYR E 60 9.19 -17.45 -6.90
N LYS E 61 8.60 -18.19 -5.96
CA LYS E 61 9.34 -18.60 -4.78
C LYS E 61 10.53 -19.42 -5.21
N ASP E 62 10.32 -20.36 -6.13
CA ASP E 62 11.43 -21.22 -6.59
C ASP E 62 12.60 -20.48 -7.19
N PHE E 63 12.30 -19.43 -7.94
CA PHE E 63 13.29 -18.60 -8.61
C PHE E 63 14.10 -17.89 -7.54
N PHE E 64 13.44 -17.08 -6.75
CA PHE E 64 14.10 -16.43 -5.65
C PHE E 64 14.94 -17.36 -4.78
N THR E 65 14.51 -18.60 -4.59
CA THR E 65 15.35 -19.60 -3.85
C THR E 65 16.65 -19.94 -4.60
N SER E 66 16.56 -20.14 -5.90
CA SER E 66 17.77 -20.44 -6.62
C SER E 66 18.63 -19.19 -6.61
N ALA E 67 18.00 -18.03 -6.86
CA ALA E 67 18.72 -16.75 -7.03
C ALA E 67 19.22 -15.98 -5.77
N GLN E 68 18.87 -16.41 -4.56
CA GLN E 68 19.30 -15.64 -3.38
C GLN E 68 20.79 -15.83 -3.11
N GLN E 69 21.42 -14.75 -2.68
CA GLN E 69 22.85 -14.67 -2.41
C GLN E 69 22.94 -14.36 -0.93
N GLN E 70 23.98 -14.80 -0.26
CA GLN E 70 24.20 -14.34 1.08
C GLN E 70 24.53 -12.86 0.96
N LEU E 71 23.97 -12.04 1.82
CA LEU E 71 24.28 -10.62 1.75
C LEU E 71 25.34 -10.20 2.76
N PRO E 72 26.20 -9.27 2.36
CA PRO E 72 27.28 -8.83 3.24
C PRO E 72 26.80 -8.11 4.53
N LYS E 73 27.31 -8.58 5.65
CA LYS E 73 27.06 -7.96 6.93
C LYS E 73 27.21 -6.41 6.88
N ASN E 74 26.16 -5.70 7.30
CA ASN E 74 26.22 -4.29 7.66
C ASN E 74 26.12 -3.40 6.45
N LYS E 75 26.10 -4.00 5.28
CA LYS E 75 26.16 -3.27 4.02
C LYS E 75 24.83 -3.17 3.31
N VAL E 76 23.75 -3.71 3.86
CA VAL E 76 22.47 -3.71 3.13
C VAL E 76 21.67 -2.42 3.25
N MET E 77 21.25 -1.92 2.10
CA MET E 77 20.48 -0.70 2.06
C MET E 77 19.09 -0.89 1.44
N PHE E 78 18.11 -0.24 2.05
CA PHE E 78 16.75 -0.14 1.55
C PHE E 78 16.56 1.31 1.32
N TRP E 79 15.68 1.68 0.40
CA TRP E 79 15.43 3.10 0.10
C TRP E 79 13.95 3.31 -0.24
N SER E 80 13.40 4.45 0.13
CA SER E 80 12.05 4.83 -0.27
C SER E 80 12.03 6.23 -0.82
N GLY E 81 11.60 6.36 -2.08
CA GLY E 81 11.37 7.66 -2.69
C GLY E 81 12.62 8.38 -3.15
N VAL E 82 13.71 7.65 -3.33
CA VAL E 82 14.97 8.34 -3.51
C VAL E 82 15.88 7.51 -4.37
N TYR E 83 15.37 7.03 -5.50
CA TYR E 83 16.05 5.97 -6.22
C TYR E 83 17.44 6.42 -6.67
N ASP E 84 17.51 7.58 -7.33
CA ASP E 84 18.77 8.07 -7.88
C ASP E 84 19.76 8.42 -6.74
N GLU E 85 19.25 9.09 -5.72
CA GLU E 85 20.07 9.50 -4.61
C GLU E 85 20.66 8.29 -3.90
N ALA E 86 19.85 7.32 -3.56
CA ALA E 86 20.32 6.17 -2.80
C ALA E 86 21.32 5.35 -3.59
N HIS E 87 21.10 5.25 -4.89
CA HIS E 87 21.99 4.42 -5.73
C HIS E 87 23.31 5.09 -6.05
N ASP E 88 23.36 6.43 -6.02
CA ASP E 88 24.64 7.10 -6.26
C ASP E 88 25.41 6.85 -5.01
N TYR E 89 24.78 7.10 -3.88
CA TYR E 89 25.47 6.99 -2.60
C TYR E 89 25.96 5.58 -2.33
N ALA E 90 25.08 4.60 -2.44
CA ALA E 90 25.45 3.18 -2.29
C ALA E 90 26.62 2.88 -3.19
N ASN E 91 26.65 3.53 -4.35
CA ASN E 91 27.79 3.49 -5.23
C ASN E 91 28.15 2.11 -5.84
N THR E 92 27.18 1.51 -6.53
CA THR E 92 27.47 0.30 -7.32
C THR E 92 28.18 -0.76 -6.45
N GLY E 93 27.55 -1.08 -5.33
CA GLY E 93 28.03 -2.15 -4.45
C GLY E 93 29.14 -1.73 -3.51
N ARG E 94 29.79 -0.61 -3.82
CA ARG E 94 31.03 -0.20 -3.15
C ARG E 94 30.84 0.25 -1.71
N LYS E 95 29.80 1.02 -1.46
CA LYS E 95 29.54 1.45 -0.10
C LYS E 95 28.43 0.61 0.57
N TYR E 96 27.34 0.38 -0.15
CA TYR E 96 26.29 -0.47 0.31
C TYR E 96 25.74 -1.24 -0.86
N ILE E 97 25.14 -2.40 -0.56
CA ILE E 97 24.27 -3.20 -1.46
C ILE E 97 22.82 -2.65 -1.57
N THR E 98 22.25 -2.63 -2.76
CA THR E 98 20.81 -2.41 -2.94
C THR E 98 20.21 -3.58 -3.66
N LEU E 99 18.90 -3.79 -3.56
CA LEU E 99 18.29 -4.89 -4.32
C LEU E 99 18.81 -4.96 -5.78
N GLU E 100 18.71 -3.83 -6.50
CA GLU E 100 19.21 -3.64 -7.87
C GLU E 100 20.67 -4.19 -8.06
N ASP E 101 21.42 -4.35 -6.97
CA ASP E 101 22.75 -4.99 -7.09
C ASP E 101 22.73 -6.52 -7.07
N THR E 102 21.66 -7.09 -6.56
CA THR E 102 21.62 -8.52 -6.44
C THR E 102 21.32 -9.06 -7.81
N LEU E 103 21.79 -10.28 -8.09
CA LEU E 103 21.43 -11.01 -9.32
C LEU E 103 19.97 -10.82 -9.77
N PRO E 104 19.00 -11.18 -8.89
CA PRO E 104 17.63 -11.00 -9.28
C PRO E 104 17.33 -9.55 -9.68
N GLY E 105 17.84 -8.58 -8.91
CA GLY E 105 17.48 -7.15 -9.13
C GLY E 105 18.15 -6.65 -10.39
N TYR E 106 19.42 -7.01 -10.51
CA TYR E 106 20.17 -6.75 -11.68
C TYR E 106 19.44 -7.34 -12.91
N MET E 107 19.01 -8.60 -12.85
CA MET E 107 18.50 -9.23 -14.08
C MET E 107 17.26 -8.55 -14.60
N LEU E 108 16.33 -8.26 -13.70
CA LEU E 108 15.00 -7.94 -14.10
C LEU E 108 14.72 -6.42 -14.10
N ASN E 109 15.73 -5.63 -13.69
CA ASN E 109 15.56 -4.20 -13.48
C ASN E 109 15.11 -3.48 -14.75
N SER E 110 14.00 -2.73 -14.60
CA SER E 110 13.29 -2.03 -15.67
C SER E 110 12.64 -2.95 -16.69
N LEU E 111 12.81 -4.25 -16.56
CA LEU E 111 12.13 -5.13 -17.50
C LEU E 111 10.58 -5.21 -17.37
N VAL E 112 9.87 -5.50 -18.48
CA VAL E 112 8.40 -5.58 -18.46
C VAL E 112 7.95 -6.89 -19.07
N TRP E 113 7.15 -7.67 -18.33
CA TRP E 113 6.77 -9.02 -18.78
C TRP E 113 5.47 -9.51 -18.14
N CYS E 114 4.84 -10.49 -18.78
CA CYS E 114 3.56 -11.04 -18.33
C CYS E 114 3.26 -12.29 -19.09
N GLY E 115 2.39 -13.14 -18.50
CA GLY E 115 1.87 -14.34 -19.16
C GLY E 115 0.64 -14.23 -20.08
N GLN E 116 0.37 -15.33 -20.75
CA GLN E 116 -0.88 -15.55 -21.45
C GLN E 116 -0.99 -17.06 -21.46
N ARG E 117 -2.21 -17.57 -21.63
CA ARG E 117 -2.47 -19.00 -21.76
C ARG E 117 -2.05 -19.57 -23.12
N ALA E 118 -2.44 -18.88 -24.19
CA ALA E 118 -2.08 -19.31 -25.56
C ALA E 118 -0.55 -19.44 -25.74
N ASN E 119 -0.11 -20.42 -26.54
CA ASN E 119 1.31 -20.44 -26.90
C ASN E 119 1.62 -19.07 -27.53
N PRO E 120 2.77 -18.46 -27.17
CA PRO E 120 3.89 -19.04 -26.41
C PRO E 120 3.83 -19.08 -24.88
N GLY E 121 2.80 -18.52 -24.24
CA GLY E 121 2.71 -18.57 -22.77
C GLY E 121 3.20 -17.32 -22.05
N PHE E 122 3.69 -16.36 -22.83
CA PHE E 122 3.94 -15.01 -22.35
C PHE E 122 3.48 -14.07 -23.46
N ASN E 123 3.13 -12.83 -23.11
CA ASN E 123 2.59 -11.87 -24.09
C ASN E 123 3.65 -10.87 -24.56
N GLU E 124 4.03 -10.92 -25.84
CA GLU E 124 5.13 -10.08 -26.32
C GLU E 124 4.59 -8.78 -26.93
N LYS E 125 3.28 -8.60 -26.86
CA LYS E 125 2.67 -7.49 -27.58
C LYS E 125 2.18 -6.43 -26.63
N VAL E 126 1.40 -6.82 -25.63
CA VAL E 126 0.85 -5.85 -24.69
C VAL E 126 0.89 -6.40 -23.26
N CYS E 127 0.91 -5.47 -22.30
CA CYS E 127 0.66 -5.83 -20.92
C CYS E 127 -0.22 -4.94 -20.05
N PRO E 128 -1.03 -5.58 -19.17
CA PRO E 128 -2.11 -4.79 -18.52
C PRO E 128 -1.53 -3.81 -17.53
N ASP E 129 -2.21 -2.69 -17.37
CA ASP E 129 -1.91 -1.76 -16.30
C ASP E 129 -1.92 -2.58 -15.01
N PHE E 130 -0.86 -2.51 -14.23
CA PHE E 130 -0.78 -3.27 -12.98
C PHE E 130 -1.95 -2.93 -12.02
N LYS E 131 -2.47 -1.70 -12.09
CA LYS E 131 -3.60 -1.30 -11.28
C LYS E 131 -4.83 -2.20 -11.48
N THR E 132 -4.83 -3.00 -12.55
CA THR E 132 -5.98 -3.86 -12.85
C THR E 132 -5.90 -5.28 -12.30
N CYS E 133 -4.73 -5.73 -11.86
CA CYS E 133 -4.68 -7.05 -11.25
C CYS E 133 -4.84 -6.94 -9.74
N PRO E 134 -5.05 -8.07 -9.05
CA PRO E 134 -5.05 -8.15 -7.60
C PRO E 134 -3.68 -7.82 -7.05
N VAL E 135 -3.62 -7.09 -5.95
CA VAL E 135 -2.31 -6.60 -5.51
C VAL E 135 -1.28 -7.73 -5.48
N GLN E 136 -1.68 -8.94 -5.05
CA GLN E 136 -0.71 -10.02 -4.84
C GLN E 136 -0.15 -10.53 -6.15
N ALA E 137 -0.88 -10.32 -7.25
CA ALA E 137 -0.38 -10.61 -8.60
C ALA E 137 0.60 -9.52 -9.04
N ARG E 138 0.17 -8.25 -8.96
CA ARG E 138 1.04 -7.13 -9.33
C ARG E 138 2.30 -6.90 -8.47
N GLU E 139 2.28 -7.44 -7.25
CA GLU E 139 3.42 -7.28 -6.37
C GLU E 139 4.18 -8.58 -6.30
N SER E 140 3.70 -9.56 -7.04
CA SER E 140 4.21 -10.89 -6.83
C SER E 140 5.70 -11.03 -7.11
N PHE E 141 6.25 -10.27 -8.06
CA PHE E 141 7.71 -10.32 -8.35
C PHE E 141 8.63 -9.56 -7.37
N TRP E 142 8.49 -8.23 -7.38
CA TRP E 142 9.30 -7.34 -6.58
C TRP E 142 8.95 -7.35 -5.08
N GLY E 143 7.71 -7.68 -4.74
CA GLY E 143 7.36 -7.96 -3.35
C GLY E 143 8.17 -9.12 -2.82
N MET E 144 8.24 -10.19 -3.59
CA MET E 144 8.85 -11.43 -3.12
C MET E 144 10.35 -11.21 -3.14
N ALA E 145 10.81 -10.32 -4.03
CA ALA E 145 12.21 -10.03 -4.14
C ALA E 145 12.67 -9.28 -2.91
N SER E 146 11.89 -8.28 -2.51
CA SER E 146 12.18 -7.49 -1.35
C SER E 146 12.14 -8.34 -0.11
N SER E 147 11.13 -9.16 0.00
CA SER E 147 10.96 -10.04 1.13
C SER E 147 12.19 -10.89 1.34
N SER E 148 12.73 -11.38 0.22
CA SER E 148 13.76 -12.38 0.25
C SER E 148 15.10 -11.71 0.55
N TYR E 149 15.28 -10.54 -0.04
CA TYR E 149 16.40 -9.68 0.23
C TYR E 149 16.46 -9.23 1.70
N ALA E 150 15.34 -8.71 2.22
CA ALA E 150 15.29 -8.28 3.60
C ALA E 150 15.63 -9.49 4.52
N HIS E 151 15.03 -10.63 4.26
CA HIS E 151 15.27 -11.83 5.06
C HIS E 151 16.72 -12.20 5.22
N SER E 152 17.56 -11.75 4.30
CA SER E 152 18.93 -12.27 4.17
C SER E 152 19.91 -11.28 4.75
N ALA E 153 19.39 -10.07 5.01
CA ALA E 153 20.12 -8.98 5.62
C ALA E 153 20.64 -9.38 7.01
N GLU E 154 21.91 -9.06 7.29
CA GLU E 154 22.49 -9.27 8.64
C GLU E 154 23.18 -8.01 9.05
N GLY E 155 23.38 -7.82 10.34
CA GLY E 155 24.15 -6.67 10.82
C GLY E 155 23.36 -5.37 10.89
N GLU E 156 24.01 -4.25 10.61
CA GLU E 156 23.32 -2.96 10.55
C GLU E 156 22.71 -2.88 9.21
N VAL E 157 21.53 -2.33 9.11
CA VAL E 157 21.02 -2.06 7.79
C VAL E 157 20.79 -0.58 7.69
N THR E 158 20.77 -0.09 6.47
CA THR E 158 20.64 1.34 6.22
C THR E 158 19.43 1.64 5.38
N TYR E 159 18.72 2.72 5.71
CA TYR E 159 17.51 3.04 4.97
C TYR E 159 17.45 4.52 4.66
N MET E 160 17.33 4.84 3.37
CA MET E 160 17.36 6.20 2.96
C MET E 160 15.97 6.68 2.61
N VAL E 161 15.54 7.78 3.17
CA VAL E 161 14.19 8.20 2.92
C VAL E 161 14.11 9.65 2.42
N ASP E 162 12.96 10.03 1.95
CA ASP E 162 12.79 11.37 1.47
C ASP E 162 12.03 12.15 2.51
N GLY E 163 12.73 13.11 3.11
CA GLY E 163 12.13 13.98 4.09
C GLY E 163 11.53 15.29 3.61
N SER E 164 11.33 15.40 2.29
CA SER E 164 10.76 16.64 1.68
C SER E 164 9.52 16.42 0.81
N ASN E 165 8.86 15.26 0.89
CA ASN E 165 7.77 15.03 -0.06
C ASN E 165 6.44 15.27 0.54
N PRO E 166 5.88 16.52 0.42
CA PRO E 166 4.73 16.93 1.24
C PRO E 166 3.56 15.97 1.11
N LYS E 167 3.50 15.29 -0.03
CA LYS E 167 2.45 14.34 -0.34
C LYS E 167 2.71 12.90 0.15
N VAL E 168 3.96 12.56 0.54
CA VAL E 168 4.32 11.16 0.91
C VAL E 168 5.30 11.18 2.11
N PRO E 169 4.90 10.59 3.24
CA PRO E 169 5.83 10.60 4.36
C PRO E 169 7.06 9.79 4.09
N ALA E 170 8.09 10.14 4.81
CA ALA E 170 9.37 9.51 4.73
C ALA E 170 9.19 8.01 4.96
N TYR E 171 8.43 7.64 5.98
CA TYR E 171 8.12 6.25 6.25
C TYR E 171 6.62 6.01 6.18
N ARG E 172 6.25 4.89 5.56
CA ARG E 172 4.86 4.42 5.49
C ARG E 172 4.76 2.89 5.33
N PRO E 173 3.80 2.29 6.06
CA PRO E 173 3.61 0.84 6.03
C PRO E 173 3.26 0.37 4.63
N ASP E 174 2.56 1.18 3.88
CA ASP E 174 2.17 0.76 2.55
C ASP E 174 3.27 0.84 1.45
N SER E 175 4.49 1.27 1.77
CA SER E 175 5.56 1.23 0.74
C SER E 175 6.10 -0.19 0.69
N PHE E 176 6.99 -0.47 -0.27
CA PHE E 176 7.62 -1.79 -0.28
C PHE E 176 8.45 -2.04 0.96
N PHE E 177 9.19 -1.04 1.40
CA PHE E 177 9.88 -1.18 2.64
C PHE E 177 8.90 -1.60 3.69
N GLY E 178 7.84 -0.79 3.85
CA GLY E 178 6.81 -0.98 4.86
C GLY E 178 6.14 -2.33 4.84
N LYS E 179 5.85 -2.83 3.64
CA LYS E 179 5.11 -4.09 3.42
C LYS E 179 5.99 -5.35 3.47
N TYR E 180 7.23 -5.24 2.95
CA TYR E 180 7.98 -6.41 2.59
C TYR E 180 9.37 -6.45 3.18
N GLU E 181 9.93 -5.33 3.59
CA GLU E 181 11.32 -5.33 4.08
C GLU E 181 11.39 -5.30 5.57
N LEU E 182 11.01 -4.17 6.14
CA LEU E 182 11.08 -3.97 7.60
C LEU E 182 10.52 -5.15 8.42
N PRO E 183 9.32 -5.68 8.05
CA PRO E 183 8.75 -6.75 8.84
C PRO E 183 9.39 -8.09 8.57
N ASN E 184 10.28 -8.18 7.59
CA ASN E 184 10.87 -9.45 7.25
C ASN E 184 12.31 -9.52 7.75
N LEU E 185 12.80 -8.44 8.34
CA LEU E 185 14.14 -8.45 8.90
C LEU E 185 14.28 -9.42 10.05
N THR E 186 15.30 -10.28 10.02
CA THR E 186 15.38 -11.34 11.03
C THR E 186 16.06 -10.89 12.32
N ASN E 187 16.35 -11.83 13.22
CA ASN E 187 17.07 -11.47 14.44
C ASN E 187 18.57 -11.37 14.19
N LYS E 188 18.98 -11.57 12.93
CA LYS E 188 20.40 -11.41 12.57
C LYS E 188 20.68 -9.96 12.18
N VAL E 189 19.64 -9.13 12.23
CA VAL E 189 19.80 -7.68 12.08
C VAL E 189 19.83 -7.13 13.46
N THR E 190 20.67 -6.11 13.65
CA THR E 190 20.94 -5.50 14.97
C THR E 190 20.51 -4.02 15.06
N ARG E 191 20.69 -3.28 13.98
CA ARG E 191 20.48 -1.88 14.07
C ARG E 191 19.89 -1.41 12.77
N VAL E 192 19.04 -0.40 12.85
CA VAL E 192 18.49 0.21 11.65
C VAL E 192 18.95 1.64 11.63
N LYS E 193 19.65 2.00 10.57
CA LYS E 193 20.23 3.33 10.40
C LYS E 193 19.49 4.06 9.28
N VAL E 194 18.79 5.13 9.65
CA VAL E 194 17.93 5.83 8.71
C VAL E 194 18.68 7.03 8.25
N ILE E 195 18.80 7.20 6.95
CA ILE E 195 19.36 8.43 6.42
C ILE E 195 18.23 9.21 5.79
N VAL E 196 18.00 10.40 6.29
CA VAL E 196 16.93 11.22 5.78
C VAL E 196 17.43 12.21 4.77
N LEU E 197 16.85 12.18 3.59
CA LEU E 197 17.21 13.19 2.58
C LEU E 197 16.47 14.51 2.71
N HIS E 198 17.19 15.61 2.72
CA HIS E 198 16.53 16.92 2.84
C HIS E 198 16.77 17.75 1.59
N ARG E 199 15.95 17.55 0.55
CA ARG E 199 16.20 18.17 -0.76
C ARG E 199 16.64 19.63 -0.74
N LEU E 200 17.71 19.89 -1.50
CA LEU E 200 18.25 21.25 -1.62
C LEU E 200 17.17 22.26 -2.00
N GLY E 201 17.13 23.39 -1.28
CA GLY E 201 16.23 24.52 -1.59
C GLY E 201 14.75 24.21 -1.54
N GLU E 202 14.39 23.15 -0.82
CA GLU E 202 12.99 22.71 -0.66
C GLU E 202 12.63 22.77 0.83
N LYS E 203 11.36 22.93 1.15
CA LYS E 203 10.91 22.88 2.55
C LYS E 203 11.08 21.50 3.20
N ILE E 204 11.63 21.48 4.42
CA ILE E 204 11.72 20.28 5.25
C ILE E 204 10.35 19.88 5.80
N ILE E 205 10.04 18.61 5.57
CA ILE E 205 8.73 18.07 5.84
C ILE E 205 8.83 17.11 7.01
N GLU E 206 9.75 16.13 6.92
CA GLU E 206 9.88 15.11 7.94
C GLU E 206 11.18 15.27 8.67
N LYS E 207 11.12 15.69 9.93
CA LYS E 207 12.34 15.86 10.71
C LYS E 207 12.54 14.57 11.43
N CYS E 208 13.72 14.37 11.98
CA CYS E 208 14.06 13.10 12.57
C CYS E 208 13.65 13.09 14.08
N GLY E 209 13.00 12.02 14.53
CA GLY E 209 12.36 12.00 15.87
C GLY E 209 10.94 12.57 15.94
N ALA E 210 10.27 12.68 14.79
CA ALA E 210 8.93 13.25 14.73
C ALA E 210 8.13 12.63 13.57
N GLY E 211 6.80 12.74 13.64
CA GLY E 211 5.95 12.13 12.60
C GLY E 211 6.38 10.71 12.23
N SER E 212 6.45 10.43 10.93
CA SER E 212 6.47 9.05 10.51
C SER E 212 7.75 8.32 10.90
N LEU E 213 8.80 9.09 11.11
CA LEU E 213 10.09 8.53 11.48
C LEU E 213 10.08 8.11 12.91
N LEU E 214 9.40 8.90 13.75
CA LEU E 214 9.17 8.47 15.12
C LEU E 214 8.30 7.25 15.04
N ASP E 215 7.26 7.30 14.22
CA ASP E 215 6.45 6.11 14.09
C ASP E 215 7.39 4.92 13.83
N LEU E 216 8.22 5.02 12.79
CA LEU E 216 9.23 4.01 12.46
C LEU E 216 10.19 3.61 13.58
N GLU E 217 10.62 4.59 14.39
CA GLU E 217 11.55 4.31 15.46
C GLU E 217 10.88 3.36 16.44
N LYS E 218 9.58 3.59 16.68
CA LYS E 218 8.85 2.75 17.62
C LYS E 218 8.82 1.32 17.13
N LEU E 219 8.70 1.16 15.82
CA LEU E 219 8.56 -0.18 15.26
C LEU E 219 9.89 -0.92 15.33
N VAL E 220 10.97 -0.16 15.13
CA VAL E 220 12.32 -0.73 15.07
C VAL E 220 12.68 -1.23 16.44
N LYS E 221 12.43 -0.38 17.42
CA LYS E 221 12.55 -0.70 18.84
C LYS E 221 11.73 -1.94 19.22
N ALA E 222 10.49 -1.99 18.71
CA ALA E 222 9.58 -3.12 18.99
C ALA E 222 10.12 -4.45 18.47
N LYS E 223 10.94 -4.37 17.43
CA LYS E 223 11.56 -5.55 16.83
C LYS E 223 12.87 -5.87 17.48
N HIS E 224 13.12 -5.24 18.63
CA HIS E 224 14.36 -5.40 19.36
C HIS E 224 15.61 -5.08 18.54
N PHE E 225 15.49 -4.14 17.60
CA PHE E 225 16.66 -3.59 16.89
C PHE E 225 17.16 -2.30 17.54
N ALA E 226 18.43 -1.97 17.34
CA ALA E 226 18.88 -0.62 17.68
C ALA E 226 18.49 0.33 16.53
N PHE E 227 18.33 1.61 16.87
CA PHE E 227 17.87 2.58 15.89
C PHE E 227 18.66 3.86 15.95
N ASP E 228 19.02 4.38 14.78
CA ASP E 228 19.52 5.73 14.69
C ASP E 228 19.17 6.40 13.38
N CYS E 229 19.33 7.72 13.33
CA CYS E 229 18.82 8.48 12.21
C CYS E 229 19.68 9.72 12.03
N VAL E 230 19.86 10.15 10.78
CA VAL E 230 20.69 11.30 10.45
C VAL E 230 19.98 12.04 9.37
N GLU E 231 20.11 13.35 9.40
CA GLU E 231 19.54 14.16 8.37
C GLU E 231 20.72 14.71 7.58
N ASN E 232 20.77 14.41 6.29
CA ASN E 232 21.75 14.99 5.36
C ASN E 232 23.17 14.90 5.81
N PRO E 233 23.70 13.68 6.05
CA PRO E 233 25.07 13.66 6.50
C PRO E 233 25.93 14.23 5.39
N ARG E 234 27.07 14.80 5.76
CA ARG E 234 28.01 15.44 4.83
C ARG E 234 28.15 14.64 3.51
N ALA E 235 28.68 13.42 3.63
CA ALA E 235 29.06 12.61 2.47
C ALA E 235 27.97 12.65 1.43
N VAL E 236 26.73 12.66 1.92
CA VAL E 236 25.56 12.62 1.06
C VAL E 236 25.18 13.99 0.51
N LEU E 237 25.28 15.00 1.36
CA LEU E 237 24.98 16.38 0.96
C LEU E 237 25.76 16.76 -0.31
N PHE E 238 26.97 16.23 -0.43
CA PHE E 238 27.83 16.69 -1.49
C PHE E 238 27.35 16.09 -2.79
N LEU E 239 26.85 14.86 -2.73
CA LEU E 239 26.29 14.26 -3.94
C LEU E 239 25.20 15.19 -4.41
N LEU E 240 24.36 15.56 -3.47
CA LEU E 240 23.31 16.51 -3.69
C LEU E 240 23.83 17.77 -4.36
N CYS E 241 24.90 18.33 -3.80
CA CYS E 241 25.40 19.63 -4.19
C CYS E 241 25.96 19.64 -5.59
N SER E 242 26.50 18.52 -6.02
CA SER E 242 26.99 18.35 -7.38
C SER E 242 25.96 18.68 -8.46
N ASP E 243 24.70 18.27 -8.25
CA ASP E 243 23.65 18.54 -9.28
C ASP E 243 23.02 19.92 -9.14
N ASN E 244 23.06 20.44 -7.91
CA ASN E 244 22.62 21.80 -7.65
C ASN E 244 23.78 22.61 -7.02
N PRO E 245 24.86 22.85 -7.77
CA PRO E 245 26.02 23.60 -7.23
C PRO E 245 25.69 24.95 -6.56
N ASN E 246 25.05 25.88 -7.28
CA ASN E 246 24.77 27.22 -6.70
C ASN E 246 23.70 27.20 -5.60
N ALA E 247 23.51 26.04 -4.98
CA ALA E 247 22.50 25.91 -3.94
C ALA E 247 23.03 26.45 -2.64
N ARG E 248 22.14 27.13 -1.95
CA ARG E 248 22.37 27.65 -0.62
C ARG E 248 23.15 26.72 0.31
N GLU E 249 22.59 25.56 0.67
CA GLU E 249 23.18 24.69 1.69
C GLU E 249 24.49 24.10 1.22
N CYS E 250 24.97 24.55 0.06
CA CYS E 250 26.24 24.14 -0.48
C CYS E 250 27.26 25.28 -0.48
N ARG E 251 26.98 26.37 0.23
CA ARG E 251 27.94 27.50 0.29
C ARG E 251 29.26 26.94 0.83
N LEU E 252 30.32 27.04 0.04
CA LEU E 252 31.64 26.66 0.52
C LEU E 252 32.13 27.82 1.35
N ALA E 253 32.85 27.51 2.43
CA ALA E 253 33.49 28.55 3.22
C ALA E 253 34.55 29.28 2.40
N LYS E 254 35.31 28.67 1.66
N ALA F 1 54.24 -9.72 -14.83
CA ALA F 1 54.77 -10.79 -15.75
C ALA F 1 53.72 -11.76 -16.39
N ALA F 2 52.41 -11.58 -16.10
CA ALA F 2 51.29 -12.29 -16.81
C ALA F 2 49.93 -12.27 -16.08
N ILE F 3 48.83 -12.23 -16.84
CA ILE F 3 47.47 -12.08 -16.27
C ILE F 3 46.44 -13.16 -16.72
N VAL F 4 45.45 -13.46 -15.88
CA VAL F 4 44.36 -14.39 -16.24
C VAL F 4 43.27 -13.72 -17.12
N PRO F 5 42.77 -14.40 -18.17
CA PRO F 5 41.73 -13.77 -18.98
C PRO F 5 40.28 -14.14 -18.55
N THR F 6 39.35 -13.36 -19.08
CA THR F 6 37.94 -13.47 -18.81
C THR F 6 37.39 -14.80 -19.35
N ARG F 7 36.77 -15.58 -18.46
CA ARG F 7 36.15 -16.85 -18.83
C ARG F 7 34.95 -16.64 -19.75
N GLU F 8 34.63 -17.62 -20.58
CA GLU F 8 33.41 -17.65 -21.41
C GLU F 8 33.20 -16.35 -22.19
N LEU F 9 34.28 -15.89 -22.80
CA LEU F 9 34.38 -14.60 -23.46
C LEU F 9 33.27 -14.28 -24.46
N GLU F 10 32.94 -15.25 -25.30
CA GLU F 10 31.84 -15.04 -26.23
C GLU F 10 30.46 -14.91 -25.54
N ASN F 11 30.15 -15.80 -24.60
CA ASN F 11 28.92 -15.69 -23.83
C ASN F 11 28.83 -14.30 -23.21
N VAL F 12 29.97 -13.81 -22.71
CA VAL F 12 29.98 -12.54 -22.05
C VAL F 12 29.74 -11.48 -23.10
N PHE F 13 30.37 -11.65 -24.24
CA PHE F 13 30.37 -10.60 -25.24
C PHE F 13 28.99 -10.43 -25.80
N LEU F 14 28.36 -11.56 -26.14
CA LEU F 14 27.01 -11.56 -26.73
C LEU F 14 25.98 -11.12 -25.71
N GLY F 15 25.88 -11.88 -24.63
CA GLY F 15 25.08 -11.45 -23.50
C GLY F 15 25.14 -9.93 -23.33
N ARG F 16 26.35 -9.38 -23.27
CA ARG F 16 26.45 -7.95 -23.13
C ARG F 16 25.79 -7.21 -24.29
N CYS F 17 26.02 -7.73 -25.50
CA CYS F 17 25.54 -7.08 -26.71
C CYS F 17 24.05 -6.98 -26.71
N LYS F 18 23.38 -8.02 -26.24
CA LYS F 18 21.95 -8.08 -26.29
C LYS F 18 21.36 -7.23 -25.17
N ASP F 19 22.11 -7.07 -24.09
CA ASP F 19 21.62 -6.29 -22.95
C ASP F 19 21.82 -4.86 -23.30
N TYR F 20 22.95 -4.55 -23.91
CA TYR F 20 23.11 -3.20 -24.41
C TYR F 20 22.03 -2.90 -25.43
N GLU F 21 21.89 -3.80 -26.41
CA GLU F 21 21.04 -3.60 -27.58
C GLU F 21 19.63 -3.30 -27.19
N ILE F 22 19.08 -4.18 -26.36
CA ILE F 22 17.69 -4.03 -26.00
C ILE F 22 17.47 -3.00 -24.90
N THR F 23 18.33 -2.96 -23.88
CA THR F 23 18.01 -2.19 -22.64
C THR F 23 18.84 -0.95 -22.26
N ARG F 24 20.02 -0.76 -22.84
CA ARG F 24 20.90 0.32 -22.40
C ARG F 24 20.95 1.55 -23.33
N TYR F 25 21.03 2.75 -22.75
CA TYR F 25 21.25 4.02 -23.47
C TYR F 25 20.23 4.30 -24.58
N LEU F 26 18.97 4.04 -24.29
CA LEU F 26 17.93 4.08 -25.31
C LEU F 26 17.62 5.50 -25.81
N ASP F 27 17.49 6.44 -24.87
CA ASP F 27 17.11 7.81 -25.22
C ASP F 27 18.35 8.61 -25.53
N ILE F 28 19.50 7.99 -25.26
CA ILE F 28 20.83 8.58 -25.22
C ILE F 28 21.72 8.18 -26.45
N LEU F 29 21.91 6.89 -26.68
CA LEU F 29 22.67 6.42 -27.87
C LEU F 29 21.86 5.56 -28.86
N PRO F 30 22.18 5.63 -30.17
CA PRO F 30 21.38 4.86 -31.13
C PRO F 30 21.87 3.42 -31.21
N ARG F 31 21.11 2.54 -31.84
CA ARG F 31 21.48 1.14 -32.02
C ARG F 31 22.32 0.94 -33.27
N VAL F 32 23.05 -0.17 -33.37
CA VAL F 32 23.76 -0.50 -34.62
C VAL F 32 22.99 -1.43 -35.56
N ARG F 33 23.32 -1.36 -36.85
CA ARG F 33 22.68 -2.18 -37.86
C ARG F 33 23.02 -3.66 -37.73
N SER F 34 24.19 -3.99 -37.18
CA SER F 34 24.67 -5.37 -37.18
C SER F 34 23.95 -6.23 -36.17
N ASP F 35 23.78 -7.52 -36.51
CA ASP F 35 23.26 -8.51 -35.55
C ASP F 35 24.43 -8.68 -34.58
N CYS F 36 24.12 -9.01 -33.32
CA CYS F 36 25.15 -9.38 -32.35
C CYS F 36 26.18 -10.36 -32.93
N SER F 37 25.70 -11.42 -33.56
CA SER F 37 26.53 -12.46 -34.13
C SER F 37 27.64 -11.95 -35.10
N ALA F 38 27.33 -10.84 -35.78
CA ALA F 38 28.18 -10.24 -36.79
C ALA F 38 29.27 -9.40 -36.12
N LEU F 39 28.90 -8.70 -35.05
CA LEU F 39 29.88 -8.05 -34.17
C LEU F 39 30.85 -9.05 -33.60
N TRP F 40 30.36 -10.21 -33.17
CA TRP F 40 31.28 -11.25 -32.71
C TRP F 40 32.20 -11.76 -33.82
N LYS F 41 31.79 -11.68 -35.09
CA LYS F 41 32.68 -12.09 -36.20
C LYS F 41 33.89 -11.17 -36.50
N ASP F 42 33.64 -9.87 -36.65
CA ASP F 42 34.70 -8.93 -37.00
C ASP F 42 35.70 -8.82 -35.87
N PHE F 43 35.22 -9.17 -34.69
CA PHE F 43 35.97 -8.95 -33.49
C PHE F 43 36.88 -10.11 -33.20
N PHE F 44 36.34 -11.32 -33.29
CA PHE F 44 37.13 -12.51 -33.04
C PHE F 44 38.19 -12.67 -34.10
N LYS F 45 37.87 -12.29 -35.34
CA LYS F 45 38.75 -12.50 -36.49
C LYS F 45 40.04 -11.66 -36.39
N ALA F 46 39.99 -10.60 -35.58
CA ALA F 46 41.11 -9.70 -35.32
C ALA F 46 42.25 -10.38 -34.54
N PHE F 47 41.94 -10.94 -33.37
CA PHE F 47 42.96 -11.58 -32.54
C PHE F 47 43.11 -13.09 -32.69
N SER F 48 42.10 -13.77 -33.25
CA SER F 48 42.07 -15.25 -33.32
C SER F 48 43.16 -15.98 -34.17
N PHE F 49 43.68 -17.07 -33.59
CA PHE F 49 44.63 -17.96 -34.25
C PHE F 49 45.94 -17.26 -34.65
N LYS F 50 46.33 -16.27 -33.83
CA LYS F 50 47.55 -15.48 -34.02
C LYS F 50 48.42 -15.52 -32.75
N ASN F 51 49.70 -15.12 -32.84
CA ASN F 51 50.50 -14.88 -31.64
C ASN F 51 49.80 -13.84 -30.77
N PRO F 52 49.82 -14.04 -29.44
CA PRO F 52 49.05 -13.07 -28.63
C PRO F 52 49.47 -11.63 -28.92
N CYS F 53 50.68 -11.45 -29.45
CA CYS F 53 51.28 -10.12 -29.77
C CYS F 53 51.31 -9.77 -31.27
N ASP F 54 50.50 -10.48 -32.07
CA ASP F 54 50.45 -10.29 -33.54
C ASP F 54 49.29 -9.36 -33.91
N LEU F 55 49.27 -8.17 -33.31
CA LEU F 55 48.16 -7.23 -33.45
C LEU F 55 48.69 -5.88 -33.83
N ASP F 56 47.92 -5.12 -34.60
CA ASP F 56 48.30 -3.76 -34.94
C ASP F 56 47.11 -2.84 -34.95
N LEU F 57 47.32 -1.59 -35.32
CA LEU F 57 46.30 -0.56 -35.26
C LEU F 57 45.07 -0.83 -36.11
N GLY F 58 45.25 -1.58 -37.20
CA GLY F 58 44.16 -1.90 -38.13
C GLY F 58 43.37 -3.18 -37.86
N SER F 59 43.90 -4.07 -37.01
CA SER F 59 43.30 -5.39 -36.77
C SER F 59 41.79 -5.38 -36.60
N TYR F 60 41.30 -4.53 -35.69
CA TYR F 60 39.87 -4.50 -35.37
C TYR F 60 39.12 -3.42 -36.14
N LYS F 61 39.67 -2.92 -37.25
CA LYS F 61 39.05 -1.78 -37.94
C LYS F 61 37.63 -2.07 -38.40
N ASP F 62 37.37 -3.31 -38.80
CA ASP F 62 36.03 -3.67 -39.29
C ASP F 62 35.08 -3.76 -38.14
N PHE F 63 35.57 -4.25 -37.00
CA PHE F 63 34.72 -4.30 -35.82
C PHE F 63 34.34 -2.89 -35.42
N PHE F 64 35.31 -2.01 -35.41
CA PHE F 64 35.05 -0.64 -35.03
C PHE F 64 34.27 0.18 -36.07
N THR F 65 34.35 -0.24 -37.33
CA THR F 65 33.48 0.27 -38.39
C THR F 65 32.03 -0.22 -38.16
N SER F 66 31.89 -1.47 -37.73
CA SER F 66 30.58 -2.03 -37.48
C SER F 66 29.94 -1.44 -36.22
N ALA F 67 30.62 -1.60 -35.08
CA ALA F 67 30.08 -1.21 -33.77
C ALA F 67 29.92 0.29 -33.60
N GLN F 68 30.04 1.04 -34.67
CA GLN F 68 30.17 2.49 -34.55
C GLN F 68 28.88 3.28 -34.67
N GLN F 69 28.48 3.83 -33.54
CA GLN F 69 27.28 4.59 -33.43
C GLN F 69 27.60 6.05 -33.52
N GLN F 70 26.77 6.83 -34.20
CA GLN F 70 26.87 8.30 -34.12
C GLN F 70 26.83 8.74 -32.66
N LEU F 71 27.58 9.80 -32.35
CA LEU F 71 27.64 10.32 -31.00
C LEU F 71 26.94 11.66 -30.97
N PRO F 72 26.20 11.95 -29.88
CA PRO F 72 25.43 13.20 -29.75
C PRO F 72 26.29 14.47 -29.65
N LYS F 73 25.93 15.50 -30.41
CA LYS F 73 26.66 16.79 -30.44
C LYS F 73 26.94 17.31 -29.01
N ASN F 74 28.21 17.63 -28.72
CA ASN F 74 28.61 18.26 -27.45
C ASN F 74 28.67 17.38 -26.20
N LYS F 75 28.17 16.16 -26.23
CA LYS F 75 28.15 15.39 -24.98
C LYS F 75 29.35 14.44 -24.83
N VAL F 76 30.32 14.54 -25.75
CA VAL F 76 31.44 13.58 -25.80
C VAL F 76 32.62 13.96 -24.91
N MET F 77 33.03 13.02 -24.06
CA MET F 77 34.09 13.23 -23.10
C MET F 77 35.21 12.20 -23.26
N PHE F 78 36.45 12.69 -23.19
CA PHE F 78 37.66 11.90 -23.04
C PHE F 78 38.23 12.12 -21.63
N TRP F 79 39.11 11.20 -21.21
CA TRP F 79 39.81 11.29 -19.93
C TRP F 79 41.23 10.67 -19.98
N SER F 80 42.04 11.04 -19.01
CA SER F 80 43.29 10.36 -18.86
C SER F 80 43.51 10.38 -17.36
N GLY F 81 43.89 9.25 -16.76
CA GLY F 81 44.31 9.26 -15.38
C GLY F 81 43.22 9.28 -14.33
N VAL F 82 42.06 9.82 -14.71
CA VAL F 82 40.99 10.16 -13.78
C VAL F 82 39.72 9.30 -13.86
N TYR F 83 39.89 8.01 -14.12
CA TYR F 83 38.80 7.09 -14.49
C TYR F 83 37.50 7.27 -13.70
N ASP F 84 37.54 6.98 -12.39
CA ASP F 84 36.34 6.95 -11.56
C ASP F 84 35.71 8.31 -11.48
N GLU F 85 36.54 9.33 -11.43
CA GLU F 85 36.03 10.69 -11.27
C GLU F 85 35.41 11.12 -12.58
N ALA F 86 35.88 10.54 -13.69
CA ALA F 86 35.38 10.92 -15.01
C ALA F 86 33.99 10.32 -15.22
N HIS F 87 33.83 9.06 -14.80
CA HIS F 87 32.60 8.29 -15.07
C HIS F 87 31.56 8.65 -14.05
N ASP F 88 32.05 9.11 -12.92
CA ASP F 88 31.22 9.70 -11.92
C ASP F 88 30.61 10.96 -12.41
N TYR F 89 31.46 11.86 -12.84
CA TYR F 89 30.96 13.07 -13.42
C TYR F 89 29.99 12.83 -14.57
N ALA F 90 30.39 12.07 -15.58
CA ALA F 90 29.57 11.77 -16.79
C ALA F 90 28.16 11.21 -16.52
N ASN F 91 28.11 10.32 -15.52
CA ASN F 91 26.87 9.88 -14.91
C ASN F 91 26.07 9.04 -15.89
N THR F 92 26.77 8.03 -16.39
CA THR F 92 26.20 6.98 -17.19
C THR F 92 25.37 7.60 -18.29
N GLY F 93 25.98 8.52 -19.05
CA GLY F 93 25.33 9.15 -20.18
C GLY F 93 24.44 10.35 -19.87
N ARG F 94 24.14 10.60 -18.60
CA ARG F 94 23.23 11.71 -18.28
C ARG F 94 23.83 13.09 -18.53
N LYS F 95 25.03 13.34 -18.01
CA LYS F 95 25.75 14.60 -18.26
C LYS F 95 26.74 14.51 -19.45
N TYR F 96 27.47 13.41 -19.59
CA TYR F 96 28.37 13.25 -20.73
C TYR F 96 28.41 11.80 -21.19
N ILE F 97 28.93 11.57 -22.41
CA ILE F 97 29.21 10.22 -22.93
C ILE F 97 30.68 9.91 -22.70
N THR F 98 30.99 8.71 -22.23
CA THR F 98 32.39 8.26 -22.18
C THR F 98 32.51 7.17 -23.23
N LEU F 99 33.74 6.81 -23.60
CA LEU F 99 33.93 5.66 -24.47
C LEU F 99 33.23 4.43 -23.89
N GLU F 100 33.14 4.34 -22.58
CA GLU F 100 32.66 3.13 -21.91
C GLU F 100 31.14 2.96 -21.98
N ASP F 101 30.45 3.98 -22.47
CA ASP F 101 28.99 4.00 -22.51
C ASP F 101 28.56 3.53 -23.88
N THR F 102 29.54 3.33 -24.76
CA THR F 102 29.19 3.01 -26.12
C THR F 102 29.26 1.52 -26.32
N LEU F 103 28.60 1.06 -27.38
CA LEU F 103 28.54 -0.35 -27.66
C LEU F 103 29.90 -1.03 -27.54
N PRO F 104 30.88 -0.64 -28.39
CA PRO F 104 32.19 -1.31 -28.27
C PRO F 104 32.73 -1.19 -26.86
N GLY F 105 32.61 0.00 -26.29
CA GLY F 105 33.15 0.28 -24.96
C GLY F 105 32.53 -0.62 -23.91
N TYR F 106 31.22 -0.45 -23.72
CA TYR F 106 30.43 -1.28 -22.85
C TYR F 106 30.82 -2.77 -22.95
N MET F 107 30.92 -3.26 -24.18
CA MET F 107 31.08 -4.68 -24.38
C MET F 107 32.36 -5.17 -23.73
N LEU F 108 33.47 -4.52 -24.06
CA LEU F 108 34.76 -5.04 -23.69
C LEU F 108 35.39 -4.45 -22.45
N ASN F 109 34.73 -3.47 -21.85
CA ASN F 109 35.29 -2.82 -20.70
C ASN F 109 35.65 -3.86 -19.63
N SER F 110 36.89 -3.80 -19.18
CA SER F 110 37.44 -4.72 -18.16
C SER F 110 37.76 -6.14 -18.58
N LEU F 111 37.46 -6.47 -19.83
CA LEU F 111 37.65 -7.83 -20.29
C LEU F 111 39.12 -8.11 -20.63
N VAL F 112 39.56 -9.34 -20.36
CA VAL F 112 40.89 -9.77 -20.75
C VAL F 112 40.78 -10.92 -21.71
N TRP F 113 41.39 -10.76 -22.87
CA TRP F 113 41.46 -11.81 -23.92
C TRP F 113 42.73 -11.72 -24.79
N CYS F 114 43.01 -12.80 -25.53
CA CYS F 114 44.25 -12.94 -26.29
C CYS F 114 44.21 -14.16 -27.18
N GLY F 115 44.68 -13.99 -28.42
CA GLY F 115 44.80 -15.11 -29.34
C GLY F 115 45.95 -16.03 -28.94
N GLN F 116 45.80 -17.29 -29.34
CA GLN F 116 46.86 -18.27 -29.50
C GLN F 116 46.60 -18.83 -30.91
N ARG F 117 47.56 -19.55 -31.50
CA ARG F 117 47.31 -20.05 -32.85
C ARG F 117 46.80 -21.48 -32.90
N ALA F 118 46.99 -22.25 -31.81
CA ALA F 118 46.35 -23.56 -31.68
C ALA F 118 44.85 -23.45 -31.38
N ASN F 119 44.11 -24.49 -31.71
CA ASN F 119 42.72 -24.64 -31.26
C ASN F 119 42.60 -24.24 -29.77
N PRO F 120 41.69 -23.30 -29.44
CA PRO F 120 40.58 -22.76 -30.20
C PRO F 120 40.80 -21.36 -30.77
N GLY F 121 42.05 -20.98 -30.94
CA GLY F 121 42.35 -19.64 -31.41
C GLY F 121 42.47 -18.58 -30.33
N PHE F 122 42.30 -18.98 -29.07
CA PHE F 122 42.50 -18.06 -27.94
C PHE F 122 42.98 -18.80 -26.70
N ASN F 123 43.67 -18.08 -25.83
CA ASN F 123 44.23 -18.67 -24.64
C ASN F 123 43.28 -18.46 -23.46
N GLU F 124 42.98 -19.55 -22.74
CA GLU F 124 41.97 -19.52 -21.65
C GLU F 124 42.62 -19.64 -20.26
N LYS F 125 43.94 -19.73 -20.24
CA LYS F 125 44.65 -19.98 -19.00
C LYS F 125 45.48 -18.77 -18.58
N VAL F 126 46.25 -18.23 -19.52
CA VAL F 126 47.28 -17.28 -19.22
C VAL F 126 47.38 -16.29 -20.36
N CYS F 127 47.88 -15.10 -20.04
CA CYS F 127 48.10 -14.04 -21.03
C CYS F 127 49.05 -12.93 -20.59
N PRO F 128 49.64 -12.18 -21.56
CA PRO F 128 50.71 -11.22 -21.26
C PRO F 128 50.30 -9.99 -20.45
N ASP F 129 51.23 -9.52 -19.61
CA ASP F 129 51.12 -8.28 -18.80
C ASP F 129 51.03 -7.07 -19.75
N PHE F 130 51.14 -5.87 -19.19
CA PHE F 130 51.35 -4.68 -20.01
C PHE F 130 52.64 -4.81 -20.85
N LYS F 131 53.72 -4.19 -20.38
CA LYS F 131 54.96 -4.04 -21.17
C LYS F 131 55.45 -5.24 -22.03
N THR F 132 54.90 -6.43 -21.75
CA THR F 132 55.25 -7.68 -22.45
C THR F 132 55.09 -7.65 -23.98
N CYS F 133 54.00 -7.01 -24.44
CA CYS F 133 53.69 -6.86 -25.86
C CYS F 133 54.19 -5.50 -26.37
N PRO F 134 54.49 -5.39 -27.68
CA PRO F 134 54.84 -4.12 -28.31
C PRO F 134 53.75 -3.05 -28.18
N VAL F 135 54.09 -1.78 -28.44
CA VAL F 135 53.17 -0.66 -28.23
C VAL F 135 51.91 -0.78 -29.11
N GLN F 136 52.10 -1.08 -30.38
CA GLN F 136 50.97 -1.12 -31.31
C GLN F 136 50.05 -2.35 -31.12
N ALA F 137 50.59 -3.41 -30.53
CA ALA F 137 49.84 -4.63 -30.24
C ALA F 137 49.15 -4.53 -28.89
N ARG F 138 49.70 -3.71 -28.01
CA ARG F 138 49.11 -3.51 -26.71
C ARG F 138 47.96 -2.54 -26.83
N GLU F 139 48.06 -1.67 -27.83
CA GLU F 139 47.12 -0.56 -27.98
C GLU F 139 46.19 -0.76 -29.18
N SER F 140 46.23 -1.95 -29.79
CA SER F 140 45.42 -2.27 -30.96
C SER F 140 43.92 -2.13 -30.72
N PHE F 141 43.46 -2.64 -29.58
CA PHE F 141 42.07 -2.55 -29.32
C PHE F 141 41.60 -1.16 -28.90
N TRP F 142 42.03 -0.76 -27.70
CA TRP F 142 41.58 0.46 -27.08
C TRP F 142 41.99 1.73 -27.85
N GLY F 143 43.14 1.67 -28.51
CA GLY F 143 43.52 2.73 -29.45
C GLY F 143 42.65 2.83 -30.70
N MET F 144 42.26 1.69 -31.26
CA MET F 144 41.38 1.77 -32.39
C MET F 144 40.01 2.22 -31.91
N ALA F 145 39.62 1.70 -30.74
CA ALA F 145 38.41 2.14 -30.09
C ALA F 145 38.41 3.64 -29.98
N SER F 146 39.43 4.18 -29.33
CA SER F 146 39.54 5.61 -29.12
C SER F 146 39.48 6.33 -30.45
N SER F 147 40.07 5.72 -31.47
CA SER F 147 40.12 6.34 -32.79
C SER F 147 38.73 6.67 -33.30
N SER F 148 37.82 5.69 -33.36
CA SER F 148 36.51 5.91 -33.98
C SER F 148 35.74 6.85 -33.11
N TYR F 149 35.77 6.58 -31.82
CA TYR F 149 35.02 7.37 -30.88
C TYR F 149 35.29 8.83 -31.20
N ALA F 150 36.56 9.17 -31.26
CA ALA F 150 36.96 10.53 -31.56
C ALA F 150 36.51 10.99 -32.95
N HIS F 151 36.76 10.16 -33.95
CA HIS F 151 36.41 10.48 -35.32
C HIS F 151 34.96 10.92 -35.46
N SER F 152 34.13 10.45 -34.52
CA SER F 152 32.68 10.60 -34.60
C SER F 152 32.13 11.79 -33.83
N ALA F 153 32.96 12.41 -33.00
CA ALA F 153 32.51 13.53 -32.19
C ALA F 153 32.14 14.73 -33.04
N GLU F 154 31.25 15.55 -32.49
CA GLU F 154 30.81 16.83 -33.07
C GLU F 154 30.60 17.85 -31.95
N GLY F 155 30.61 19.14 -32.31
CA GLY F 155 30.50 20.26 -31.36
C GLY F 155 31.59 20.29 -30.29
N GLU F 156 31.24 20.84 -29.13
CA GLU F 156 32.09 20.86 -27.95
C GLU F 156 32.44 19.44 -27.48
N VAL F 157 33.74 19.17 -27.31
CA VAL F 157 34.15 17.93 -26.67
C VAL F 157 34.74 18.25 -25.27
N THR F 158 34.95 17.23 -24.46
CA THR F 158 35.41 17.49 -23.09
C THR F 158 36.46 16.49 -22.64
N TYR F 159 37.52 17.02 -22.04
CA TYR F 159 38.70 16.27 -21.69
C TYR F 159 38.95 16.46 -20.22
N MET F 160 38.90 15.37 -19.46
CA MET F 160 39.19 15.50 -18.05
C MET F 160 40.52 14.85 -17.71
N VAL F 161 41.35 15.58 -16.96
CA VAL F 161 42.71 15.17 -16.74
C VAL F 161 43.13 15.26 -15.28
N ASP F 162 44.22 14.57 -14.95
CA ASP F 162 44.79 14.56 -13.59
C ASP F 162 45.85 15.66 -13.39
N GLY F 163 45.54 16.61 -12.52
CA GLY F 163 46.44 17.73 -12.31
C GLY F 163 47.27 17.60 -11.06
N SER F 164 47.22 16.43 -10.41
CA SER F 164 47.95 16.18 -9.17
C SER F 164 48.88 14.98 -9.24
N ASN F 165 49.39 14.65 -10.42
CA ASN F 165 50.25 13.49 -10.58
C ASN F 165 51.67 13.88 -10.92
N PRO F 166 52.53 13.99 -9.91
CA PRO F 166 53.95 14.22 -10.08
C PRO F 166 54.62 13.34 -11.14
N LYS F 167 54.10 12.14 -11.39
CA LYS F 167 54.77 11.18 -12.27
C LYS F 167 54.32 11.25 -13.70
N VAL F 168 53.28 11.99 -13.99
CA VAL F 168 52.65 11.89 -15.29
C VAL F 168 51.93 13.19 -15.52
N PRO F 169 52.33 13.90 -16.59
CA PRO F 169 51.74 15.21 -16.88
C PRO F 169 50.31 15.03 -17.20
N ALA F 170 49.48 15.99 -16.78
CA ALA F 170 48.09 16.08 -17.22
C ALA F 170 47.88 15.74 -18.71
N TYR F 171 48.66 16.37 -19.60
CA TYR F 171 48.58 16.03 -21.00
C TYR F 171 49.84 15.35 -21.49
N ARG F 172 49.72 14.48 -22.48
CA ARG F 172 50.87 13.76 -22.99
C ARG F 172 50.67 13.50 -24.48
N PRO F 173 51.76 13.48 -25.26
CA PRO F 173 51.58 13.05 -26.65
C PRO F 173 51.39 11.53 -26.77
N ASP F 174 51.80 10.78 -25.75
CA ASP F 174 51.84 9.32 -25.85
C ASP F 174 50.82 8.64 -24.95
N SER F 175 49.84 9.41 -24.48
CA SER F 175 48.65 8.88 -23.83
C SER F 175 47.71 8.35 -24.92
N PHE F 176 46.71 7.55 -24.57
CA PHE F 176 45.72 7.11 -25.56
C PHE F 176 45.06 8.39 -26.12
N PHE F 177 44.74 9.35 -25.25
CA PHE F 177 44.16 10.58 -25.75
C PHE F 177 45.00 11.23 -26.86
N GLY F 178 46.23 11.61 -26.52
CA GLY F 178 47.16 12.27 -27.46
C GLY F 178 47.66 11.49 -28.69
N LYS F 179 47.76 10.17 -28.59
CA LYS F 179 48.16 9.32 -29.71
C LYS F 179 46.96 9.05 -30.66
N TYR F 180 45.73 9.07 -30.13
CA TYR F 180 44.59 8.48 -30.85
C TYR F 180 43.31 9.31 -30.95
N GLU F 181 42.98 10.00 -29.86
CA GLU F 181 41.78 10.80 -29.84
C GLU F 181 42.06 12.13 -30.51
N LEU F 182 42.87 12.97 -29.89
CA LEU F 182 43.23 14.27 -30.47
C LEU F 182 43.47 14.27 -32.00
N PRO F 183 44.42 13.45 -32.51
CA PRO F 183 44.76 13.56 -33.95
C PRO F 183 43.59 13.34 -34.89
N ASN F 184 42.52 12.71 -34.37
CA ASN F 184 41.41 12.25 -35.19
C ASN F 184 40.11 13.03 -35.03
N LEU F 185 40.13 14.06 -34.20
CA LEU F 185 39.03 15.02 -34.16
C LEU F 185 38.88 15.73 -35.52
N THR F 186 37.64 16.06 -35.87
CA THR F 186 37.31 16.53 -37.21
C THR F 186 36.77 17.94 -37.15
N ASN F 187 36.78 18.64 -38.28
CA ASN F 187 36.42 20.06 -38.32
C ASN F 187 35.01 20.33 -37.82
N LYS F 188 34.30 19.24 -37.55
CA LYS F 188 32.93 19.26 -37.00
C LYS F 188 32.97 19.49 -35.50
N VAL F 189 34.15 19.28 -34.91
CA VAL F 189 34.46 19.59 -33.52
C VAL F 189 34.87 21.06 -33.51
N THR F 190 34.54 21.80 -32.45
CA THR F 190 34.64 23.28 -32.46
C THR F 190 35.36 23.83 -31.23
N ARG F 191 35.29 23.08 -30.13
CA ARG F 191 35.92 23.49 -28.89
C ARG F 191 36.31 22.26 -28.06
N VAL F 192 37.47 22.37 -27.40
CA VAL F 192 37.91 21.37 -26.42
C VAL F 192 37.98 22.07 -25.08
N LYS F 193 37.20 21.59 -24.11
CA LYS F 193 37.17 22.19 -22.77
C LYS F 193 37.85 21.23 -21.82
N VAL F 194 38.85 21.70 -21.10
CA VAL F 194 39.54 20.80 -20.21
C VAL F 194 38.97 20.94 -18.81
N ILE F 195 38.91 19.81 -18.11
CA ILE F 195 38.70 19.83 -16.69
C ILE F 195 39.96 19.26 -16.04
N VAL F 196 40.61 20.10 -15.23
CA VAL F 196 41.75 19.64 -14.46
C VAL F 196 41.31 19.22 -13.07
N LEU F 197 41.68 18.01 -12.71
CA LEU F 197 41.37 17.50 -11.39
C LEU F 197 42.50 17.78 -10.42
N HIS F 198 42.15 18.22 -9.23
CA HIS F 198 43.15 18.44 -8.23
C HIS F 198 42.78 17.63 -7.03
N ARG F 199 43.29 16.40 -6.96
CA ARG F 199 42.97 15.52 -5.84
C ARG F 199 43.06 16.21 -4.48
N LEU F 200 42.14 15.85 -3.58
CA LEU F 200 41.99 16.53 -2.30
C LEU F 200 43.09 16.26 -1.30
N GLY F 201 43.52 17.31 -0.62
CA GLY F 201 44.64 17.22 0.28
C GLY F 201 45.88 16.73 -0.43
N GLU F 202 45.92 16.87 -1.76
CA GLU F 202 47.14 16.61 -2.52
C GLU F 202 47.65 17.89 -3.16
N LYS F 203 48.92 17.86 -3.58
CA LYS F 203 49.59 19.05 -4.04
C LYS F 203 49.40 19.24 -5.51
N ILE F 204 48.97 20.43 -5.89
CA ILE F 204 48.75 20.77 -7.29
C ILE F 204 50.00 20.49 -8.10
N ILE F 205 49.88 19.87 -9.26
CA ILE F 205 51.03 19.62 -10.12
C ILE F 205 50.95 20.41 -11.41
N GLU F 206 49.77 20.47 -11.98
CA GLU F 206 49.64 21.19 -13.23
C GLU F 206 48.51 22.22 -13.14
N LYS F 207 48.65 23.30 -13.88
CA LYS F 207 47.63 24.34 -13.88
C LYS F 207 47.32 24.77 -15.29
N CYS F 208 46.11 25.29 -15.48
CA CYS F 208 45.76 25.82 -16.78
C CYS F 208 46.74 26.93 -17.10
N GLY F 209 47.02 27.07 -18.38
CA GLY F 209 47.87 28.15 -18.87
C GLY F 209 49.30 27.71 -18.84
N ALA F 210 49.56 26.59 -18.19
CA ALA F 210 50.95 26.15 -18.00
C ALA F 210 51.26 24.68 -18.33
N GLY F 211 52.54 24.36 -18.24
CA GLY F 211 53.09 23.04 -18.53
C GLY F 211 52.43 22.38 -19.71
N SER F 212 51.94 21.16 -19.46
CA SER F 212 51.42 20.33 -20.55
C SER F 212 50.04 20.82 -20.94
N LEU F 213 49.39 21.55 -20.04
CA LEU F 213 48.11 22.14 -20.37
C LEU F 213 48.29 23.33 -21.35
N LEU F 214 49.40 24.06 -21.21
CA LEU F 214 49.73 25.06 -22.21
C LEU F 214 50.16 24.41 -23.51
N ASP F 215 51.09 23.46 -23.47
CA ASP F 215 51.36 22.63 -24.65
C ASP F 215 50.04 22.25 -25.29
N LEU F 216 49.12 21.71 -24.51
CA LEU F 216 47.87 21.26 -25.06
C LEU F 216 47.10 22.40 -25.68
N GLU F 217 46.94 23.49 -24.92
CA GLU F 217 46.20 24.66 -25.37
C GLU F 217 46.66 25.18 -26.76
N LYS F 218 47.94 25.01 -27.08
CA LYS F 218 48.47 25.47 -28.38
C LYS F 218 48.09 24.51 -29.50
N LEU F 219 48.05 23.22 -29.15
CA LEU F 219 47.87 22.15 -30.11
C LEU F 219 46.44 22.26 -30.61
N VAL F 220 45.53 22.42 -29.65
CA VAL F 220 44.13 22.77 -29.93
C VAL F 220 44.01 23.95 -30.88
N LYS F 221 44.50 25.11 -30.46
CA LYS F 221 44.41 26.31 -31.27
C LYS F 221 44.95 26.12 -32.69
N ALA F 222 45.81 25.12 -32.86
CA ALA F 222 46.48 24.91 -34.15
C ALA F 222 45.69 23.98 -35.06
N LYS F 223 44.87 23.11 -34.48
CA LYS F 223 43.88 22.35 -35.27
C LYS F 223 42.64 23.18 -35.53
N HIS F 224 42.66 24.41 -35.01
CA HIS F 224 41.62 25.42 -35.22
C HIS F 224 40.39 25.24 -34.32
N PHE F 225 40.58 24.76 -33.09
CA PHE F 225 39.47 24.74 -32.15
C PHE F 225 39.56 25.84 -31.11
N ALA F 226 38.41 26.30 -30.62
CA ALA F 226 38.39 27.14 -29.43
C ALA F 226 38.84 26.30 -28.23
N PHE F 227 39.35 26.96 -27.20
CA PHE F 227 39.88 26.26 -26.02
C PHE F 227 39.40 26.90 -24.73
N ASP F 228 39.33 26.08 -23.69
CA ASP F 228 38.80 26.47 -22.40
C ASP F 228 39.32 25.49 -21.32
N CYS F 229 39.37 25.93 -20.09
CA CYS F 229 40.01 25.15 -19.05
C CYS F 229 39.49 25.55 -17.70
N VAL F 230 39.29 24.58 -16.80
CA VAL F 230 38.92 24.91 -15.43
C VAL F 230 39.47 23.87 -14.45
N GLU F 231 39.75 24.35 -13.25
CA GLU F 231 40.38 23.55 -12.22
C GLU F 231 39.35 23.30 -11.16
N ASN F 232 39.13 22.03 -10.85
CA ASN F 232 38.12 21.65 -9.88
C ASN F 232 36.88 22.55 -9.94
N PRO F 233 36.05 22.40 -11.00
CA PRO F 233 34.77 23.09 -11.03
C PRO F 233 33.81 22.56 -9.96
N ARG F 234 33.04 23.45 -9.35
CA ARG F 234 32.21 23.12 -8.20
C ARG F 234 31.53 21.78 -8.32
N ALA F 235 30.92 21.56 -9.49
CA ALA F 235 30.17 20.34 -9.73
C ALA F 235 31.10 19.15 -9.49
N VAL F 236 32.28 19.16 -10.13
CA VAL F 236 33.23 18.09 -9.93
C VAL F 236 33.57 17.98 -8.45
N LEU F 237 34.08 19.06 -7.89
CA LEU F 237 34.54 19.07 -6.52
C LEU F 237 33.63 18.33 -5.54
N PHE F 238 32.35 18.64 -5.59
CA PHE F 238 31.43 18.02 -4.67
C PHE F 238 31.47 16.50 -4.73
N LEU F 239 31.65 15.92 -5.91
CA LEU F 239 31.83 14.46 -5.97
C LEU F 239 33.03 14.03 -5.11
N LEU F 240 34.16 14.71 -5.33
CA LEU F 240 35.39 14.41 -4.61
C LEU F 240 35.16 14.49 -3.11
N CYS F 241 34.55 15.58 -2.69
CA CYS F 241 34.35 15.78 -1.29
C CYS F 241 33.41 14.79 -0.62
N SER F 242 32.55 14.13 -1.41
CA SER F 242 31.71 13.08 -0.86
C SER F 242 32.49 11.85 -0.36
N ASP F 243 33.70 11.64 -0.87
CA ASP F 243 34.58 10.55 -0.42
C ASP F 243 35.50 10.99 0.72
N ASN F 244 35.90 12.27 0.69
CA ASN F 244 36.74 12.81 1.74
C ASN F 244 36.05 14.03 2.36
N PRO F 245 34.88 13.83 3.01
CA PRO F 245 34.15 15.03 3.47
C PRO F 245 34.94 15.83 4.50
N ASN F 246 35.87 15.17 5.19
CA ASN F 246 36.68 15.82 6.22
C ASN F 246 37.74 16.79 5.69
N ALA F 247 37.98 16.80 4.38
CA ALA F 247 39.04 17.61 3.75
C ALA F 247 38.82 19.12 3.75
N ARG F 248 39.93 19.84 3.86
CA ARG F 248 39.94 21.28 4.00
C ARG F 248 39.28 22.00 2.84
N GLU F 249 39.46 21.44 1.63
CA GLU F 249 38.96 22.04 0.39
C GLU F 249 37.45 22.28 0.37
N CYS F 250 36.69 21.47 1.12
CA CYS F 250 35.25 21.70 1.25
C CYS F 250 34.73 21.78 2.67
N ARG F 251 35.24 22.73 3.43
CA ARG F 251 34.57 23.16 4.64
C ARG F 251 33.38 23.96 4.15
N LEU F 252 32.20 23.67 4.69
CA LEU F 252 31.03 24.49 4.42
C LEU F 252 31.12 25.80 5.22
N ALA F 253 30.37 26.82 4.80
CA ALA F 253 30.45 28.16 5.39
C ALA F 253 29.83 28.30 6.79
N LYS F 254 30.17 27.56 7.72
N ILE G 3 81.73 14.29 17.21
CA ILE G 3 81.08 12.96 16.99
C ILE G 3 81.65 11.91 17.96
N VAL G 4 80.73 11.18 18.61
CA VAL G 4 81.04 10.29 19.74
C VAL G 4 81.36 8.90 19.24
N PRO G 5 82.53 8.36 19.61
CA PRO G 5 82.81 6.97 19.25
C PRO G 5 82.05 5.95 20.09
N THR G 6 82.21 4.70 19.72
CA THR G 6 81.47 3.62 20.29
C THR G 6 82.14 3.07 21.55
N ARG G 7 81.39 3.04 22.65
CA ARG G 7 81.90 2.61 23.95
C ARG G 7 82.23 1.15 23.86
N GLU G 8 83.19 0.73 24.69
CA GLU G 8 83.61 -0.67 24.82
C GLU G 8 83.72 -1.38 23.49
N LEU G 9 84.42 -0.77 22.54
CA LEU G 9 84.47 -1.22 21.16
C LEU G 9 85.04 -2.62 21.01
N GLU G 10 86.09 -2.96 21.72
CA GLU G 10 86.57 -4.34 21.67
C GLU G 10 85.47 -5.31 22.07
N ASN G 11 84.79 -5.01 23.18
CA ASN G 11 83.65 -5.76 23.71
C ASN G 11 82.52 -6.00 22.64
N VAL G 12 82.06 -4.94 22.00
CA VAL G 12 81.02 -5.06 20.95
C VAL G 12 81.45 -5.86 19.72
N PHE G 13 82.58 -5.49 19.13
CA PHE G 13 83.24 -6.30 18.09
C PHE G 13 83.23 -7.78 18.44
N LEU G 14 83.80 -8.13 19.60
CA LEU G 14 83.93 -9.55 19.99
C LEU G 14 82.60 -10.24 20.17
N GLY G 15 81.58 -9.46 20.54
CA GLY G 15 80.26 -10.00 20.85
C GLY G 15 79.53 -10.32 19.56
N ARG G 16 79.23 -9.25 18.81
CA ARG G 16 78.85 -9.30 17.42
C ARG G 16 79.60 -10.37 16.69
N CYS G 17 80.91 -10.40 16.77
CA CYS G 17 81.65 -11.44 16.03
C CYS G 17 81.22 -12.89 16.40
N LYS G 18 81.09 -13.15 17.71
CA LYS G 18 80.76 -14.48 18.21
C LYS G 18 79.32 -14.81 17.93
N ASP G 19 78.46 -13.81 18.12
CA ASP G 19 77.07 -13.98 17.86
C ASP G 19 77.03 -14.41 16.40
N TYR G 20 77.45 -13.55 15.50
CA TYR G 20 77.46 -13.91 14.09
C TYR G 20 78.01 -15.30 13.83
N GLU G 21 79.17 -15.61 14.41
CA GLU G 21 79.82 -16.86 14.12
C GLU G 21 78.85 -18.03 14.34
N ILE G 22 78.30 -18.10 15.54
CA ILE G 22 77.58 -19.28 15.92
C ILE G 22 76.15 -19.26 15.39
N THR G 23 75.55 -18.08 15.25
CA THR G 23 74.11 -18.03 15.01
C THR G 23 73.63 -17.37 13.72
N ARG G 24 74.43 -16.55 13.09
CA ARG G 24 73.85 -15.79 11.99
C ARG G 24 74.24 -16.26 10.61
N TYR G 25 73.24 -16.30 9.71
CA TYR G 25 73.40 -16.72 8.33
C TYR G 25 73.93 -18.13 8.19
N LEU G 26 73.53 -19.04 9.07
CA LEU G 26 74.23 -20.29 9.10
C LEU G 26 74.21 -20.98 7.74
N ASP G 27 73.08 -20.97 7.07
CA ASP G 27 72.95 -21.70 5.79
C ASP G 27 73.07 -20.78 4.57
N ILE G 28 73.61 -19.57 4.78
CA ILE G 28 73.54 -18.51 3.78
C ILE G 28 74.93 -18.05 3.42
N LEU G 29 75.74 -17.73 4.44
CA LEU G 29 77.20 -17.51 4.25
C LEU G 29 78.06 -18.51 5.03
N PRO G 30 79.29 -18.78 4.52
CA PRO G 30 80.14 -19.76 5.17
C PRO G 30 80.79 -19.13 6.41
N ARG G 31 81.41 -19.96 7.24
CA ARG G 31 82.11 -19.41 8.40
C ARG G 31 83.51 -19.01 7.94
N VAL G 32 84.15 -18.09 8.68
CA VAL G 32 85.56 -17.72 8.43
C VAL G 32 86.53 -18.50 9.27
N ARG G 33 87.72 -18.73 8.74
CA ARG G 33 88.72 -19.60 9.36
C ARG G 33 89.20 -19.01 10.69
N SER G 34 89.37 -17.68 10.71
CA SER G 34 89.97 -16.98 11.87
C SER G 34 89.05 -16.89 13.07
N ASP G 35 89.55 -17.12 14.28
CA ASP G 35 88.72 -16.91 15.46
C ASP G 35 88.56 -15.42 15.70
N CYS G 36 87.61 -15.07 16.56
CA CYS G 36 87.28 -13.69 16.87
C CYS G 36 88.46 -12.89 17.43
N SER G 37 89.27 -13.51 18.27
CA SER G 37 90.39 -12.78 18.85
C SER G 37 91.48 -12.45 17.84
N ALA G 38 91.57 -13.17 16.73
CA ALA G 38 92.55 -12.89 15.67
C ALA G 38 92.05 -11.78 14.75
N LEU G 39 90.74 -11.79 14.52
CA LEU G 39 90.13 -10.77 13.69
C LEU G 39 90.27 -9.40 14.36
N TRP G 40 90.16 -9.41 15.69
CA TRP G 40 90.32 -8.20 16.47
C TRP G 40 91.75 -7.67 16.35
N LYS G 41 92.71 -8.55 16.68
CA LYS G 41 94.10 -8.27 16.46
C LYS G 41 94.32 -7.59 15.08
N ASP G 42 93.77 -8.15 14.01
CA ASP G 42 93.92 -7.55 12.67
C ASP G 42 93.16 -6.23 12.53
N PHE G 43 91.94 -6.17 13.09
CA PHE G 43 91.15 -4.95 13.05
C PHE G 43 91.93 -3.86 13.78
N PHE G 44 92.30 -4.15 15.02
CA PHE G 44 92.89 -3.15 15.89
C PHE G 44 94.17 -2.53 15.38
N LYS G 45 95.10 -3.33 14.91
CA LYS G 45 96.37 -2.80 14.50
C LYS G 45 96.24 -1.98 13.19
N ALA G 46 95.14 -2.09 12.47
CA ALA G 46 94.98 -1.25 11.29
C ALA G 46 94.90 0.22 11.64
N PHE G 47 94.49 0.55 12.85
CA PHE G 47 94.29 1.95 13.18
C PHE G 47 94.91 2.40 14.51
N SER G 48 95.30 1.45 15.35
CA SER G 48 95.78 1.76 16.68
C SER G 48 97.12 2.48 16.68
N PHE G 49 97.27 3.42 17.62
CA PHE G 49 98.50 4.20 17.77
C PHE G 49 98.88 4.94 16.51
N LYS G 50 97.91 5.56 15.84
CA LYS G 50 98.20 6.49 14.73
C LYS G 50 97.27 7.70 14.79
N ASN G 51 97.62 8.77 14.09
CA ASN G 51 96.72 9.92 13.97
C ASN G 51 95.42 9.42 13.34
N PRO G 52 94.26 9.88 13.87
CA PRO G 52 93.02 9.49 13.29
C PRO G 52 93.09 9.51 11.77
N CYS G 53 93.73 10.52 11.18
CA CYS G 53 93.76 10.69 9.72
C CYS G 53 94.94 10.00 9.08
N ASP G 54 95.67 9.25 9.90
CA ASP G 54 96.86 8.52 9.44
C ASP G 54 96.50 7.12 9.00
N LEU G 55 95.82 7.03 7.85
CA LEU G 55 95.31 5.74 7.40
C LEU G 55 95.22 5.75 5.89
N ASP G 56 95.29 4.56 5.29
CA ASP G 56 95.08 4.49 3.86
C ASP G 56 94.36 3.20 3.46
N LEU G 57 94.05 3.12 2.17
CA LEU G 57 93.37 2.00 1.57
C LEU G 57 93.99 0.65 1.92
N GLY G 58 95.28 0.60 2.17
CA GLY G 58 95.94 -0.66 2.52
C GLY G 58 95.87 -0.97 4.01
N SER G 59 95.34 -0.03 4.82
CA SER G 59 95.38 -0.18 6.30
C SER G 59 94.74 -1.42 6.88
N TYR G 60 93.55 -1.75 6.40
CA TYR G 60 92.81 -2.91 6.89
C TYR G 60 92.91 -4.13 5.97
N LYS G 61 93.90 -4.17 5.05
CA LYS G 61 94.02 -5.34 4.14
C LYS G 61 94.09 -6.69 4.86
N ASP G 62 94.96 -6.83 5.87
CA ASP G 62 95.01 -8.07 6.64
C ASP G 62 93.68 -8.42 7.23
N PHE G 63 93.03 -7.46 7.89
CA PHE G 63 91.71 -7.68 8.41
C PHE G 63 90.70 -8.20 7.38
N PHE G 64 90.58 -7.54 6.24
CA PHE G 64 89.73 -8.06 5.18
C PHE G 64 90.20 -9.37 4.54
N THR G 65 91.48 -9.66 4.59
CA THR G 65 91.92 -10.95 4.12
C THR G 65 91.31 -12.05 5.02
N SER G 66 91.47 -11.92 6.35
CA SER G 66 90.97 -12.95 7.28
C SER G 66 89.46 -13.01 7.32
N ALA G 67 88.83 -11.90 6.93
CA ALA G 67 87.40 -11.74 7.20
C ALA G 67 86.47 -11.95 6.00
N GLN G 68 87.04 -12.23 4.82
CA GLN G 68 86.22 -12.42 3.62
C GLN G 68 85.62 -13.83 3.56
N GLN G 69 84.37 -13.85 3.18
CA GLN G 69 83.66 -15.08 2.99
C GLN G 69 83.42 -15.22 1.48
N GLN G 70 83.48 -16.44 0.95
CA GLN G 70 82.94 -16.75 -0.37
C GLN G 70 81.50 -16.30 -0.40
N LEU G 71 81.09 -15.63 -1.49
CA LEU G 71 79.72 -15.13 -1.57
C LEU G 71 78.86 -15.95 -2.54
N PRO G 72 77.57 -16.19 -2.23
CA PRO G 72 76.83 -17.09 -3.13
C PRO G 72 76.60 -16.52 -4.52
N LYS G 73 76.94 -17.36 -5.51
CA LYS G 73 76.69 -17.07 -6.90
C LYS G 73 75.39 -16.29 -7.05
N ASN G 74 75.41 -15.18 -7.78
CA ASN G 74 74.19 -14.52 -8.24
C ASN G 74 73.38 -13.78 -7.21
N LYS G 75 73.81 -13.79 -5.96
CA LYS G 75 72.96 -13.23 -4.91
C LYS G 75 73.44 -11.91 -4.36
N VAL G 76 74.61 -11.47 -4.80
CA VAL G 76 75.15 -10.22 -4.29
C VAL G 76 74.37 -8.99 -4.78
N MET G 77 74.17 -8.06 -3.86
CA MET G 77 73.51 -6.81 -4.15
C MET G 77 74.37 -5.62 -3.74
N PHE G 78 74.34 -4.57 -4.56
CA PHE G 78 74.96 -3.32 -4.21
C PHE G 78 73.81 -2.33 -4.16
N TRP G 79 73.95 -1.24 -3.40
CA TRP G 79 72.91 -0.23 -3.33
C TRP G 79 73.51 1.16 -3.23
N SER G 80 72.75 2.17 -3.67
CA SER G 80 73.11 3.56 -3.48
C SER G 80 71.92 4.48 -3.21
N GLY G 81 71.78 4.92 -1.97
CA GLY G 81 70.82 6.00 -1.63
C GLY G 81 69.45 5.46 -1.29
N VAL G 82 69.41 4.21 -0.87
CA VAL G 82 68.18 3.51 -0.64
C VAL G 82 68.47 2.44 0.40
N TYR G 83 69.13 2.81 1.48
CA TYR G 83 69.48 1.86 2.51
C TYR G 83 68.27 1.04 2.91
N ASP G 84 67.18 1.70 3.29
CA ASP G 84 66.11 0.96 3.88
C ASP G 84 65.41 0.09 2.84
N GLU G 85 65.27 0.62 1.65
CA GLU G 85 64.52 -0.10 0.65
C GLU G 85 65.24 -1.36 0.15
N ALA G 86 66.54 -1.28 -0.06
CA ALA G 86 67.35 -2.39 -0.52
C ALA G 86 67.50 -3.45 0.59
N HIS G 87 67.72 -3.03 1.81
CA HIS G 87 67.84 -3.98 2.88
C HIS G 87 66.55 -4.68 3.21
N ASP G 88 65.41 -3.99 3.12
CA ASP G 88 64.14 -4.66 3.39
C ASP G 88 63.85 -5.73 2.32
N TYR G 89 64.03 -5.35 1.06
CA TYR G 89 64.03 -6.27 -0.05
C TYR G 89 65.05 -7.43 0.02
N ALA G 90 66.28 -7.21 0.49
CA ALA G 90 67.25 -8.30 0.48
C ALA G 90 66.86 -9.31 1.55
N ASN G 91 66.20 -8.79 2.59
CA ASN G 91 65.51 -9.56 3.60
C ASN G 91 66.48 -10.52 4.30
N THR G 92 67.39 -9.90 5.06
CA THR G 92 68.35 -10.63 5.91
C THR G 92 69.02 -11.83 5.22
N GLY G 93 69.47 -11.61 3.99
CA GLY G 93 70.26 -12.59 3.29
C GLY G 93 69.40 -13.59 2.57
N ARG G 94 68.08 -13.53 2.78
CA ARG G 94 67.16 -14.52 2.16
C ARG G 94 67.01 -14.44 0.64
N LYS G 95 66.77 -13.22 0.11
CA LYS G 95 66.61 -12.96 -1.32
C LYS G 95 67.95 -12.44 -1.90
N TYR G 96 68.59 -11.55 -1.17
CA TYR G 96 69.94 -11.13 -1.53
C TYR G 96 70.86 -10.95 -0.32
N ILE G 97 72.15 -10.92 -0.63
CA ILE G 97 73.21 -10.52 0.26
C ILE G 97 73.60 -9.06 -0.02
N THR G 98 73.78 -8.28 1.06
CA THR G 98 74.49 -7.00 1.03
C THR G 98 75.72 -7.05 1.92
N LEU G 99 76.60 -6.08 1.74
CA LEU G 99 77.78 -5.95 2.55
C LEU G 99 77.39 -6.20 4.01
N GLU G 100 76.40 -5.45 4.50
CA GLU G 100 75.88 -5.50 5.87
C GLU G 100 75.57 -6.93 6.43
N ASP G 101 75.44 -7.91 5.56
CA ASP G 101 75.26 -9.28 6.00
C ASP G 101 76.57 -10.08 6.08
N THR G 102 77.62 -9.56 5.48
CA THR G 102 78.89 -10.23 5.60
C THR G 102 79.42 -9.94 6.98
N LEU G 103 80.30 -10.82 7.45
CA LEU G 103 80.95 -10.73 8.74
C LEU G 103 81.54 -9.35 9.09
N PRO G 104 82.43 -8.82 8.23
CA PRO G 104 82.95 -7.49 8.47
C PRO G 104 81.84 -6.43 8.47
N GLY G 105 80.87 -6.51 7.57
CA GLY G 105 79.78 -5.49 7.52
C GLY G 105 78.96 -5.52 8.81
N TYR G 106 78.69 -6.72 9.28
CA TYR G 106 77.84 -6.95 10.42
C TYR G 106 78.56 -6.41 11.63
N MET G 107 79.85 -6.80 11.77
CA MET G 107 80.59 -6.46 12.96
C MET G 107 80.69 -4.96 13.16
N LEU G 108 80.91 -4.24 12.07
CA LEU G 108 81.19 -2.83 12.19
C LEU G 108 80.00 -1.90 11.85
N ASN G 109 78.83 -2.47 11.58
CA ASN G 109 77.74 -1.64 11.11
C ASN G 109 77.40 -0.54 12.12
N SER G 110 77.37 0.70 11.63
CA SER G 110 77.06 1.89 12.46
C SER G 110 78.11 2.20 13.56
N LEU G 111 79.19 1.46 13.58
CA LEU G 111 80.14 1.67 14.67
C LEU G 111 81.04 2.88 14.41
N VAL G 112 81.59 3.50 15.46
CA VAL G 112 82.47 4.67 15.32
C VAL G 112 83.74 4.52 16.18
N TRP G 113 84.90 4.66 15.54
CA TRP G 113 86.21 4.48 16.18
C TRP G 113 87.26 5.32 15.46
N CYS G 114 88.46 5.36 16.01
CA CYS G 114 89.54 6.14 15.42
C CYS G 114 90.74 6.09 16.33
N GLY G 115 91.92 6.09 15.71
CA GLY G 115 93.18 6.03 16.43
C GLY G 115 93.52 7.31 17.14
N GLN G 116 94.38 7.16 18.15
CA GLN G 116 95.26 8.23 18.65
C GLN G 116 96.63 7.61 18.92
N ARG G 117 97.67 8.44 18.96
CA ARG G 117 99.05 7.98 19.20
C ARG G 117 99.35 7.60 20.63
N ALA G 118 98.67 8.28 21.57
CA ALA G 118 98.88 8.03 22.99
C ALA G 118 98.11 6.80 23.41
N ASN G 119 98.59 6.10 24.44
CA ASN G 119 97.89 4.95 24.96
C ASN G 119 96.48 5.32 25.39
N PRO G 120 95.51 4.39 25.23
CA PRO G 120 95.54 3.05 24.62
C PRO G 120 95.53 2.98 23.06
N GLY G 121 95.85 4.07 22.36
CA GLY G 121 96.07 3.98 20.92
C GLY G 121 94.83 4.21 20.11
N PHE G 122 93.71 4.41 20.81
CA PHE G 122 92.43 4.82 20.22
C PHE G 122 91.71 5.88 21.05
N ASN G 123 91.01 6.76 20.36
CA ASN G 123 90.23 7.79 21.03
C ASN G 123 88.87 7.32 21.49
N GLU G 124 88.51 7.65 22.71
CA GLU G 124 87.21 7.25 23.26
C GLU G 124 86.26 8.42 23.45
N LYS G 125 86.76 9.65 23.39
CA LYS G 125 85.98 10.80 23.78
C LYS G 125 85.40 11.41 22.56
N VAL G 126 86.21 11.47 21.50
CA VAL G 126 85.85 12.21 20.29
C VAL G 126 86.53 11.67 19.03
N CYS G 127 85.79 11.71 17.92
CA CYS G 127 86.44 11.65 16.64
C CYS G 127 86.30 12.80 15.67
N PRO G 128 87.28 12.96 14.76
CA PRO G 128 87.26 14.11 13.89
C PRO G 128 86.22 13.93 12.80
N ASP G 129 85.73 15.04 12.26
CA ASP G 129 84.85 15.02 11.10
C ASP G 129 85.54 14.26 9.98
N PHE G 130 84.85 13.32 9.34
CA PHE G 130 85.47 12.62 8.20
C PHE G 130 86.05 13.59 7.16
N LYS G 131 85.35 14.70 6.91
CA LYS G 131 85.75 15.68 5.90
C LYS G 131 87.07 16.34 6.25
N THR G 132 87.52 16.19 7.50
CA THR G 132 88.81 16.73 7.91
C THR G 132 89.98 15.90 7.35
N CYS G 133 89.81 14.59 7.20
CA CYS G 133 90.94 13.75 6.79
C CYS G 133 91.09 13.63 5.26
N PRO G 134 92.28 13.20 4.79
CA PRO G 134 92.42 12.85 3.40
C PRO G 134 91.44 11.75 3.03
N VAL G 135 91.02 11.77 1.77
CA VAL G 135 90.02 10.81 1.30
C VAL G 135 90.46 9.34 1.50
N GLN G 136 91.74 9.05 1.37
CA GLN G 136 92.15 7.67 1.49
C GLN G 136 92.07 7.23 2.93
N ALA G 137 92.13 8.18 3.86
CA ALA G 137 92.04 7.81 5.29
C ALA G 137 90.61 7.70 5.74
N ARG G 138 89.77 8.54 5.19
CA ARG G 138 88.40 8.52 5.65
C ARG G 138 87.63 7.40 4.98
N GLU G 139 88.16 6.85 3.91
CA GLU G 139 87.48 5.76 3.20
C GLU G 139 88.29 4.49 3.43
N SER G 140 89.32 4.59 4.26
CA SER G 140 90.15 3.46 4.46
C SER G 140 89.39 2.19 4.79
N PHE G 141 88.49 2.22 5.78
CA PHE G 141 87.64 1.04 6.13
C PHE G 141 86.55 0.61 5.14
N TRP G 142 85.54 1.46 4.96
CA TRP G 142 84.38 1.07 4.18
C TRP G 142 84.73 0.96 2.71
N GLY G 143 85.70 1.77 2.28
CA GLY G 143 86.23 1.70 0.90
C GLY G 143 86.79 0.32 0.69
N MET G 144 87.66 -0.12 1.60
CA MET G 144 88.26 -1.45 1.46
C MET G 144 87.26 -2.59 1.71
N ALA G 145 86.20 -2.37 2.49
CA ALA G 145 85.15 -3.37 2.63
C ALA G 145 84.37 -3.58 1.33
N SER G 146 84.12 -2.50 0.61
CA SER G 146 83.41 -2.57 -0.66
C SER G 146 84.19 -3.23 -1.80
N SER G 147 85.46 -2.90 -1.92
CA SER G 147 86.37 -3.58 -2.88
C SER G 147 86.48 -5.06 -2.64
N SER G 148 86.64 -5.46 -1.38
CA SER G 148 86.91 -6.87 -1.05
C SER G 148 85.64 -7.68 -1.32
N TYR G 149 84.52 -7.12 -0.92
CA TYR G 149 83.16 -7.61 -1.20
C TYR G 149 82.93 -7.67 -2.69
N ALA G 150 83.19 -6.55 -3.39
CA ALA G 150 82.89 -6.46 -4.81
C ALA G 150 83.75 -7.47 -5.52
N HIS G 151 85.01 -7.55 -5.12
CA HIS G 151 85.91 -8.56 -5.66
C HIS G 151 85.40 -9.96 -5.44
N SER G 152 84.50 -10.21 -4.51
CA SER G 152 84.09 -11.63 -4.27
C SER G 152 82.81 -12.09 -4.95
N ALA G 153 82.05 -11.12 -5.47
CA ALA G 153 80.82 -11.39 -6.21
C ALA G 153 81.02 -12.38 -7.33
N GLU G 154 80.07 -13.30 -7.50
CA GLU G 154 80.07 -14.25 -8.65
C GLU G 154 78.70 -14.23 -9.28
N GLY G 155 78.63 -14.44 -10.58
CA GLY G 155 77.33 -14.55 -11.29
C GLY G 155 76.71 -13.18 -11.57
N GLU G 156 75.39 -13.14 -11.50
CA GLU G 156 74.71 -11.88 -11.63
C GLU G 156 74.80 -11.17 -10.30
N VAL G 157 75.11 -9.89 -10.37
CA VAL G 157 75.01 -9.02 -9.23
C VAL G 157 73.83 -8.13 -9.45
N THR G 158 73.34 -7.52 -8.38
CA THR G 158 72.16 -6.66 -8.45
C THR G 158 72.44 -5.31 -7.76
N TYR G 159 72.05 -4.21 -8.39
CA TYR G 159 72.28 -2.87 -7.89
C TYR G 159 70.96 -2.07 -7.79
N MET G 160 70.67 -1.55 -6.61
CA MET G 160 69.45 -0.83 -6.43
C MET G 160 69.78 0.62 -6.24
N VAL G 161 69.02 1.50 -6.88
CA VAL G 161 69.33 2.91 -6.83
C VAL G 161 68.15 3.82 -6.63
N ASP G 162 68.41 5.00 -6.11
CA ASP G 162 67.39 6.03 -6.04
C ASP G 162 67.18 6.61 -7.43
N GLY G 163 65.94 6.66 -7.91
CA GLY G 163 65.65 7.20 -9.24
C GLY G 163 64.97 8.55 -9.14
N SER G 164 64.89 9.04 -7.91
CA SER G 164 64.08 10.21 -7.61
C SER G 164 64.83 11.31 -6.91
N ASN G 165 66.16 11.25 -6.84
CA ASN G 165 66.87 12.30 -6.14
C ASN G 165 67.31 13.44 -7.04
N PRO G 166 66.53 14.55 -7.04
CA PRO G 166 66.75 15.64 -8.00
C PRO G 166 68.19 16.14 -8.02
N LYS G 167 68.96 15.84 -6.95
CA LYS G 167 70.36 16.29 -6.87
C LYS G 167 71.45 15.16 -6.85
N VAL G 168 71.09 13.92 -6.55
CA VAL G 168 72.09 12.85 -6.64
C VAL G 168 71.72 11.91 -7.79
N PRO G 169 72.53 11.84 -8.85
CA PRO G 169 72.13 10.91 -9.88
C PRO G 169 72.12 9.46 -9.35
N ALA G 170 71.43 8.59 -10.07
CA ALA G 170 71.19 7.28 -9.61
C ALA G 170 72.50 6.46 -9.66
N TYR G 171 73.28 6.73 -10.68
CA TYR G 171 74.64 6.22 -10.69
C TYR G 171 75.63 7.38 -10.61
N ARG G 172 76.64 7.25 -9.77
CA ARG G 172 77.73 8.25 -9.67
C ARG G 172 79.05 7.54 -9.49
N PRO G 173 80.01 7.88 -10.37
CA PRO G 173 81.42 7.44 -10.28
C PRO G 173 81.92 7.62 -8.86
N ASP G 174 81.49 8.72 -8.25
CA ASP G 174 81.91 9.17 -6.92
C ASP G 174 81.18 8.54 -5.74
N SER G 175 80.23 7.62 -5.96
CA SER G 175 79.64 6.93 -4.82
C SER G 175 80.57 5.74 -4.45
N PHE G 176 80.25 5.00 -3.40
CA PHE G 176 81.09 3.87 -3.06
C PHE G 176 81.04 2.82 -4.13
N PHE G 177 79.84 2.53 -4.60
CA PHE G 177 79.66 1.62 -5.70
C PHE G 177 80.52 2.02 -6.90
N GLY G 178 80.43 3.28 -7.27
CA GLY G 178 81.08 3.76 -8.46
C GLY G 178 82.57 3.67 -8.30
N LYS G 179 83.01 3.74 -7.04
CA LYS G 179 84.44 3.85 -6.68
C LYS G 179 85.19 2.55 -6.40
N TYR G 180 84.55 1.62 -5.71
CA TYR G 180 85.19 0.42 -5.17
C TYR G 180 84.46 -0.84 -5.53
N GLU G 181 83.27 -0.69 -6.09
CA GLU G 181 82.43 -1.85 -6.34
C GLU G 181 82.46 -2.13 -7.81
N LEU G 182 81.72 -1.34 -8.59
CA LEU G 182 81.69 -1.47 -10.01
C LEU G 182 83.05 -1.86 -10.62
N PRO G 183 84.08 -1.03 -10.40
CA PRO G 183 85.34 -1.26 -11.09
C PRO G 183 86.12 -2.49 -10.60
N ASN G 184 85.66 -3.11 -9.50
CA ASN G 184 86.38 -4.18 -8.87
C ASN G 184 85.65 -5.48 -9.11
N LEU G 185 84.61 -5.43 -9.93
CA LEU G 185 83.98 -6.67 -10.35
C LEU G 185 84.94 -7.48 -11.27
N THR G 186 85.13 -8.76 -10.92
CA THR G 186 85.96 -9.70 -11.67
C THR G 186 85.22 -10.34 -12.84
N ASN G 187 85.97 -11.09 -13.65
CA ASN G 187 85.41 -11.81 -14.78
C ASN G 187 84.54 -13.02 -14.37
N LYS G 188 84.52 -13.37 -13.10
CA LYS G 188 83.52 -14.32 -12.66
C LYS G 188 82.13 -13.68 -12.49
N VAL G 189 82.03 -12.35 -12.55
CA VAL G 189 80.73 -11.70 -12.67
C VAL G 189 80.26 -11.78 -14.14
N THR G 190 78.94 -11.97 -14.34
CA THR G 190 78.32 -12.20 -15.66
C THR G 190 77.32 -11.11 -16.08
N ARG G 191 76.73 -10.42 -15.12
CA ARG G 191 75.66 -9.49 -15.44
C ARG G 191 75.40 -8.59 -14.25
N VAL G 192 75.06 -7.36 -14.59
CA VAL G 192 74.74 -6.41 -13.57
C VAL G 192 73.30 -6.10 -13.73
N LYS G 193 72.55 -6.20 -12.63
CA LYS G 193 71.10 -5.99 -12.68
C LYS G 193 70.67 -4.87 -11.79
N VAL G 194 70.14 -3.82 -12.42
CA VAL G 194 69.83 -2.57 -11.76
C VAL G 194 68.32 -2.43 -11.50
N ILE G 195 67.91 -2.44 -10.23
CA ILE G 195 66.55 -2.11 -9.86
C ILE G 195 66.53 -0.60 -9.71
N VAL G 196 65.67 0.12 -10.42
CA VAL G 196 65.60 1.56 -10.28
C VAL G 196 64.45 1.97 -9.41
N LEU G 197 64.73 2.46 -8.22
CA LEU G 197 63.66 2.81 -7.28
C LEU G 197 62.95 4.12 -7.63
N HIS G 198 61.62 4.10 -7.80
CA HIS G 198 60.84 5.36 -8.04
C HIS G 198 59.97 5.73 -6.84
N ARG G 199 60.50 6.56 -5.95
CA ARG G 199 59.83 6.91 -4.69
C ARG G 199 58.39 7.35 -4.91
N LEU G 200 57.50 6.87 -4.05
CA LEU G 200 56.07 7.08 -4.24
C LEU G 200 55.71 8.55 -4.10
N GLY G 201 54.75 8.97 -4.90
CA GLY G 201 54.23 10.32 -4.86
C GLY G 201 55.23 11.37 -5.22
N GLU G 202 56.37 10.96 -5.78
CA GLU G 202 57.45 11.87 -6.08
C GLU G 202 57.87 11.85 -7.57
N LYS G 203 58.39 12.96 -8.08
CA LYS G 203 58.72 13.02 -9.50
C LYS G 203 59.88 12.12 -9.94
N ILE G 204 59.69 11.42 -11.06
CA ILE G 204 60.74 10.65 -11.72
C ILE G 204 61.87 11.54 -12.27
N ILE G 205 63.09 11.12 -11.98
CA ILE G 205 64.30 11.85 -12.34
C ILE G 205 65.12 11.06 -13.38
N GLU G 206 65.44 9.80 -13.04
CA GLU G 206 66.30 8.94 -13.85
C GLU G 206 65.50 7.74 -14.34
N LYS G 207 65.54 7.44 -15.65
CA LYS G 207 64.87 6.22 -16.17
C LYS G 207 65.89 5.28 -16.85
N CYS G 208 65.58 3.99 -16.96
CA CYS G 208 66.45 3.07 -17.73
C CYS G 208 66.64 3.61 -19.17
N GLY G 209 67.88 3.58 -19.67
CA GLY G 209 68.23 4.02 -21.02
C GLY G 209 68.55 5.49 -21.22
N ALA G 210 68.87 6.18 -20.11
CA ALA G 210 69.05 7.65 -20.10
C ALA G 210 69.89 8.12 -18.89
N GLY G 211 70.28 9.40 -18.90
CA GLY G 211 71.13 9.96 -17.83
C GLY G 211 72.17 8.94 -17.34
N SER G 212 72.36 8.88 -16.02
CA SER G 212 73.48 8.14 -15.45
C SER G 212 73.35 6.64 -15.76
N LEU G 213 72.11 6.18 -15.79
CA LEU G 213 71.82 4.79 -16.09
C LEU G 213 72.20 4.36 -17.51
N LEU G 214 72.09 5.27 -18.49
CA LEU G 214 72.71 5.00 -19.76
C LEU G 214 74.20 4.77 -19.56
N ASP G 215 74.87 5.70 -18.89
CA ASP G 215 76.32 5.66 -18.84
C ASP G 215 76.80 4.40 -18.16
N LEU G 216 76.07 4.04 -17.12
CA LEU G 216 76.30 2.86 -16.38
C LEU G 216 76.21 1.63 -17.29
N GLU G 217 75.21 1.63 -18.17
CA GLU G 217 75.04 0.58 -19.16
C GLU G 217 76.36 0.44 -19.92
N LYS G 218 76.86 1.54 -20.47
CA LYS G 218 78.12 1.50 -21.19
C LYS G 218 79.28 0.96 -20.35
N LEU G 219 79.36 1.32 -19.07
CA LEU G 219 80.51 0.90 -18.26
C LEU G 219 80.52 -0.60 -18.03
N VAL G 220 79.30 -1.11 -17.85
CA VAL G 220 79.03 -2.54 -17.63
C VAL G 220 79.35 -3.35 -18.87
N LYS G 221 78.98 -2.80 -20.03
CA LYS G 221 79.22 -3.49 -21.24
C LYS G 221 80.67 -3.35 -21.63
N ALA G 222 81.32 -2.25 -21.24
CA ALA G 222 82.75 -2.19 -21.51
C ALA G 222 83.52 -3.15 -20.61
N LYS G 223 82.95 -3.48 -19.44
CA LYS G 223 83.57 -4.49 -18.59
C LYS G 223 83.17 -5.89 -19.02
N HIS G 224 82.56 -5.97 -20.20
CA HIS G 224 82.26 -7.26 -20.78
C HIS G 224 81.19 -7.96 -19.95
N PHE G 225 80.40 -7.17 -19.21
CA PHE G 225 79.24 -7.71 -18.48
C PHE G 225 77.94 -7.49 -19.19
N ALA G 226 77.00 -8.38 -18.92
CA ALA G 226 75.66 -8.20 -19.39
C ALA G 226 74.90 -7.25 -18.45
N PHE G 227 73.95 -6.50 -19.02
CA PHE G 227 73.24 -5.43 -18.31
C PHE G 227 71.73 -5.63 -18.26
N ASP G 228 71.09 -5.13 -17.20
CA ASP G 228 69.65 -5.31 -16.94
C ASP G 228 69.20 -4.07 -16.24
N CYS G 229 68.01 -3.60 -16.57
CA CYS G 229 67.46 -2.51 -15.80
C CYS G 229 65.97 -2.69 -15.70
N VAL G 230 65.42 -2.38 -14.54
CA VAL G 230 63.97 -2.44 -14.30
C VAL G 230 63.50 -1.31 -13.36
N GLU G 231 62.25 -0.87 -13.45
CA GLU G 231 61.76 0.28 -12.65
C GLU G 231 60.59 -0.05 -11.71
N ASN G 232 60.76 0.20 -10.41
CA ASN G 232 59.84 -0.36 -9.39
C ASN G 232 59.25 -1.68 -9.83
N PRO G 233 60.05 -2.76 -9.85
CA PRO G 233 59.37 -4.01 -10.15
C PRO G 233 58.38 -4.25 -9.04
N ARG G 234 57.34 -5.02 -9.32
CA ARG G 234 56.28 -5.37 -8.36
C ARG G 234 56.75 -5.73 -6.95
N ALA G 235 57.51 -6.79 -6.78
CA ALA G 235 57.86 -7.21 -5.41
C ALA G 235 58.37 -5.99 -4.62
N VAL G 236 59.02 -5.09 -5.33
CA VAL G 236 59.58 -3.90 -4.73
C VAL G 236 58.54 -2.81 -4.55
N LEU G 237 57.80 -2.50 -5.59
CA LEU G 237 56.65 -1.59 -5.44
C LEU G 237 55.79 -1.97 -4.22
N PHE G 238 55.80 -3.25 -3.85
CA PHE G 238 54.93 -3.62 -2.77
C PHE G 238 55.51 -3.28 -1.45
N LEU G 239 56.84 -3.31 -1.33
CA LEU G 239 57.49 -2.84 -0.09
C LEU G 239 57.17 -1.40 0.20
N LEU G 240 57.23 -0.59 -0.85
CA LEU G 240 57.02 0.86 -0.80
C LEU G 240 55.62 1.19 -0.39
N CYS G 241 54.69 0.54 -1.06
CA CYS G 241 53.28 0.75 -0.83
C CYS G 241 52.96 0.46 0.62
N SER G 242 53.65 -0.51 1.20
CA SER G 242 53.36 -0.92 2.55
C SER G 242 53.43 0.27 3.49
N ASP G 243 54.46 1.12 3.34
CA ASP G 243 54.71 2.29 4.22
C ASP G 243 53.95 3.58 3.81
N ASN G 244 53.21 3.50 2.71
CA ASN G 244 52.41 4.61 2.26
C ASN G 244 51.33 4.00 1.38
N PRO G 245 50.31 3.37 2.01
CA PRO G 245 49.24 2.68 1.29
C PRO G 245 48.36 3.59 0.44
N ASN G 246 48.18 4.83 0.86
CA ASN G 246 47.21 5.68 0.17
C ASN G 246 47.80 6.23 -1.12
N ALA G 247 49.08 5.90 -1.35
CA ALA G 247 49.75 6.39 -2.53
C ALA G 247 48.98 5.93 -3.77
N ARG G 248 48.69 6.88 -4.66
CA ARG G 248 48.10 6.64 -5.97
C ARG G 248 48.63 5.39 -6.63
N GLU G 249 49.94 5.30 -6.82
CA GLU G 249 50.56 4.11 -7.46
C GLU G 249 50.35 2.79 -6.69
N CYS G 250 49.50 2.79 -5.68
CA CYS G 250 49.20 1.56 -4.96
C CYS G 250 47.71 1.10 -5.06
N ARG G 251 46.93 1.67 -5.99
CA ARG G 251 45.50 1.33 -6.21
C ARG G 251 45.30 -0.17 -6.52
N LEU G 252 44.30 -0.80 -5.92
CA LEU G 252 43.97 -2.20 -6.23
C LEU G 252 42.76 -2.42 -7.17
N ALA G 253 41.81 -1.65 -7.17
N ALA H 1 63.30 -38.00 18.39
CA ALA H 1 62.72 -36.91 19.24
C ALA H 1 63.81 -36.30 20.15
N ALA H 2 64.57 -35.37 19.57
CA ALA H 2 65.77 -34.75 20.18
C ALA H 2 66.33 -33.64 19.26
N ILE H 3 66.92 -32.61 19.86
CA ILE H 3 67.49 -31.47 19.14
C ILE H 3 68.94 -31.24 19.60
N VAL H 4 69.72 -30.46 18.84
CA VAL H 4 71.13 -30.16 19.18
C VAL H 4 71.28 -28.80 19.87
N PRO H 5 71.94 -28.75 21.02
CA PRO H 5 71.97 -27.43 21.64
C PRO H 5 72.95 -26.48 20.99
N THR H 6 72.70 -25.20 21.23
CA THR H 6 73.52 -24.13 20.76
C THR H 6 74.94 -24.20 21.38
N ARG H 7 75.97 -24.21 20.53
CA ARG H 7 77.36 -24.23 20.97
C ARG H 7 77.74 -22.93 21.68
N GLU H 8 78.77 -22.99 22.54
CA GLU H 8 79.30 -21.85 23.34
C GLU H 8 78.18 -20.87 23.81
N LEU H 9 77.10 -21.43 24.34
CA LEU H 9 75.95 -20.67 24.83
C LEU H 9 76.33 -19.45 25.62
N GLU H 10 77.22 -19.65 26.60
CA GLU H 10 77.63 -18.53 27.46
C GLU H 10 78.18 -17.37 26.65
N ASN H 11 79.24 -17.63 25.89
CA ASN H 11 79.79 -16.65 24.97
C ASN H 11 78.75 -15.98 24.06
N VAL H 12 77.76 -16.75 23.60
CA VAL H 12 76.70 -16.23 22.71
C VAL H 12 75.78 -15.31 23.47
N PHE H 13 75.40 -15.79 24.65
CA PHE H 13 74.53 -15.04 25.52
C PHE H 13 75.13 -13.66 25.69
N LEU H 14 76.38 -13.67 26.11
CA LEU H 14 77.02 -12.51 26.59
C LEU H 14 77.33 -11.65 25.38
N GLY H 15 77.69 -12.29 24.27
CA GLY H 15 77.92 -11.56 23.05
C GLY H 15 76.71 -10.69 22.76
N ARG H 16 75.57 -11.35 22.65
CA ARG H 16 74.33 -10.70 22.26
C ARG H 16 74.01 -9.67 23.28
N CYS H 17 74.15 -10.08 24.52
CA CYS H 17 73.73 -9.24 25.58
C CYS H 17 74.39 -7.89 25.41
N LYS H 18 75.69 -7.91 25.14
CA LYS H 18 76.49 -6.72 25.18
C LYS H 18 76.35 -5.99 23.87
N ASP H 19 76.15 -6.74 22.78
CA ASP H 19 75.93 -6.09 21.50
C ASP H 19 74.64 -5.30 21.72
N TYR H 20 73.67 -5.97 22.33
CA TYR H 20 72.41 -5.31 22.57
C TYR H 20 72.62 -4.11 23.47
N GLU H 21 73.34 -4.32 24.57
CA GLU H 21 73.54 -3.28 25.59
C GLU H 21 73.98 -1.98 24.91
N ILE H 22 75.13 -2.02 24.23
CA ILE H 22 75.70 -0.80 23.65
C ILE H 22 75.05 -0.31 22.35
N THR H 23 74.43 -1.16 21.55
CA THR H 23 74.10 -0.70 20.19
C THR H 23 72.68 -0.82 19.72
N ARG H 24 71.88 -1.67 20.36
CA ARG H 24 70.55 -1.95 19.80
C ARG H 24 69.43 -1.17 20.49
N TYR H 25 68.38 -0.89 19.73
CA TYR H 25 67.15 -0.29 20.24
C TYR H 25 67.35 0.94 21.10
N LEU H 26 68.39 1.69 20.78
CA LEU H 26 68.80 2.82 21.61
C LEU H 26 67.77 3.95 21.67
N ASP H 27 67.03 4.14 20.59
CA ASP H 27 66.04 5.22 20.53
C ASP H 27 64.66 4.68 20.87
N ILE H 28 64.61 3.41 21.25
CA ILE H 28 63.34 2.69 21.33
C ILE H 28 63.08 1.98 22.66
N LEU H 29 64.06 1.24 23.16
CA LEU H 29 63.91 0.53 24.43
C LEU H 29 64.87 1.09 25.46
N PRO H 30 64.59 0.92 26.75
CA PRO H 30 65.53 1.45 27.72
C PRO H 30 66.62 0.44 27.97
N ARG H 31 67.61 0.81 28.79
CA ARG H 31 68.68 -0.11 29.19
C ARG H 31 68.45 -0.72 30.58
N VAL H 32 68.85 -1.97 30.73
CA VAL H 32 68.66 -2.70 31.95
C VAL H 32 69.88 -2.49 32.84
N ARG H 33 69.65 -2.25 34.13
CA ARG H 33 70.74 -2.04 35.12
C ARG H 33 71.69 -3.23 35.30
N SER H 34 71.12 -4.43 35.44
CA SER H 34 71.89 -5.63 35.60
C SER H 34 72.83 -5.79 34.42
N ASP H 35 74.09 -5.95 34.74
CA ASP H 35 75.12 -6.14 33.76
C ASP H 35 75.06 -7.56 33.23
N CYS H 36 75.68 -7.77 32.08
CA CYS H 36 75.53 -9.03 31.38
C CYS H 36 75.93 -10.25 32.23
N SER H 37 76.99 -10.12 33.03
CA SER H 37 77.46 -11.24 33.84
C SER H 37 76.48 -11.65 34.92
N ALA H 38 75.73 -10.67 35.43
CA ALA H 38 74.73 -10.94 36.48
C ALA H 38 73.53 -11.63 35.85
N LEU H 39 73.15 -11.12 34.67
CA LEU H 39 72.07 -11.70 33.86
C LEU H 39 72.33 -13.17 33.54
N TRP H 40 73.56 -13.45 33.14
CA TRP H 40 73.99 -14.81 32.92
C TRP H 40 73.80 -15.67 34.14
N LYS H 41 74.34 -15.22 35.27
CA LYS H 41 74.27 -15.98 36.52
C LYS H 41 72.85 -16.43 36.73
N ASP H 42 71.91 -15.48 36.80
CA ASP H 42 70.50 -15.79 37.10
C ASP H 42 69.98 -16.83 36.14
N PHE H 43 70.29 -16.60 34.87
CA PHE H 43 69.80 -17.40 33.77
C PHE H 43 70.28 -18.85 33.87
N PHE H 44 71.54 -19.02 34.24
CA PHE H 44 72.15 -20.34 34.30
C PHE H 44 71.68 -21.13 35.53
N LYS H 45 71.25 -20.44 36.59
CA LYS H 45 70.73 -21.09 37.80
C LYS H 45 69.54 -21.99 37.49
N ALA H 46 68.73 -21.56 36.52
CA ALA H 46 67.37 -22.06 36.34
C ALA H 46 67.26 -23.46 35.76
N PHE H 47 68.31 -23.93 35.12
CA PHE H 47 68.27 -25.25 34.53
C PHE H 47 69.55 -26.02 34.81
N SER H 48 70.53 -25.34 35.41
CA SER H 48 71.85 -25.91 35.63
C SER H 48 71.89 -26.94 36.74
N PHE H 49 72.53 -28.06 36.42
CA PHE H 49 72.82 -29.16 37.35
C PHE H 49 71.59 -29.94 37.72
N LYS H 50 70.56 -29.78 36.90
CA LYS H 50 69.28 -30.43 37.10
C LYS H 50 68.84 -31.10 35.78
N ASN H 51 67.95 -32.09 35.89
CA ASN H 51 67.40 -32.84 34.72
C ASN H 51 66.70 -31.97 33.68
N PRO H 52 66.81 -32.34 32.39
CA PRO H 52 66.43 -31.37 31.32
C PRO H 52 64.97 -30.95 31.35
N CYS H 53 64.08 -31.85 31.79
CA CYS H 53 62.63 -31.56 31.79
C CYS H 53 62.13 -31.30 33.22
N ASP H 54 63.00 -30.72 34.05
CA ASP H 54 62.66 -30.45 35.46
C ASP H 54 62.59 -28.94 35.78
N LEU H 55 61.55 -28.28 35.29
CA LEU H 55 61.36 -26.84 35.47
C LEU H 55 59.88 -26.50 35.52
N ASP H 56 59.54 -25.30 35.99
CA ASP H 56 58.15 -24.84 35.96
C ASP H 56 58.09 -23.38 35.54
N LEU H 57 56.99 -22.69 35.83
CA LEU H 57 56.81 -21.31 35.39
C LEU H 57 57.65 -20.31 36.20
N GLY H 58 58.07 -20.72 37.40
CA GLY H 58 58.93 -19.90 38.26
C GLY H 58 60.43 -20.13 38.15
N SER H 59 60.86 -21.01 37.24
CA SER H 59 62.28 -21.34 37.17
C SER H 59 63.18 -20.19 36.70
N TYR H 60 62.68 -19.40 35.75
CA TYR H 60 63.39 -18.22 35.24
C TYR H 60 62.83 -16.90 35.79
N LYS H 61 62.38 -16.94 37.05
CA LYS H 61 61.79 -15.79 37.74
C LYS H 61 62.73 -14.63 37.85
N ASP H 62 63.88 -14.92 38.45
CA ASP H 62 64.81 -13.88 38.82
C ASP H 62 65.35 -13.24 37.57
N PHE H 63 65.70 -14.07 36.58
CA PHE H 63 66.18 -13.59 35.28
C PHE H 63 65.30 -12.45 34.74
N PHE H 64 63.99 -12.63 34.78
CA PHE H 64 63.07 -11.71 34.08
C PHE H 64 62.78 -10.39 34.75
N THR H 65 62.59 -10.39 36.06
CA THR H 65 62.40 -9.15 36.82
C THR H 65 63.62 -8.28 36.56
N SER H 66 64.77 -8.96 36.52
CA SER H 66 66.06 -8.38 36.28
C SER H 66 66.19 -7.82 34.83
N ALA H 67 65.62 -8.57 33.86
CA ALA H 67 65.77 -8.32 32.42
C ALA H 67 64.66 -7.46 31.84
N GLN H 68 63.57 -7.37 32.59
CA GLN H 68 62.39 -6.57 32.31
C GLN H 68 62.76 -5.15 31.92
N GLN H 69 62.50 -4.77 30.68
CA GLN H 69 62.53 -3.38 30.27
C GLN H 69 61.14 -2.76 30.41
N GLN H 70 61.04 -1.46 30.77
CA GLN H 70 59.81 -0.69 30.53
C GLN H 70 59.61 -0.70 29.03
N LEU H 71 58.37 -0.75 28.57
CA LEU H 71 58.10 -0.76 27.13
C LEU H 71 57.13 0.37 26.80
N PRO H 72 57.30 1.01 25.62
CA PRO H 72 56.61 2.28 25.38
C PRO H 72 55.10 2.10 25.18
N LYS H 73 54.33 3.11 25.57
CA LYS H 73 52.86 3.08 25.44
C LYS H 73 52.39 2.78 24.00
N ASN H 74 51.32 2.01 23.85
CA ASN H 74 50.61 1.91 22.55
C ASN H 74 51.25 1.04 21.46
N LYS H 75 52.43 0.50 21.73
CA LYS H 75 53.25 -0.08 20.69
C LYS H 75 53.47 -1.60 20.82
N VAL H 76 53.22 -2.16 22.00
CA VAL H 76 53.53 -3.56 22.25
C VAL H 76 52.71 -4.42 21.31
N MET H 77 53.33 -5.51 20.82
CA MET H 77 52.62 -6.50 20.02
C MET H 77 52.80 -7.95 20.49
N PHE H 78 51.71 -8.71 20.43
CA PHE H 78 51.74 -10.16 20.59
C PHE H 78 51.45 -10.71 19.26
N TRP H 79 51.74 -11.99 19.07
CA TRP H 79 51.47 -12.64 17.82
C TRP H 79 51.21 -14.11 18.06
N SER H 80 50.37 -14.72 17.23
CA SER H 80 50.28 -16.16 17.23
C SER H 80 50.24 -16.73 15.84
N GLY H 81 51.05 -17.75 15.59
CA GLY H 81 51.05 -18.51 14.34
C GLY H 81 51.57 -17.73 13.15
N VAL H 82 51.97 -16.48 13.38
CA VAL H 82 52.35 -15.56 12.31
C VAL H 82 53.70 -14.86 12.51
N TYR H 83 54.75 -15.64 12.79
CA TYR H 83 56.08 -15.13 13.14
C TYR H 83 56.54 -14.09 12.12
N ASP H 84 56.92 -14.56 10.94
CA ASP H 84 57.52 -13.70 9.96
C ASP H 84 56.73 -12.43 9.67
N GLU H 85 55.47 -12.61 9.31
CA GLU H 85 54.70 -11.48 8.86
C GLU H 85 54.57 -10.44 9.96
N ALA H 86 54.53 -10.89 11.21
CA ALA H 86 54.39 -9.99 12.35
C ALA H 86 55.68 -9.18 12.61
N HIS H 87 56.83 -9.84 12.46
CA HIS H 87 58.08 -9.15 12.66
C HIS H 87 58.44 -8.27 11.49
N ASP H 88 58.13 -8.69 10.26
CA ASP H 88 58.32 -7.83 9.11
C ASP H 88 57.46 -6.61 9.36
N TYR H 89 56.27 -6.82 9.94
CA TYR H 89 55.36 -5.69 10.10
C TYR H 89 55.81 -4.76 11.20
N ALA H 90 56.31 -5.33 12.30
CA ALA H 90 56.65 -4.54 13.47
C ALA H 90 57.89 -3.72 13.17
N ASN H 91 58.50 -4.07 12.05
CA ASN H 91 59.63 -3.39 11.44
C ASN H 91 60.82 -3.18 12.36
N THR H 92 61.19 -4.26 13.04
CA THR H 92 62.27 -4.25 13.97
C THR H 92 62.16 -3.00 14.84
N GLY H 93 61.06 -2.87 15.56
CA GLY H 93 60.83 -1.75 16.47
C GLY H 93 60.33 -0.43 15.87
N ARG H 94 60.46 -0.24 14.56
CA ARG H 94 60.01 1.01 13.94
C ARG H 94 58.49 1.27 14.09
N LYS H 95 57.68 0.23 13.88
CA LYS H 95 56.24 0.41 13.93
C LYS H 95 55.62 -0.23 15.16
N TYR H 96 56.14 -1.37 15.58
CA TYR H 96 55.69 -1.98 16.84
C TYR H 96 56.80 -2.75 17.51
N ILE H 97 56.60 -3.03 18.79
CA ILE H 97 57.57 -3.72 19.62
C ILE H 97 57.16 -5.16 19.76
N THR H 98 58.06 -6.11 19.45
CA THR H 98 57.79 -7.52 19.75
C THR H 98 58.70 -8.04 20.85
N LEU H 99 58.32 -9.12 21.49
CA LEU H 99 59.17 -9.80 22.46
C LEU H 99 60.60 -9.99 21.93
N GLU H 100 60.73 -10.44 20.68
CA GLU H 100 62.03 -10.56 20.01
C GLU H 100 62.90 -9.28 19.98
N ASP H 101 62.30 -8.11 20.29
CA ASP H 101 63.02 -6.83 20.29
C ASP H 101 63.50 -6.47 21.70
N THR H 102 62.84 -7.04 22.70
CA THR H 102 63.25 -6.85 24.07
C THR H 102 64.57 -7.59 24.30
N LEU H 103 65.25 -7.26 25.40
CA LEU H 103 66.54 -7.85 25.63
C LEU H 103 66.45 -9.38 25.77
N PRO H 104 65.65 -9.88 26.75
CA PRO H 104 65.59 -11.32 26.83
C PRO H 104 65.24 -11.97 25.48
N GLY H 105 64.34 -11.35 24.72
CA GLY H 105 63.93 -11.91 23.43
C GLY H 105 65.11 -12.07 22.49
N TYR H 106 65.77 -10.95 22.24
CA TYR H 106 66.91 -10.89 21.35
C TYR H 106 67.97 -11.90 21.80
N MET H 107 68.15 -12.01 23.11
CA MET H 107 69.18 -12.89 23.66
C MET H 107 68.95 -14.38 23.36
N LEU H 108 67.73 -14.87 23.56
CA LEU H 108 67.54 -16.32 23.45
C LEU H 108 66.78 -16.78 22.22
N ASN H 109 66.39 -15.82 21.38
CA ASN H 109 65.71 -16.11 20.15
C ASN H 109 66.53 -17.14 19.41
N SER H 110 65.92 -18.30 19.16
CA SER H 110 66.51 -19.37 18.39
C SER H 110 67.46 -20.26 19.14
N LEU H 111 67.86 -19.87 20.33
CA LEU H 111 68.83 -20.69 21.03
C LEU H 111 68.24 -21.98 21.59
N VAL H 112 69.06 -23.03 21.66
CA VAL H 112 68.63 -24.32 22.20
C VAL H 112 69.48 -24.69 23.41
N TRP H 113 68.90 -24.89 24.59
CA TRP H 113 69.71 -25.16 25.79
C TRP H 113 69.17 -26.17 26.81
N CYS H 114 70.06 -26.90 27.50
CA CYS H 114 69.65 -28.05 28.36
C CYS H 114 70.15 -28.06 29.76
N GLY H 115 69.43 -28.77 30.62
CA GLY H 115 69.98 -29.20 31.90
C GLY H 115 70.60 -30.60 31.86
N GLN H 116 71.52 -30.82 32.80
CA GLN H 116 72.30 -32.04 32.98
C GLN H 116 72.72 -31.92 34.44
N ARG H 117 72.79 -33.04 35.16
CA ARG H 117 73.17 -33.00 36.58
C ARG H 117 74.67 -32.98 36.74
N ALA H 118 75.36 -33.81 35.95
CA ALA H 118 76.80 -33.82 36.00
C ALA H 118 77.43 -32.59 35.33
N ASN H 119 78.42 -32.04 36.02
CA ASN H 119 79.49 -31.22 35.43
C ASN H 119 79.54 -31.42 33.90
N PRO H 120 79.33 -30.36 33.09
CA PRO H 120 79.17 -28.89 33.24
C PRO H 120 77.89 -28.36 33.89
N GLY H 121 76.87 -29.17 34.07
CA GLY H 121 75.54 -28.65 34.47
C GLY H 121 74.53 -28.53 33.33
N PHE H 122 75.04 -28.60 32.09
CA PHE H 122 74.20 -28.48 30.91
C PHE H 122 74.63 -29.42 29.81
N ASN H 123 73.68 -29.81 28.96
CA ASN H 123 74.06 -30.70 27.90
C ASN H 123 74.41 -30.01 26.60
N GLU H 124 75.48 -30.52 25.99
CA GLU H 124 76.12 -29.93 24.87
C GLU H 124 76.01 -30.81 23.64
N LYS H 125 75.74 -32.08 23.88
CA LYS H 125 75.50 -32.99 22.79
C LYS H 125 74.05 -32.91 22.40
N VAL H 126 73.18 -32.99 23.41
CA VAL H 126 71.76 -33.26 23.13
C VAL H 126 70.72 -32.64 24.07
N CYS H 127 69.58 -32.25 23.49
CA CYS H 127 68.37 -31.89 24.24
C CYS H 127 67.13 -32.69 23.77
N PRO H 128 66.07 -32.75 24.62
CA PRO H 128 64.75 -33.21 24.19
C PRO H 128 63.97 -32.10 23.49
N ASP H 129 63.16 -32.48 22.50
CA ASP H 129 62.32 -31.54 21.74
C ASP H 129 61.16 -31.15 22.65
N PHE H 130 60.51 -30.02 22.35
CA PHE H 130 59.44 -29.52 23.21
C PHE H 130 58.74 -30.70 23.88
N LYS H 131 58.10 -31.50 23.03
CA LYS H 131 57.10 -32.44 23.44
C LYS H 131 57.52 -33.55 24.41
N THR H 132 58.74 -34.09 24.27
CA THR H 132 59.26 -35.09 25.22
C THR H 132 59.07 -34.55 26.63
N CYS H 133 59.27 -33.24 26.76
CA CYS H 133 59.14 -32.56 28.04
C CYS H 133 57.69 -32.22 28.34
N PRO H 134 57.27 -32.45 29.60
CA PRO H 134 55.96 -32.02 30.09
C PRO H 134 55.64 -30.58 29.68
N VAL H 135 54.42 -30.14 29.94
CA VAL H 135 53.94 -28.85 29.44
C VAL H 135 54.54 -27.63 30.17
N GLN H 136 54.47 -27.59 31.50
CA GLN H 136 54.99 -26.44 32.27
C GLN H 136 56.53 -26.22 32.12
N ALA H 137 57.26 -27.33 32.06
CA ALA H 137 58.70 -27.38 31.85
C ALA H 137 59.08 -26.96 30.42
N ARG H 138 58.31 -27.39 29.44
CA ARG H 138 58.60 -27.08 28.06
C ARG H 138 58.25 -25.61 27.78
N GLU H 139 57.37 -25.04 28.59
CA GLU H 139 56.95 -23.64 28.39
C GLU H 139 57.53 -22.68 29.44
N SER H 140 58.36 -23.24 30.32
CA SER H 140 59.01 -22.49 31.37
C SER H 140 59.52 -21.17 30.84
N PHE H 141 60.43 -21.24 29.88
CA PHE H 141 61.12 -20.05 29.43
C PHE H 141 60.24 -19.05 28.64
N TRP H 142 59.80 -19.48 27.47
CA TRP H 142 59.13 -18.55 26.61
C TRP H 142 57.75 -18.16 27.13
N GLY H 143 57.23 -18.94 28.08
CA GLY H 143 55.96 -18.62 28.68
C GLY H 143 56.11 -17.58 29.77
N MET H 144 57.26 -17.62 30.44
CA MET H 144 57.52 -16.69 31.54
C MET H 144 58.02 -15.36 30.98
N ALA H 145 58.84 -15.46 29.94
CA ALA H 145 59.17 -14.30 29.13
C ALA H 145 57.89 -13.57 28.71
N SER H 146 56.89 -14.34 28.27
CA SER H 146 55.66 -13.75 27.77
C SER H 146 54.91 -13.03 28.85
N SER H 147 54.95 -13.61 30.05
CA SER H 147 54.30 -13.06 31.23
C SER H 147 54.77 -11.66 31.52
N SER H 148 56.08 -11.52 31.75
CA SER H 148 56.69 -10.22 32.09
C SER H 148 56.47 -9.17 31.01
N TYR H 149 56.62 -9.60 29.75
CA TYR H 149 56.45 -8.74 28.60
C TYR H 149 55.01 -8.29 28.63
N ALA H 150 54.11 -9.27 28.70
CA ALA H 150 52.71 -9.00 28.81
C ALA H 150 52.42 -8.03 29.95
N HIS H 151 52.71 -8.46 31.18
CA HIS H 151 52.58 -7.67 32.39
C HIS H 151 52.87 -6.18 32.12
N SER H 152 53.92 -5.94 31.34
CA SER H 152 54.51 -4.60 31.21
C SER H 152 53.93 -3.69 30.13
N ALA H 153 53.05 -4.22 29.27
CA ALA H 153 52.36 -3.41 28.29
C ALA H 153 51.47 -2.31 28.94
N GLU H 154 51.28 -1.22 28.20
CA GLU H 154 50.52 -0.01 28.62
C GLU H 154 50.00 0.67 27.34
N GLY H 155 48.76 1.16 27.38
CA GLY H 155 48.11 1.74 26.19
C GLY H 155 47.38 0.72 25.33
N GLU H 156 47.29 0.96 24.02
CA GLU H 156 46.68 -0.03 23.10
C GLU H 156 47.69 -1.13 22.86
N VAL H 157 47.27 -2.39 22.97
CA VAL H 157 48.12 -3.51 22.49
C VAL H 157 47.63 -3.99 21.14
N THR H 158 48.41 -4.83 20.47
CA THR H 158 48.09 -5.29 19.12
C THR H 158 48.49 -6.76 18.97
N TYR H 159 47.53 -7.55 18.49
CA TYR H 159 47.72 -8.98 18.38
C TYR H 159 47.48 -9.42 16.95
N MET H 160 48.48 -10.06 16.34
CA MET H 160 48.29 -10.56 15.00
C MET H 160 48.16 -12.07 15.02
N VAL H 161 47.17 -12.52 14.24
CA VAL H 161 46.69 -13.88 14.27
C VAL H 161 46.53 -14.43 12.86
N ASP H 162 46.54 -15.76 12.76
CA ASP H 162 46.45 -16.43 11.49
C ASP H 162 45.00 -16.72 11.18
N GLY H 163 44.42 -15.96 10.25
CA GLY H 163 43.06 -16.21 9.84
C GLY H 163 42.83 -17.37 8.87
N SER H 164 43.86 -18.14 8.55
CA SER H 164 43.82 -19.12 7.47
C SER H 164 44.46 -20.48 7.79
N ASN H 165 44.52 -20.82 9.07
CA ASN H 165 44.90 -22.16 9.47
C ASN H 165 43.70 -23.01 9.91
N PRO H 166 43.24 -23.94 9.04
CA PRO H 166 42.14 -24.86 9.36
C PRO H 166 42.46 -25.83 10.50
N LYS H 167 43.74 -25.97 10.87
CA LYS H 167 44.12 -26.90 11.94
C LYS H 167 44.27 -26.18 13.27
N VAL H 168 44.37 -24.86 13.22
CA VAL H 168 44.54 -24.02 14.41
C VAL H 168 43.72 -22.72 14.27
N PRO H 169 42.67 -22.58 15.09
CA PRO H 169 41.93 -21.31 15.23
C PRO H 169 42.82 -20.08 15.54
N ALA H 170 42.47 -18.94 14.94
CA ALA H 170 43.11 -17.65 15.23
C ALA H 170 43.39 -17.47 16.70
N TYR H 171 42.39 -17.77 17.53
CA TYR H 171 42.53 -17.67 18.97
C TYR H 171 42.43 -19.04 19.62
N ARG H 172 43.14 -19.26 20.72
CA ARG H 172 43.16 -20.52 21.45
C ARG H 172 43.36 -20.23 22.92
N PRO H 173 42.88 -21.11 23.80
CA PRO H 173 43.18 -20.85 25.20
C PRO H 173 44.54 -21.38 25.65
N ASP H 174 45.11 -22.31 24.89
CA ASP H 174 46.35 -22.97 25.31
C ASP H 174 47.64 -22.46 24.64
N SER H 175 47.53 -21.38 23.87
CA SER H 175 48.67 -20.77 23.20
C SER H 175 49.49 -19.94 24.20
N PHE H 176 50.77 -19.67 23.92
CA PHE H 176 51.51 -18.82 24.83
C PHE H 176 50.65 -17.54 25.05
N PHE H 177 49.95 -17.07 24.01
CA PHE H 177 49.18 -15.84 24.15
C PHE H 177 48.02 -15.92 25.10
N GLY H 178 47.11 -16.85 24.86
CA GLY H 178 45.90 -17.00 25.67
C GLY H 178 46.17 -17.47 27.09
N LYS H 179 47.21 -18.29 27.24
CA LYS H 179 47.57 -18.85 28.52
C LYS H 179 48.52 -17.95 29.31
N TYR H 180 49.37 -17.20 28.62
CA TYR H 180 50.38 -16.40 29.33
C TYR H 180 50.30 -14.89 29.15
N GLU H 181 49.80 -14.42 28.02
CA GLU H 181 49.84 -12.98 27.76
C GLU H 181 48.53 -12.30 28.13
N LEU H 182 47.45 -12.78 27.54
CA LEU H 182 46.12 -12.24 27.81
C LEU H 182 45.75 -12.06 29.30
N PRO H 183 45.86 -13.13 30.15
CA PRO H 183 45.40 -12.98 31.56
C PRO H 183 46.35 -12.14 32.42
N ASN H 184 47.40 -11.62 31.79
CA ASN H 184 48.50 -10.91 32.44
C ASN H 184 48.53 -9.42 32.16
N LEU H 185 47.76 -8.97 31.17
CA LEU H 185 47.62 -7.54 30.91
C LEU H 185 46.99 -6.88 32.12
N THR H 186 47.34 -5.63 32.36
CA THR H 186 46.80 -4.91 33.48
C THR H 186 45.79 -3.88 33.00
N ASN H 187 45.21 -3.18 33.98
CA ASN H 187 44.34 -2.03 33.80
C ASN H 187 45.08 -0.85 33.18
N LYS H 188 46.41 -0.97 33.09
CA LYS H 188 47.22 -0.01 32.38
C LYS H 188 47.01 -0.16 30.88
N VAL H 189 46.42 -1.29 30.46
CA VAL H 189 46.17 -1.56 29.04
C VAL H 189 44.81 -0.97 28.66
N THR H 190 44.70 -0.42 27.44
CA THR H 190 43.52 0.35 27.04
C THR H 190 42.62 -0.40 26.05
N ARG H 191 43.23 -1.04 25.06
CA ARG H 191 42.49 -1.57 23.94
C ARG H 191 43.27 -2.73 23.38
N VAL H 192 42.56 -3.70 22.79
CA VAL H 192 43.24 -4.79 22.11
C VAL H 192 42.91 -4.69 20.62
N LYS H 193 43.90 -4.43 19.79
CA LYS H 193 43.68 -4.26 18.35
C LYS H 193 44.20 -5.49 17.65
N VAL H 194 43.30 -6.27 17.07
CA VAL H 194 43.65 -7.53 16.46
C VAL H 194 43.81 -7.33 14.98
N ILE H 195 44.77 -8.04 14.41
CA ILE H 195 44.98 -8.02 13.00
C ILE H 195 44.86 -9.45 12.51
N VAL H 196 43.92 -9.72 11.61
CA VAL H 196 43.73 -11.06 11.12
C VAL H 196 44.42 -11.23 9.79
N LEU H 197 45.36 -12.16 9.74
CA LEU H 197 46.05 -12.46 8.52
C LEU H 197 45.27 -13.44 7.66
N HIS H 198 45.00 -13.04 6.42
CA HIS H 198 44.47 -13.97 5.45
C HIS H 198 45.54 -14.17 4.41
N ARG H 199 46.19 -15.32 4.51
CA ARG H 199 47.21 -15.71 3.56
C ARG H 199 46.69 -15.65 2.14
N LEU H 200 47.59 -15.26 1.23
CA LEU H 200 47.24 -15.18 -0.17
C LEU H 200 47.04 -16.56 -0.79
N GLY H 201 46.00 -16.67 -1.61
CA GLY H 201 45.73 -17.90 -2.32
C GLY H 201 44.94 -18.84 -1.44
N GLU H 202 45.29 -18.90 -0.16
CA GLU H 202 44.64 -19.76 0.82
C GLU H 202 43.20 -19.36 1.17
N LYS H 203 42.45 -20.32 1.72
CA LYS H 203 41.04 -20.17 1.97
C LYS H 203 40.84 -19.58 3.35
N ILE H 204 39.89 -18.64 3.45
CA ILE H 204 39.60 -17.92 4.70
C ILE H 204 38.99 -18.81 5.79
N ILE H 205 39.57 -18.83 6.99
CA ILE H 205 39.12 -19.75 8.03
C ILE H 205 38.50 -19.01 9.20
N GLU H 206 39.27 -18.18 9.87
CA GLU H 206 38.71 -17.40 10.94
C GLU H 206 38.35 -16.05 10.39
N LYS H 207 37.13 -15.62 10.70
CA LYS H 207 36.61 -14.36 10.22
C LYS H 207 36.26 -13.49 11.38
N CYS H 208 36.52 -12.22 11.22
CA CYS H 208 36.32 -11.33 12.33
C CYS H 208 34.86 -11.09 12.75
N GLY H 209 34.65 -11.08 14.07
CA GLY H 209 33.31 -11.01 14.65
C GLY H 209 32.69 -12.39 14.70
N ALA H 210 33.53 -13.43 14.57
CA ALA H 210 33.05 -14.81 14.59
C ALA H 210 34.09 -15.81 15.14
N GLY H 211 33.64 -17.04 15.36
CA GLY H 211 34.49 -18.18 15.71
C GLY H 211 35.24 -17.99 17.01
N SER H 212 36.53 -18.31 16.96
CA SER H 212 37.45 -18.09 18.09
C SER H 212 37.66 -16.63 18.36
N LEU H 213 37.52 -15.81 17.31
CA LEU H 213 37.64 -14.37 17.47
C LEU H 213 36.45 -13.78 18.24
N LEU H 214 35.25 -14.32 18.02
CA LEU H 214 34.13 -13.88 18.83
C LEU H 214 34.45 -14.16 20.29
N ASP H 215 34.90 -15.39 20.58
CA ASP H 215 35.37 -15.78 21.91
C ASP H 215 36.32 -14.77 22.55
N LEU H 216 37.23 -14.24 21.74
CA LEU H 216 38.22 -13.31 22.26
C LEU H 216 37.59 -11.98 22.58
N GLU H 217 36.65 -11.56 21.73
CA GLU H 217 35.90 -10.33 21.95
C GLU H 217 35.03 -10.42 23.21
N LYS H 218 34.72 -11.63 23.66
CA LYS H 218 34.01 -11.80 24.92
C LYS H 218 35.00 -11.60 26.07
N LEU H 219 36.13 -12.30 26.00
CA LEU H 219 37.09 -12.31 27.11
C LEU H 219 37.73 -10.94 27.29
N VAL H 220 37.97 -10.24 26.17
CA VAL H 220 38.59 -8.92 26.16
C VAL H 220 37.70 -7.88 26.79
N LYS H 221 36.45 -7.83 26.32
CA LYS H 221 35.45 -6.94 26.87
C LYS H 221 35.20 -7.20 28.36
N ALA H 222 35.35 -8.46 28.76
CA ALA H 222 35.18 -8.86 30.16
C ALA H 222 36.28 -8.28 31.06
N LYS H 223 37.49 -8.15 30.51
CA LYS H 223 38.62 -7.58 31.21
C LYS H 223 38.43 -6.06 31.27
N HIS H 224 37.27 -5.62 30.75
CA HIS H 224 36.88 -4.19 30.67
C HIS H 224 37.49 -3.42 29.50
N PHE H 225 38.44 -4.03 28.78
CA PHE H 225 39.16 -3.35 27.69
C PHE H 225 38.27 -3.01 26.49
N ALA H 226 38.70 -2.02 25.72
CA ALA H 226 38.14 -1.82 24.39
C ALA H 226 38.71 -2.90 23.47
N PHE H 227 38.06 -3.07 22.31
CA PHE H 227 38.40 -4.11 21.38
C PHE H 227 38.03 -3.73 19.95
N ASP H 228 38.99 -3.89 19.04
CA ASP H 228 38.74 -3.82 17.60
C ASP H 228 39.49 -4.90 16.79
N CYS H 229 39.17 -4.95 15.50
CA CYS H 229 39.63 -6.02 14.65
C CYS H 229 39.54 -5.64 13.18
N VAL H 230 40.54 -6.06 12.43
CA VAL H 230 40.50 -5.89 11.00
C VAL H 230 41.19 -7.11 10.37
N GLU H 231 40.74 -7.47 9.17
CA GLU H 231 41.35 -8.53 8.41
C GLU H 231 42.13 -7.90 7.28
N ASN H 232 43.36 -8.36 7.12
CA ASN H 232 44.25 -7.93 6.04
C ASN H 232 44.25 -6.40 5.79
N PRO H 233 44.90 -5.64 6.66
CA PRO H 233 44.91 -4.21 6.36
C PRO H 233 45.95 -3.94 5.27
N ARG H 234 45.69 -2.90 4.47
CA ARG H 234 46.46 -2.66 3.26
C ARG H 234 47.97 -2.71 3.56
N ALA H 235 48.38 -2.03 4.64
CA ALA H 235 49.77 -2.03 5.07
C ALA H 235 50.31 -3.44 5.26
N VAL H 236 49.47 -4.35 5.77
CA VAL H 236 49.86 -5.73 5.94
C VAL H 236 49.75 -6.44 4.60
N LEU H 237 48.64 -6.24 3.91
CA LEU H 237 48.47 -6.85 2.60
C LEU H 237 49.70 -6.62 1.76
N PHE H 238 50.20 -5.39 1.73
CA PHE H 238 51.30 -5.11 0.84
C PHE H 238 52.57 -5.91 1.15
N LEU H 239 52.82 -6.22 2.43
CA LEU H 239 53.94 -7.12 2.77
C LEU H 239 53.70 -8.51 2.22
N LEU H 240 52.44 -8.91 2.26
CA LEU H 240 52.07 -10.22 1.77
C LEU H 240 52.33 -10.29 0.31
N CYS H 241 51.80 -9.30 -0.41
CA CYS H 241 51.85 -9.28 -1.86
C CYS H 241 53.21 -9.06 -2.48
N SER H 242 54.14 -8.50 -1.70
CA SER H 242 55.56 -8.36 -2.05
C SER H 242 56.36 -9.66 -2.02
N ASP H 243 55.74 -10.76 -1.60
CA ASP H 243 56.35 -12.09 -1.70
C ASP H 243 55.59 -12.99 -2.68
N ASN H 244 54.31 -12.70 -2.85
CA ASN H 244 53.54 -13.38 -3.86
C ASN H 244 52.78 -12.31 -4.67
N PRO H 245 53.51 -11.56 -5.52
CA PRO H 245 53.00 -10.42 -6.27
C PRO H 245 52.02 -10.82 -7.36
N ASN H 246 51.92 -12.12 -7.63
CA ASN H 246 50.98 -12.59 -8.64
C ASN H 246 49.61 -12.95 -8.08
N ALA H 247 49.51 -13.05 -6.75
CA ALA H 247 48.24 -13.38 -6.11
C ALA H 247 47.10 -12.47 -6.59
N ARG H 248 45.93 -13.06 -6.82
CA ARG H 248 44.82 -12.36 -7.44
C ARG H 248 44.34 -11.24 -6.51
N GLU H 249 44.34 -11.52 -5.21
CA GLU H 249 43.96 -10.54 -4.20
C GLU H 249 44.78 -9.31 -4.41
N CYS H 250 45.40 -9.22 -5.58
CA CYS H 250 46.47 -8.27 -5.79
C CYS H 250 46.62 -7.65 -7.16
N ARG H 251 45.68 -7.90 -8.06
CA ARG H 251 45.64 -7.09 -9.27
C ARG H 251 45.76 -5.66 -8.74
N LEU H 252 46.72 -4.91 -9.28
CA LEU H 252 46.73 -3.46 -9.15
C LEU H 252 45.80 -2.91 -10.20
N ALA H 253 44.85 -2.07 -9.78
CA ALA H 253 43.91 -1.45 -10.74
C ALA H 253 44.65 -0.56 -11.71
N LYS H 254 45.77 -0.18 -11.40
#